data_7LJF
#
_entry.id   7LJF
#
_cell.length_a   1.00
_cell.length_b   1.00
_cell.length_c   1.00
_cell.angle_alpha   90.00
_cell.angle_beta   90.00
_cell.angle_gamma   90.00
#
_symmetry.space_group_name_H-M   'P 1'
#
loop_
_entity.id
_entity.type
_entity.pdbx_description
1 polymer 'AAA ATPase forming ring-shaped complexes'
2 non-polymer 'MAGNESIUM ION'
3 non-polymer "ADENOSINE-5'-TRIPHOSPHATE"
4 non-polymer "ADENOSINE-5'-DIPHOSPHATE"
#
_entity_poly.entity_id   1
_entity_poly.type   'polypeptide(L)'
_entity_poly.pdbx_seq_one_letter_code
;MGESERSEAFGIPRDSPLSSGDAAELEQLRREAAVLREQLENAVGSHAPTRSARDIHQLEARIDSLAARNSKLMETLKEA
RQQLLALREEVDRLGQPPSGYGVLLATHDDDTVDVFTSGRKMRLTCSPNIDAASLKKGQTVRLNEALTVVEAGTFEAVGE
ISTLREILADGHRALVVGHADEERVVWLADPLIAEDLPDGLPEALNDDTRPRKLRPGDSLLVDTKAGYAFERIPKAEVED
LVLEEVPDVSYADIGGLSRQIEQIRDAVELPFLHKELYREYSLRPPKGVLLYGPPGCGKTLIAKAVANSLAKKMAEVRGD
DAHEAKSYFLNIKGPELLNKFVGETERHIRLIFQRAREKASEGTPVIVFFDEMDSIFRTRGTGVSSDVETTVVPQLLSEI
DGVEGLENVIVIGASNREDMIDPAILRPGRLDVKIKIERPDAEAAQDIYSKYLTEFLPVHADDLAEFDGDRSACIKAMIE
KVVDRMYAEIDDNRFLEVTYANGDKEVMYFKDFNSGAMIQNVVDRAKKNAIKSVLETGQPGLRIQHLLDSIVDEFAENED
LPNTTNPDDWARISGKKGERIVYIRTLVTGKSSSASRAIDT
;
_entity_poly.pdbx_strand_id   A,B,C,D,E,F
#
# COMPACT_ATOMS: atom_id res chain seq x y z
N PRO A 97 36.98 -43.07 14.53
CA PRO A 97 37.96 -42.05 14.16
C PRO A 97 37.33 -40.68 13.96
N PRO A 98 38.12 -39.61 14.13
CA PRO A 98 37.58 -38.26 13.89
C PRO A 98 37.37 -38.00 12.41
N SER A 99 36.10 -37.96 11.98
CA SER A 99 35.75 -37.82 10.58
C SER A 99 34.84 -36.61 10.39
N GLY A 100 35.08 -35.87 9.31
CA GLY A 100 34.26 -34.71 9.00
C GLY A 100 33.02 -35.08 8.22
N TYR A 101 32.33 -34.04 7.75
CA TYR A 101 31.10 -34.20 7.00
C TYR A 101 30.94 -33.04 6.02
N GLY A 102 30.71 -33.35 4.76
CA GLY A 102 30.46 -32.36 3.74
C GLY A 102 29.23 -32.72 2.91
N VAL A 103 28.97 -31.90 1.90
CA VAL A 103 27.84 -32.14 1.00
C VAL A 103 28.36 -32.13 -0.43
N LEU A 104 27.95 -33.12 -1.21
CA LEU A 104 28.40 -33.23 -2.59
C LEU A 104 27.68 -32.21 -3.47
N LEU A 105 28.44 -31.59 -4.38
CA LEU A 105 27.89 -30.64 -5.35
C LEU A 105 27.68 -31.31 -6.70
N ALA A 106 28.75 -31.87 -7.27
CA ALA A 106 28.67 -32.57 -8.54
C ALA A 106 29.87 -33.50 -8.67
N THR A 107 29.73 -34.50 -9.54
CA THR A 107 30.78 -35.46 -9.77
C THR A 107 31.60 -35.07 -11.00
N HIS A 108 32.63 -35.86 -11.29
CA HIS A 108 33.51 -35.61 -12.42
C HIS A 108 33.99 -36.94 -12.99
N ASP A 109 34.36 -36.91 -14.27
CA ASP A 109 34.81 -38.12 -14.95
C ASP A 109 36.10 -38.66 -14.34
N ASP A 110 36.93 -37.79 -13.74
CA ASP A 110 38.19 -38.17 -13.14
C ASP A 110 38.03 -38.83 -11.78
N ASP A 111 36.82 -39.27 -11.44
CA ASP A 111 36.51 -39.83 -10.12
C ASP A 111 36.82 -38.84 -9.00
N THR A 112 36.63 -37.55 -9.28
CA THR A 112 36.81 -36.49 -8.30
C THR A 112 35.46 -35.84 -8.02
N VAL A 113 35.21 -35.52 -6.77
CA VAL A 113 33.92 -35.00 -6.31
C VAL A 113 34.13 -33.63 -5.69
N ASP A 114 33.31 -32.67 -6.12
CA ASP A 114 33.26 -31.38 -5.46
C ASP A 114 32.40 -31.48 -4.21
N VAL A 115 32.91 -30.99 -3.10
CA VAL A 115 32.21 -31.10 -1.82
C VAL A 115 32.35 -29.79 -1.06
N PHE A 116 31.25 -29.35 -0.47
CA PHE A 116 31.26 -28.22 0.44
C PHE A 116 31.50 -28.75 1.86
N THR A 117 32.54 -28.23 2.50
CA THR A 117 32.96 -28.69 3.82
C THR A 117 33.69 -27.55 4.51
N SER A 118 33.57 -27.50 5.84
CA SER A 118 34.22 -26.48 6.66
C SER A 118 33.85 -25.07 6.21
N GLY A 119 32.65 -24.93 5.65
CA GLY A 119 32.19 -23.64 5.18
C GLY A 119 32.78 -23.17 3.87
N ARG A 120 33.53 -24.01 3.17
CA ARG A 120 34.10 -23.62 1.89
C ARG A 120 34.08 -24.81 0.93
N LYS A 121 34.29 -24.51 -0.35
CA LYS A 121 34.23 -25.51 -1.40
C LYS A 121 35.59 -26.16 -1.59
N MET A 122 35.60 -27.47 -1.85
CA MET A 122 36.82 -28.21 -2.10
C MET A 122 36.54 -29.28 -3.13
N ARG A 123 37.61 -29.89 -3.65
CA ARG A 123 37.52 -31.02 -4.55
C ARG A 123 38.34 -32.16 -3.98
N LEU A 124 37.73 -33.33 -3.85
CA LEU A 124 38.32 -34.47 -3.18
C LEU A 124 38.19 -35.72 -4.05
N THR A 125 38.72 -36.83 -3.56
CA THR A 125 38.71 -38.10 -4.27
C THR A 125 37.97 -39.14 -3.44
N CYS A 126 36.97 -39.77 -4.04
CA CYS A 126 36.21 -40.80 -3.35
C CYS A 126 37.04 -42.08 -3.22
N SER A 127 36.60 -42.94 -2.32
CA SER A 127 37.27 -44.22 -2.14
C SER A 127 37.01 -45.13 -3.33
N PRO A 128 37.94 -46.03 -3.66
CA PRO A 128 37.67 -47.02 -4.72
C PRO A 128 36.53 -47.95 -4.38
N ASN A 129 36.17 -48.08 -3.10
CA ASN A 129 35.07 -48.94 -2.68
C ASN A 129 33.70 -48.44 -3.14
N ILE A 130 33.61 -47.21 -3.61
CA ILE A 130 32.33 -46.62 -4.00
C ILE A 130 32.43 -46.09 -5.42
N ASP A 131 31.28 -46.00 -6.07
CA ASP A 131 31.19 -45.54 -7.45
C ASP A 131 30.76 -44.07 -7.48
N ALA A 132 31.45 -43.28 -8.30
CA ALA A 132 31.16 -41.85 -8.36
C ALA A 132 29.74 -41.59 -8.83
N ALA A 133 29.29 -42.31 -9.86
CA ALA A 133 27.92 -42.14 -10.33
C ALA A 133 26.90 -42.58 -9.27
N SER A 134 27.29 -43.51 -8.39
CA SER A 134 26.40 -43.92 -7.31
C SER A 134 26.13 -42.78 -6.35
N LEU A 135 27.04 -41.81 -6.25
CA LEU A 135 26.77 -40.62 -5.47
C LEU A 135 25.65 -39.82 -6.11
N LYS A 136 24.77 -39.29 -5.29
CA LYS A 136 23.65 -38.48 -5.75
C LYS A 136 23.96 -37.01 -5.57
N LYS A 137 23.62 -36.20 -6.57
CA LYS A 137 23.90 -34.77 -6.52
C LYS A 137 23.19 -34.14 -5.32
N GLY A 138 23.93 -33.28 -4.62
CA GLY A 138 23.39 -32.63 -3.43
C GLY A 138 23.12 -33.56 -2.27
N GLN A 139 24.06 -34.46 -1.98
CA GLN A 139 23.90 -35.46 -0.93
C GLN A 139 25.02 -35.34 0.08
N THR A 140 24.68 -35.54 1.35
CA THR A 140 25.68 -35.50 2.41
C THR A 140 26.65 -36.67 2.28
N VAL A 141 27.83 -36.49 2.86
CA VAL A 141 28.91 -37.47 2.74
C VAL A 141 29.84 -37.26 3.92
N ARG A 142 30.46 -38.34 4.39
CA ARG A 142 31.45 -38.25 5.46
C ARG A 142 32.86 -38.37 4.89
N LEU A 143 33.83 -37.95 5.69
CA LEU A 143 35.21 -37.87 5.24
C LEU A 143 36.14 -38.61 6.19
N ASN A 144 37.44 -38.38 6.04
CA ASN A 144 38.43 -38.82 7.01
C ASN A 144 39.41 -37.68 7.24
N GLU A 145 40.19 -37.78 8.31
CA GLU A 145 41.15 -36.72 8.62
C GLU A 145 42.17 -36.54 7.50
N ALA A 146 42.37 -37.56 6.66
CA ALA A 146 43.18 -37.44 5.47
C ALA A 146 42.47 -36.71 4.34
N LEU A 147 41.27 -36.18 4.60
CA LEU A 147 40.47 -35.47 3.60
C LEU A 147 40.21 -36.36 2.39
N THR A 148 39.49 -37.45 2.64
CA THR A 148 39.14 -38.40 1.60
C THR A 148 37.76 -38.97 1.86
N VAL A 149 36.94 -39.03 0.82
CA VAL A 149 35.59 -39.58 0.93
C VAL A 149 35.68 -41.09 1.12
N VAL A 150 34.95 -41.59 2.11
CA VAL A 150 34.86 -43.03 2.36
C VAL A 150 33.50 -43.58 1.96
N GLU A 151 32.43 -42.83 2.20
CA GLU A 151 31.08 -43.22 1.79
C GLU A 151 30.15 -42.04 2.04
N ALA A 152 28.97 -42.10 1.42
CA ALA A 152 27.97 -41.05 1.54
C ALA A 152 26.66 -41.66 2.01
N GLY A 153 25.87 -40.86 2.73
CA GLY A 153 24.62 -41.34 3.29
C GLY A 153 23.40 -40.67 2.69
N THR A 154 22.43 -40.34 3.53
CA THR A 154 21.20 -39.73 3.08
C THR A 154 21.38 -38.21 2.97
N PHE A 155 20.29 -37.48 2.77
CA PHE A 155 20.31 -36.05 2.64
C PHE A 155 20.03 -35.39 3.98
N GLU A 156 20.68 -34.26 4.24
CA GLU A 156 20.49 -33.56 5.50
C GLU A 156 19.02 -33.19 5.67
N ALA A 157 18.50 -33.39 6.89
CA ALA A 157 17.08 -33.26 7.15
C ALA A 157 16.72 -32.00 7.92
N VAL A 158 17.70 -31.16 8.28
CA VAL A 158 17.45 -29.94 9.03
C VAL A 158 18.33 -28.83 8.48
N GLY A 159 18.05 -27.61 8.91
CA GLY A 159 18.79 -26.44 8.47
C GLY A 159 17.90 -25.26 8.16
N GLU A 160 18.34 -24.39 7.26
CA GLU A 160 17.53 -23.24 6.90
C GLU A 160 16.40 -23.69 5.98
N ILE A 161 15.33 -22.91 5.88
CA ILE A 161 14.31 -23.16 4.89
C ILE A 161 13.88 -21.84 4.26
N SER A 162 13.85 -21.82 2.92
CA SER A 162 13.47 -20.65 2.14
C SER A 162 12.16 -20.95 1.41
N THR A 163 11.66 -19.94 0.70
CA THR A 163 10.42 -20.06 -0.05
C THR A 163 10.73 -20.14 -1.53
N LEU A 164 10.18 -21.14 -2.20
CA LEU A 164 10.40 -21.34 -3.62
C LEU A 164 9.67 -20.27 -4.42
N ARG A 165 10.43 -19.51 -5.22
CA ARG A 165 9.84 -18.54 -6.13
C ARG A 165 9.71 -19.09 -7.55
N GLU A 166 10.78 -19.67 -8.09
CA GLU A 166 10.69 -20.22 -9.44
C GLU A 166 11.80 -21.23 -9.65
N ILE A 167 11.64 -22.04 -10.70
CA ILE A 167 12.64 -23.03 -11.11
C ILE A 167 13.32 -22.55 -12.38
N LEU A 168 14.64 -22.53 -12.38
CA LEU A 168 15.39 -21.96 -13.49
C LEU A 168 15.25 -22.83 -14.74
N ALA A 169 15.88 -22.37 -15.83
CA ALA A 169 15.64 -22.96 -17.14
C ALA A 169 16.09 -24.41 -17.20
N ASP A 170 17.33 -24.69 -16.80
CA ASP A 170 17.88 -26.03 -17.00
C ASP A 170 17.29 -27.05 -16.02
N GLY A 171 16.65 -26.60 -14.94
CA GLY A 171 16.07 -27.49 -13.98
C GLY A 171 16.98 -27.91 -12.84
N HIS A 172 18.27 -27.61 -12.92
CA HIS A 172 19.20 -27.90 -11.85
C HIS A 172 19.43 -26.71 -10.93
N ARG A 173 18.74 -25.60 -11.17
CA ARG A 173 18.86 -24.41 -10.34
C ARG A 173 17.47 -23.86 -10.05
N ALA A 174 17.32 -23.26 -8.88
CA ALA A 174 16.07 -22.68 -8.44
C ALA A 174 16.32 -21.32 -7.80
N LEU A 175 15.35 -20.42 -7.96
CA LEU A 175 15.44 -19.06 -7.45
C LEU A 175 14.43 -18.94 -6.32
N VAL A 176 14.91 -18.73 -5.09
CA VAL A 176 14.08 -18.84 -3.90
C VAL A 176 14.30 -17.62 -3.01
N VAL A 177 13.20 -17.11 -2.45
CA VAL A 177 13.23 -15.92 -1.60
C VAL A 177 13.46 -16.35 -0.16
N GLY A 178 14.31 -15.61 0.55
CA GLY A 178 14.71 -15.96 1.90
C GLY A 178 13.70 -15.50 2.94
N HIS A 179 14.12 -15.66 4.21
CA HIS A 179 13.25 -15.35 5.34
C HIS A 179 12.90 -13.87 5.38
N ALA A 180 13.89 -13.00 5.20
CA ALA A 180 13.73 -11.55 5.30
C ALA A 180 13.70 -10.89 3.93
N ASP A 181 13.07 -11.55 2.96
CA ASP A 181 13.17 -11.19 1.54
C ASP A 181 14.64 -11.16 1.14
N GLU A 182 15.30 -12.29 1.35
CA GLU A 182 16.72 -12.47 1.08
C GLU A 182 16.83 -13.50 -0.04
N GLU A 183 16.72 -13.03 -1.27
CA GLU A 183 16.59 -13.92 -2.41
C GLU A 183 17.95 -14.49 -2.79
N ARG A 184 17.96 -15.79 -3.10
CA ARG A 184 19.17 -16.49 -3.49
C ARG A 184 18.81 -17.58 -4.49
N VAL A 185 19.77 -17.93 -5.33
CA VAL A 185 19.63 -19.04 -6.27
C VAL A 185 20.47 -20.20 -5.77
N VAL A 186 19.88 -21.39 -5.77
CA VAL A 186 20.52 -22.59 -5.25
C VAL A 186 20.40 -23.69 -6.29
N TRP A 187 21.10 -24.80 -6.04
CA TRP A 187 20.95 -25.99 -6.86
C TRP A 187 19.73 -26.77 -6.37
N LEU A 188 19.53 -27.96 -6.90
CA LEU A 188 18.42 -28.82 -6.50
C LEU A 188 18.96 -30.11 -5.89
N ALA A 189 18.04 -31.02 -5.59
CA ALA A 189 18.39 -32.33 -5.05
C ALA A 189 17.89 -33.41 -6.00
N ASP A 190 18.65 -34.51 -6.06
CA ASP A 190 18.28 -35.61 -6.94
C ASP A 190 16.88 -36.15 -6.67
N PRO A 191 16.44 -36.39 -5.43
CA PRO A 191 15.03 -36.78 -5.24
C PRO A 191 14.05 -35.72 -5.72
N LEU A 192 14.42 -34.45 -5.63
CA LEU A 192 13.55 -33.38 -6.12
C LEU A 192 13.52 -33.32 -7.65
N ILE A 193 14.43 -33.99 -8.33
CA ILE A 193 14.44 -34.02 -9.79
C ILE A 193 14.52 -35.46 -10.27
N PRO A 211 5.10 -37.59 -10.56
CA PRO A 211 4.53 -37.69 -9.23
C PRO A 211 4.52 -36.36 -8.48
N ARG A 212 5.09 -36.34 -7.28
CA ARG A 212 5.16 -35.12 -6.47
C ARG A 212 6.26 -34.24 -7.02
N LYS A 213 5.95 -33.54 -8.11
CA LYS A 213 6.92 -32.68 -8.79
C LYS A 213 7.04 -31.35 -8.04
N LEU A 214 7.81 -30.43 -8.60
CA LEU A 214 7.99 -29.11 -8.02
C LEU A 214 6.89 -28.17 -8.50
N ARG A 215 6.33 -27.40 -7.57
CA ARG A 215 5.30 -26.42 -7.86
C ARG A 215 5.71 -25.09 -7.28
N PRO A 216 5.74 -24.01 -8.07
CA PRO A 216 6.15 -22.71 -7.53
C PRO A 216 5.24 -22.26 -6.40
N GLY A 217 5.85 -21.61 -5.41
CA GLY A 217 5.15 -21.18 -4.22
C GLY A 217 5.35 -22.07 -3.01
N ASP A 218 6.18 -23.10 -3.11
CA ASP A 218 6.43 -24.02 -2.00
C ASP A 218 7.60 -23.52 -1.16
N SER A 219 8.06 -24.36 -0.25
CA SER A 219 9.20 -24.05 0.61
C SER A 219 10.24 -25.15 0.45
N LEU A 220 11.52 -24.78 0.58
CA LEU A 220 12.63 -25.68 0.35
C LEU A 220 13.61 -25.64 1.52
N LEU A 221 13.97 -26.82 2.02
CA LEU A 221 15.00 -26.97 3.04
C LEU A 221 16.37 -26.76 2.39
N VAL A 222 17.04 -25.67 2.76
CA VAL A 222 18.29 -25.27 2.13
C VAL A 222 19.32 -24.92 3.21
N ASP A 223 20.57 -24.93 2.78
CA ASP A 223 21.68 -24.36 3.55
C ASP A 223 22.22 -23.18 2.76
N THR A 224 22.28 -22.01 3.39
CA THR A 224 22.66 -20.80 2.67
C THR A 224 24.08 -20.90 2.12
N LYS A 225 25.01 -21.38 2.94
CA LYS A 225 26.41 -21.44 2.51
C LYS A 225 26.59 -22.41 1.36
N ALA A 226 26.04 -23.63 1.49
CA ALA A 226 26.20 -24.62 0.44
C ALA A 226 25.32 -24.32 -0.77
N GLY A 227 24.16 -23.71 -0.54
CA GLY A 227 23.25 -23.40 -1.62
C GLY A 227 22.69 -24.63 -2.30
N TYR A 228 22.23 -25.60 -1.51
CA TYR A 228 21.66 -26.83 -2.05
C TYR A 228 20.37 -27.16 -1.31
N ALA A 229 19.25 -27.10 -2.01
CA ALA A 229 17.98 -27.52 -1.43
C ALA A 229 17.98 -29.03 -1.23
N PHE A 230 17.27 -29.48 -0.18
CA PHE A 230 17.24 -30.89 0.16
C PHE A 230 15.83 -31.48 0.11
N GLU A 231 14.84 -30.78 0.65
CA GLU A 231 13.49 -31.34 0.74
C GLU A 231 12.46 -30.23 0.55
N ARG A 232 11.24 -30.66 0.23
CA ARG A 232 10.07 -29.79 0.19
C ARG A 232 9.12 -30.29 1.27
N ILE A 233 9.08 -29.60 2.41
CA ILE A 233 8.23 -30.04 3.51
C ILE A 233 6.77 -29.75 3.17
N PRO A 234 5.83 -30.58 3.62
CA PRO A 234 4.42 -30.25 3.44
C PRO A 234 3.90 -29.38 4.57
N LYS A 235 3.08 -28.40 4.19
CA LYS A 235 2.45 -27.49 5.13
C LYS A 235 0.95 -27.41 4.83
N ALA A 236 0.17 -27.19 5.88
CA ALA A 236 -1.28 -27.17 5.78
C ALA A 236 -1.82 -25.82 6.26
N GLU A 237 -2.95 -25.42 5.69
CA GLU A 237 -3.62 -24.18 6.06
C GLU A 237 -5.08 -24.50 6.35
N VAL A 238 -5.59 -23.95 7.46
CA VAL A 238 -6.98 -24.19 7.83
C VAL A 238 -7.91 -23.50 6.84
N GLU A 239 -9.06 -24.11 6.60
CA GLU A 239 -10.05 -23.52 5.71
C GLU A 239 -10.71 -22.32 6.39
N ASP A 240 -11.17 -21.37 5.58
CA ASP A 240 -11.60 -20.07 6.10
C ASP A 240 -12.95 -20.11 6.80
N LEU A 241 -13.69 -21.22 6.67
CA LEU A 241 -14.92 -21.52 7.41
C LEU A 241 -16.04 -20.51 7.15
N VAL A 242 -15.82 -19.51 6.30
CA VAL A 242 -16.91 -18.63 5.87
C VAL A 242 -17.68 -19.38 4.78
N LEU A 243 -18.76 -20.04 5.18
CA LEU A 243 -19.45 -20.98 4.32
C LEU A 243 -20.95 -20.80 4.51
N GLU A 244 -21.69 -21.82 4.11
CA GLU A 244 -23.14 -21.76 4.08
C GLU A 244 -23.72 -21.58 5.48
N GLU A 245 -24.78 -20.80 5.57
CA GLU A 245 -25.55 -20.65 6.79
C GLU A 245 -27.02 -20.81 6.44
N VAL A 246 -27.76 -21.51 7.30
CA VAL A 246 -29.17 -21.76 7.05
C VAL A 246 -29.89 -20.42 7.09
N PRO A 247 -30.60 -20.05 6.02
CA PRO A 247 -31.28 -18.75 6.02
C PRO A 247 -32.51 -18.78 6.91
N ASP A 248 -32.41 -18.13 8.08
CA ASP A 248 -33.49 -18.19 9.05
C ASP A 248 -34.67 -17.31 8.64
N VAL A 249 -34.39 -16.10 8.15
CA VAL A 249 -35.46 -15.16 7.83
C VAL A 249 -36.14 -15.60 6.54
N SER A 250 -37.48 -15.56 6.55
CA SER A 250 -38.29 -15.90 5.39
C SER A 250 -39.07 -14.67 4.93
N TYR A 251 -39.64 -14.78 3.73
CA TYR A 251 -40.41 -13.68 3.15
C TYR A 251 -41.47 -13.16 4.11
N ALA A 252 -42.13 -14.06 4.83
CA ALA A 252 -43.15 -13.67 5.79
C ALA A 252 -42.59 -12.99 7.03
N ASP A 253 -41.29 -12.69 7.08
CA ASP A 253 -40.70 -11.99 8.21
C ASP A 253 -40.26 -10.57 7.85
N ILE A 254 -40.59 -10.10 6.65
CA ILE A 254 -40.33 -8.73 6.24
C ILE A 254 -41.64 -8.10 5.82
N GLY A 255 -41.90 -6.89 6.32
CA GLY A 255 -43.15 -6.19 6.09
C GLY A 255 -42.96 -4.98 5.19
N GLY A 256 -43.96 -4.71 4.36
CA GLY A 256 -44.02 -3.48 3.59
C GLY A 256 -42.86 -3.27 2.63
N LEU A 257 -42.48 -4.32 1.90
CA LEU A 257 -41.43 -4.20 0.89
C LEU A 257 -41.78 -4.99 -0.36
N SER A 258 -43.08 -5.18 -0.63
CA SER A 258 -43.50 -6.07 -1.70
C SER A 258 -42.93 -5.65 -3.05
N ARG A 259 -42.74 -4.35 -3.27
CA ARG A 259 -42.08 -3.90 -4.49
C ARG A 259 -40.67 -4.48 -4.58
N GLN A 260 -39.87 -4.29 -3.52
CA GLN A 260 -38.51 -4.82 -3.54
C GLN A 260 -38.49 -6.34 -3.47
N ILE A 261 -39.46 -6.94 -2.77
CA ILE A 261 -39.58 -8.39 -2.79
C ILE A 261 -39.73 -8.89 -4.22
N GLU A 262 -40.65 -8.30 -4.97
CA GLU A 262 -40.88 -8.72 -6.34
C GLU A 262 -39.68 -8.42 -7.22
N GLN A 263 -39.02 -7.28 -7.01
CA GLN A 263 -37.86 -6.94 -7.82
C GLN A 263 -36.74 -7.95 -7.62
N ILE A 264 -36.43 -8.29 -6.36
CA ILE A 264 -35.36 -9.24 -6.11
C ILE A 264 -35.75 -10.63 -6.59
N ARG A 265 -37.02 -11.00 -6.44
CA ARG A 265 -37.48 -12.29 -6.94
C ARG A 265 -37.32 -12.36 -8.45
N ASP A 266 -37.64 -11.28 -9.16
CA ASP A 266 -37.44 -11.24 -10.60
C ASP A 266 -35.97 -11.37 -10.96
N ALA A 267 -35.10 -10.67 -10.22
CA ALA A 267 -33.69 -10.64 -10.57
C ALA A 267 -32.96 -11.93 -10.22
N VAL A 268 -33.43 -12.69 -9.23
CA VAL A 268 -32.69 -13.83 -8.68
C VAL A 268 -33.53 -15.10 -8.69
N GLU A 269 -34.74 -15.04 -8.14
CA GLU A 269 -35.54 -16.25 -7.96
C GLU A 269 -35.94 -16.87 -9.28
N LEU A 270 -36.40 -16.06 -10.23
CA LEU A 270 -36.93 -16.61 -11.49
C LEU A 270 -35.90 -17.37 -12.33
N PRO A 271 -34.66 -16.87 -12.56
CA PRO A 271 -33.77 -17.53 -13.52
C PRO A 271 -33.62 -19.04 -13.35
N PHE A 272 -33.20 -19.48 -12.16
CA PHE A 272 -32.89 -20.91 -11.98
C PHE A 272 -34.14 -21.78 -12.03
N LEU A 273 -35.29 -21.24 -11.63
CA LEU A 273 -36.52 -22.00 -11.79
C LEU A 273 -36.86 -22.21 -13.25
N HIS A 274 -36.37 -21.33 -14.12
CA HIS A 274 -36.71 -21.36 -15.55
C HIS A 274 -35.46 -21.14 -16.39
N LYS A 275 -34.39 -21.89 -16.09
CA LYS A 275 -33.11 -21.70 -16.75
C LYS A 275 -33.24 -21.71 -18.27
N GLU A 276 -33.97 -22.68 -18.81
CA GLU A 276 -34.12 -22.78 -20.26
C GLU A 276 -35.06 -21.72 -20.82
N LEU A 277 -35.91 -21.12 -19.98
CA LEU A 277 -36.84 -20.12 -20.47
C LEU A 277 -36.12 -18.86 -20.93
N TYR A 278 -35.06 -18.47 -20.24
CA TYR A 278 -34.25 -17.34 -20.71
C TYR A 278 -33.64 -17.65 -22.08
N ARG A 279 -33.10 -18.85 -22.25
CA ARG A 279 -32.56 -19.23 -23.55
C ARG A 279 -33.65 -19.26 -24.61
N GLU A 280 -34.89 -19.52 -24.21
CA GLU A 280 -36.00 -19.45 -25.17
C GLU A 280 -36.18 -18.04 -25.70
N TYR A 281 -36.00 -17.03 -24.84
CA TYR A 281 -36.14 -15.64 -25.24
C TYR A 281 -34.82 -14.91 -25.33
N SER A 282 -33.70 -15.63 -25.24
CA SER A 282 -32.36 -15.06 -25.42
C SER A 282 -32.11 -13.89 -24.48
N LEU A 283 -32.57 -14.01 -23.24
CA LEU A 283 -32.33 -13.01 -22.21
C LEU A 283 -31.15 -13.43 -21.37
N ARG A 284 -30.08 -12.63 -21.40
CA ARG A 284 -28.93 -12.90 -20.55
C ARG A 284 -29.29 -12.54 -19.11
N PRO A 285 -29.27 -13.48 -18.18
CA PRO A 285 -29.67 -13.19 -16.81
C PRO A 285 -28.68 -12.24 -16.16
N PRO A 286 -29.17 -11.20 -15.48
CA PRO A 286 -28.26 -10.33 -14.72
C PRO A 286 -27.62 -11.09 -13.57
N LYS A 287 -26.40 -10.69 -13.24
CA LYS A 287 -25.64 -11.34 -12.18
C LYS A 287 -25.46 -10.44 -10.97
N GLY A 288 -24.92 -9.25 -11.16
CA GLY A 288 -24.76 -8.33 -10.05
C GLY A 288 -26.04 -7.60 -9.67
N VAL A 289 -26.58 -7.91 -8.50
CA VAL A 289 -27.75 -7.22 -7.96
C VAL A 289 -27.28 -6.45 -6.73
N LEU A 290 -27.32 -5.12 -6.80
CA LEU A 290 -26.83 -4.28 -5.72
C LEU A 290 -27.99 -3.67 -4.94
N LEU A 291 -27.89 -3.72 -3.62
CA LEU A 291 -28.85 -3.10 -2.72
C LEU A 291 -28.21 -1.87 -2.08
N TYR A 292 -29.06 -1.00 -1.53
CA TYR A 292 -28.60 0.14 -0.76
C TYR A 292 -29.80 0.77 -0.07
N GLY A 293 -29.55 1.87 0.63
CA GLY A 293 -30.58 2.52 1.41
C GLY A 293 -30.05 2.96 2.76
N PRO A 294 -30.80 3.80 3.46
CA PRO A 294 -30.36 4.30 4.76
C PRO A 294 -30.21 3.15 5.76
N PRO A 295 -29.35 3.31 6.77
CA PRO A 295 -29.11 2.21 7.71
C PRO A 295 -30.37 1.80 8.46
N GLY A 296 -30.42 0.52 8.81
CA GLY A 296 -31.55 -0.01 9.55
C GLY A 296 -32.84 -0.03 8.75
N CYS A 297 -32.80 -0.65 7.57
CA CYS A 297 -33.99 -0.77 6.74
C CYS A 297 -34.37 -2.20 6.39
N GLY A 298 -33.41 -3.11 6.32
CA GLY A 298 -33.74 -4.49 6.05
C GLY A 298 -32.90 -5.14 4.98
N LYS A 299 -31.88 -4.44 4.49
CA LYS A 299 -31.06 -4.96 3.40
C LYS A 299 -30.37 -6.26 3.79
N THR A 300 -29.85 -6.34 5.02
CA THR A 300 -29.18 -7.56 5.45
C THR A 300 -30.13 -8.75 5.48
N LEU A 301 -31.43 -8.51 5.63
CA LEU A 301 -32.39 -9.58 5.79
C LEU A 301 -33.00 -10.04 4.47
N ILE A 302 -33.12 -9.16 3.48
CA ILE A 302 -33.71 -9.55 2.21
C ILE A 302 -32.86 -10.60 1.51
N ALA A 303 -31.54 -10.49 1.61
CA ALA A 303 -30.67 -11.49 1.00
C ALA A 303 -30.90 -12.87 1.62
N LYS A 304 -30.94 -12.94 2.95
CA LYS A 304 -31.20 -14.21 3.61
C LYS A 304 -32.58 -14.73 3.26
N ALA A 305 -33.58 -13.84 3.19
CA ALA A 305 -34.94 -14.26 2.88
C ALA A 305 -35.02 -14.88 1.48
N VAL A 306 -34.39 -14.23 0.50
CA VAL A 306 -34.47 -14.76 -0.85
C VAL A 306 -33.64 -16.04 -0.98
N ALA A 307 -32.53 -16.13 -0.25
CA ALA A 307 -31.79 -17.39 -0.23
C ALA A 307 -32.66 -18.51 0.32
N ASN A 308 -33.39 -18.23 1.42
CA ASN A 308 -34.29 -19.22 1.99
C ASN A 308 -35.40 -19.59 1.00
N SER A 309 -35.94 -18.61 0.31
CA SER A 309 -37.00 -18.87 -0.66
C SER A 309 -36.50 -19.79 -1.77
N LEU A 310 -35.38 -19.44 -2.40
CA LEU A 310 -34.88 -20.24 -3.50
C LEU A 310 -34.45 -21.63 -3.03
N ALA A 311 -33.88 -21.74 -1.82
CA ALA A 311 -33.58 -23.05 -1.26
C ALA A 311 -34.85 -23.88 -1.09
N LYS A 312 -35.89 -23.27 -0.53
CA LYS A 312 -37.17 -23.94 -0.43
C LYS A 312 -37.80 -24.18 -1.80
N LYS A 313 -37.37 -23.43 -2.82
CA LYS A 313 -37.87 -23.60 -4.17
C LYS A 313 -37.21 -24.78 -4.90
N MET A 314 -36.57 -25.69 -4.17
CA MET A 314 -35.93 -26.87 -4.75
C MET A 314 -36.83 -28.10 -4.68
N ALA A 315 -38.13 -27.91 -4.74
CA ALA A 315 -39.08 -29.02 -4.69
C ALA A 315 -39.15 -29.72 -6.05
N LYS A 326 -29.66 -28.06 -1.54
CA LYS A 326 -29.41 -28.04 -2.98
C LYS A 326 -29.20 -26.61 -3.46
N SER A 327 -28.78 -25.75 -2.53
CA SER A 327 -28.46 -24.37 -2.83
C SER A 327 -27.56 -23.84 -1.72
N TYR A 328 -26.78 -22.82 -2.03
CA TYR A 328 -25.72 -22.39 -1.12
C TYR A 328 -25.91 -20.90 -0.80
N PHE A 329 -24.97 -20.37 -0.02
CA PHE A 329 -24.93 -18.96 0.35
C PHE A 329 -23.58 -18.68 0.99
N LEU A 330 -23.00 -17.52 0.69
CA LEU A 330 -21.66 -17.17 1.16
C LEU A 330 -21.70 -15.76 1.73
N ASN A 331 -21.97 -15.63 3.03
CA ASN A 331 -21.95 -14.32 3.66
C ASN A 331 -20.51 -13.81 3.81
N ILE A 332 -20.33 -12.52 3.54
CA ILE A 332 -19.09 -11.81 3.86
C ILE A 332 -19.46 -10.44 4.40
N LYS A 333 -18.77 -10.01 5.44
CA LYS A 333 -19.01 -8.70 6.03
C LYS A 333 -17.82 -7.79 5.80
N GLY A 334 -18.04 -6.50 6.03
CA GLY A 334 -17.03 -5.49 5.81
C GLY A 334 -15.79 -5.56 6.69
N PRO A 335 -15.95 -5.71 8.01
CA PRO A 335 -14.78 -5.69 8.90
C PRO A 335 -13.73 -6.75 8.61
N GLU A 336 -14.12 -8.03 8.58
CA GLU A 336 -13.12 -9.09 8.53
C GLU A 336 -12.27 -9.06 7.26
N LEU A 337 -12.73 -8.41 6.20
CA LEU A 337 -11.91 -8.25 5.02
C LEU A 337 -11.02 -7.03 5.08
N LEU A 338 -11.06 -6.28 6.19
CA LEU A 338 -9.99 -5.36 6.53
C LEU A 338 -8.90 -6.04 7.36
N ASN A 339 -9.06 -7.34 7.63
CA ASN A 339 -8.10 -8.10 8.43
C ASN A 339 -7.48 -9.21 7.59
N GLY A 343 -4.00 -15.52 3.98
CA GLY A 343 -4.42 -14.66 5.08
C GLY A 343 -4.54 -13.20 4.67
N GLU A 344 -4.04 -12.89 3.48
CA GLU A 344 -4.10 -11.54 2.95
C GLU A 344 -5.45 -11.28 2.30
N THR A 345 -5.85 -10.01 2.29
CA THR A 345 -7.19 -9.65 1.81
C THR A 345 -7.41 -10.08 0.37
N GLU A 346 -6.44 -9.79 -0.51
CA GLU A 346 -6.56 -10.20 -1.90
C GLU A 346 -6.61 -11.72 -2.02
N ARG A 347 -5.73 -12.42 -1.30
CA ARG A 347 -5.78 -13.88 -1.29
C ARG A 347 -7.09 -14.38 -0.69
N HIS A 348 -7.63 -13.65 0.29
CA HIS A 348 -8.93 -14.02 0.86
C HIS A 348 -10.03 -13.97 -0.19
N ILE A 349 -10.11 -12.86 -0.91
CA ILE A 349 -11.12 -12.73 -1.96
C ILE A 349 -10.91 -13.79 -3.03
N ARG A 350 -9.64 -14.08 -3.36
CA ARG A 350 -9.34 -15.10 -4.35
C ARG A 350 -9.88 -16.45 -3.91
N LEU A 351 -9.66 -16.81 -2.64
CA LEU A 351 -10.09 -18.13 -2.17
C LEU A 351 -11.61 -18.18 -2.08
N ILE A 352 -12.26 -17.09 -1.66
CA ILE A 352 -13.72 -17.05 -1.69
C ILE A 352 -14.23 -17.30 -3.10
N PHE A 353 -13.63 -16.64 -4.08
CA PHE A 353 -14.16 -16.74 -5.44
C PHE A 353 -13.91 -18.11 -6.04
N GLN A 354 -12.73 -18.71 -5.79
CA GLN A 354 -12.50 -20.05 -6.31
C GLN A 354 -13.39 -21.07 -5.63
N ARG A 355 -13.64 -20.90 -4.32
CA ARG A 355 -14.58 -21.78 -3.64
C ARG A 355 -15.98 -21.64 -4.23
N ALA A 356 -16.41 -20.41 -4.49
CA ALA A 356 -17.72 -20.19 -5.08
C ALA A 356 -17.83 -20.84 -6.45
N ARG A 357 -16.80 -20.65 -7.29
CA ARG A 357 -16.83 -21.22 -8.63
C ARG A 357 -16.85 -22.75 -8.58
N GLU A 358 -16.01 -23.34 -7.73
CA GLU A 358 -15.95 -24.80 -7.68
C GLU A 358 -17.19 -25.40 -7.04
N LYS A 359 -17.86 -24.66 -6.16
CA LYS A 359 -19.12 -25.16 -5.63
C LYS A 359 -20.26 -25.00 -6.65
N ALA A 360 -20.21 -23.93 -7.45
CA ALA A 360 -21.19 -23.76 -8.50
C ALA A 360 -21.02 -24.78 -9.61
N SER A 361 -19.79 -25.27 -9.81
CA SER A 361 -19.54 -26.26 -10.85
C SER A 361 -20.35 -27.54 -10.65
N GLU A 362 -20.85 -27.77 -9.43
CA GLU A 362 -21.73 -28.91 -9.19
C GLU A 362 -23.01 -28.85 -10.01
N GLY A 363 -23.38 -27.66 -10.49
CA GLY A 363 -24.58 -27.47 -11.26
C GLY A 363 -25.74 -26.86 -10.50
N THR A 364 -25.68 -26.88 -9.17
CA THR A 364 -26.71 -26.25 -8.37
C THR A 364 -26.48 -24.74 -8.32
N PRO A 365 -27.54 -23.95 -8.18
CA PRO A 365 -27.36 -22.49 -8.03
C PRO A 365 -26.65 -22.15 -6.74
N VAL A 366 -25.85 -21.08 -6.78
CA VAL A 366 -25.14 -20.57 -5.62
C VAL A 366 -25.32 -19.06 -5.58
N ILE A 367 -25.23 -18.49 -4.40
CA ILE A 367 -25.42 -17.06 -4.19
C ILE A 367 -24.28 -16.55 -3.31
N VAL A 368 -23.63 -15.49 -3.76
CA VAL A 368 -22.58 -14.81 -3.00
C VAL A 368 -23.16 -13.48 -2.53
N PHE A 369 -22.63 -12.95 -1.43
CA PHE A 369 -23.22 -11.78 -0.78
C PHE A 369 -22.15 -11.01 -0.03
N PHE A 370 -21.70 -9.90 -0.62
CA PHE A 370 -20.78 -8.97 0.05
C PHE A 370 -21.59 -7.91 0.76
N ASP A 371 -21.96 -8.17 2.00
CA ASP A 371 -22.50 -7.11 2.85
C ASP A 371 -21.44 -6.04 3.06
N GLU A 372 -21.89 -4.78 3.10
CA GLU A 372 -21.03 -3.64 3.39
C GLU A 372 -19.88 -3.55 2.37
N MET A 373 -20.26 -3.23 1.13
CA MET A 373 -19.19 -3.00 0.16
C MET A 373 -18.41 -1.73 0.40
N ASP A 374 -18.60 -0.99 1.51
CA ASP A 374 -17.72 0.14 1.77
C ASP A 374 -16.29 -0.29 2.07
N SER A 375 -16.06 -1.58 2.32
CA SER A 375 -14.68 -2.08 2.35
C SER A 375 -14.06 -2.01 0.97
N ILE A 376 -14.83 -2.31 -0.07
CA ILE A 376 -14.40 -2.14 -1.46
C ILE A 376 -14.49 -0.65 -1.77
N PHE A 377 -13.34 0.03 -1.74
CA PHE A 377 -13.26 1.48 -1.96
C PHE A 377 -14.15 2.24 -0.98
N VAL A 392 -8.62 -2.23 -2.16
CA VAL A 392 -8.10 -2.71 -3.48
C VAL A 392 -9.27 -3.30 -4.27
N VAL A 393 -10.02 -2.45 -4.98
CA VAL A 393 -11.15 -2.94 -5.83
C VAL A 393 -10.69 -3.72 -7.07
N PRO A 394 -9.63 -3.36 -7.84
CA PRO A 394 -9.26 -4.04 -9.09
C PRO A 394 -9.53 -5.54 -9.26
N GLN A 395 -8.92 -6.39 -8.43
CA GLN A 395 -9.04 -7.84 -8.58
C GLN A 395 -10.49 -8.28 -8.61
N LEU A 396 -11.35 -7.60 -7.84
CA LEU A 396 -12.76 -8.01 -7.73
C LEU A 396 -13.44 -7.96 -9.08
N LEU A 397 -13.21 -6.89 -9.85
CA LEU A 397 -13.76 -6.82 -11.21
C LEU A 397 -13.26 -7.98 -12.05
N SER A 398 -11.98 -8.35 -11.88
CA SER A 398 -11.43 -9.46 -12.65
C SER A 398 -12.17 -10.77 -12.33
N GLU A 399 -12.38 -11.05 -11.05
CA GLU A 399 -13.07 -12.31 -10.74
C GLU A 399 -14.53 -12.27 -11.15
N ILE A 400 -15.18 -11.10 -11.07
CA ILE A 400 -16.56 -11.00 -11.52
C ILE A 400 -16.65 -11.26 -13.02
N ASP A 401 -15.74 -10.67 -13.80
CA ASP A 401 -15.73 -10.95 -15.23
C ASP A 401 -15.39 -12.40 -15.52
N GLY A 402 -14.56 -13.02 -14.69
CA GLY A 402 -14.27 -14.43 -14.86
C GLY A 402 -15.49 -15.31 -14.62
N VAL A 403 -16.24 -15.03 -13.55
CA VAL A 403 -17.45 -15.81 -13.26
C VAL A 403 -18.63 -15.39 -14.12
N GLU A 404 -18.48 -14.34 -14.93
CA GLU A 404 -19.50 -14.02 -15.91
C GLU A 404 -19.80 -15.20 -16.81
N GLY A 405 -18.78 -16.00 -17.14
CA GLY A 405 -19.00 -17.23 -17.87
C GLY A 405 -19.87 -18.22 -17.13
N LEU A 406 -19.76 -18.25 -15.80
CA LEU A 406 -20.57 -19.16 -15.00
C LEU A 406 -22.04 -18.80 -15.10
N GLU A 407 -22.89 -19.81 -14.94
CA GLU A 407 -24.32 -19.67 -15.18
C GLU A 407 -25.17 -19.72 -13.91
N ASN A 408 -24.58 -20.03 -12.76
CA ASN A 408 -25.35 -20.23 -11.54
C ASN A 408 -24.78 -19.45 -10.36
N VAL A 409 -24.06 -18.36 -10.63
CA VAL A 409 -23.44 -17.56 -9.58
C VAL A 409 -24.01 -16.16 -9.62
N ILE A 410 -24.12 -15.54 -8.45
CA ILE A 410 -24.67 -14.20 -8.30
C ILE A 410 -23.77 -13.43 -7.33
N VAL A 411 -23.60 -12.14 -7.61
CA VAL A 411 -23.00 -11.21 -6.67
C VAL A 411 -24.09 -10.29 -6.16
N ILE A 412 -24.24 -10.21 -4.83
CA ILE A 412 -25.27 -9.39 -4.20
C ILE A 412 -24.60 -8.49 -3.18
N GLY A 413 -24.74 -7.18 -3.36
CA GLY A 413 -24.14 -6.22 -2.46
C GLY A 413 -25.10 -5.70 -1.41
N ALA A 414 -24.60 -4.76 -0.62
CA ALA A 414 -25.37 -4.05 0.40
C ALA A 414 -24.52 -2.90 0.92
N SER A 415 -25.16 -1.79 1.22
CA SER A 415 -24.45 -0.62 1.70
C SER A 415 -25.46 0.42 2.15
N ASN A 416 -25.03 1.25 3.10
CA ASN A 416 -25.77 2.45 3.46
C ASN A 416 -25.28 3.67 2.68
N ARG A 417 -24.23 3.52 1.88
CA ARG A 417 -23.63 4.62 1.15
C ARG A 417 -23.37 4.17 -0.29
N GLU A 418 -23.87 4.94 -1.25
CA GLU A 418 -23.58 4.65 -2.65
C GLU A 418 -22.35 5.37 -3.16
N ASP A 419 -22.01 6.51 -2.54
CA ASP A 419 -20.87 7.30 -3.01
C ASP A 419 -19.56 6.55 -2.84
N MET A 420 -19.32 6.01 -1.65
CA MET A 420 -18.02 5.42 -1.35
C MET A 420 -17.75 4.14 -2.13
N ILE A 421 -18.76 3.55 -2.78
CA ILE A 421 -18.52 2.40 -3.63
C ILE A 421 -17.75 2.85 -4.87
N ASP A 422 -16.85 2.00 -5.34
CA ASP A 422 -16.09 2.31 -6.54
C ASP A 422 -17.01 2.29 -7.75
N PRO A 423 -17.12 3.38 -8.52
CA PRO A 423 -18.06 3.39 -9.64
C PRO A 423 -17.77 2.35 -10.70
N ALA A 424 -16.53 1.84 -10.78
CA ALA A 424 -16.23 0.80 -11.75
C ALA A 424 -17.07 -0.45 -11.51
N ILE A 425 -17.50 -0.68 -10.27
CA ILE A 425 -18.38 -1.80 -9.98
C ILE A 425 -19.73 -1.61 -10.66
N LEU A 426 -20.21 -0.38 -10.78
CA LEU A 426 -21.56 -0.10 -11.26
C LEU A 426 -21.56 0.07 -12.78
N ARG A 427 -21.41 -1.07 -13.47
CA ARG A 427 -21.50 -1.12 -14.91
C ARG A 427 -22.11 -2.45 -15.32
N PRO A 428 -22.77 -2.53 -16.48
CA PRO A 428 -23.39 -3.79 -16.90
C PRO A 428 -22.35 -4.90 -17.04
N GLY A 429 -22.80 -6.12 -16.78
CA GLY A 429 -21.90 -7.26 -16.63
C GLY A 429 -21.49 -7.41 -15.19
N ARG A 430 -21.03 -6.31 -14.59
CA ARG A 430 -20.86 -6.19 -13.15
C ARG A 430 -22.20 -5.90 -12.52
N LEU A 431 -22.20 -5.42 -11.27
CA LEU A 431 -23.43 -5.12 -10.53
C LEU A 431 -24.41 -4.33 -11.39
N ASP A 432 -25.55 -4.94 -11.71
CA ASP A 432 -26.50 -4.39 -12.68
C ASP A 432 -27.62 -3.58 -12.02
N VAL A 433 -28.39 -4.20 -11.15
CA VAL A 433 -29.67 -3.65 -10.70
C VAL A 433 -29.44 -2.91 -9.38
N LYS A 434 -29.74 -1.62 -9.37
CA LYS A 434 -29.51 -0.78 -8.19
C LYS A 434 -30.80 -0.68 -7.38
N ILE A 435 -31.26 -1.84 -6.88
CA ILE A 435 -32.46 -1.87 -6.07
C ILE A 435 -32.26 -1.04 -4.82
N LYS A 436 -33.18 -0.11 -4.57
CA LYS A 436 -33.10 0.81 -3.46
C LYS A 436 -34.09 0.41 -2.38
N ILE A 437 -33.62 0.33 -1.14
CA ILE A 437 -34.47 0.10 0.01
C ILE A 437 -34.74 1.45 0.67
N GLU A 438 -36.02 1.75 0.90
CA GLU A 438 -36.43 3.04 1.41
C GLU A 438 -37.07 2.88 2.79
N ARG A 439 -36.95 3.93 3.60
CA ARG A 439 -37.56 3.92 4.92
C ARG A 439 -39.06 3.72 4.78
N PRO A 440 -39.65 2.81 5.56
CA PRO A 440 -41.06 2.46 5.35
C PRO A 440 -41.99 3.65 5.53
N ASP A 441 -43.06 3.67 4.73
CA ASP A 441 -44.09 4.69 4.86
C ASP A 441 -45.05 4.27 5.96
N ALA A 442 -46.19 4.97 6.06
CA ALA A 442 -47.16 4.67 7.11
C ALA A 442 -47.70 3.24 6.98
N GLU A 443 -48.08 2.84 5.77
CA GLU A 443 -48.59 1.49 5.57
C GLU A 443 -47.52 0.44 5.84
N ALA A 444 -46.31 0.66 5.32
CA ALA A 444 -45.23 -0.29 5.57
C ALA A 444 -44.84 -0.30 7.04
N ALA A 445 -44.89 0.85 7.71
CA ALA A 445 -44.65 0.87 9.14
C ALA A 445 -45.70 0.04 9.88
N GLN A 446 -46.97 0.17 9.48
CA GLN A 446 -48.01 -0.65 10.07
C GLN A 446 -47.73 -2.13 9.87
N ASP A 447 -47.30 -2.50 8.66
CA ASP A 447 -46.99 -3.89 8.38
C ASP A 447 -45.87 -4.41 9.26
N ILE A 448 -44.75 -3.66 9.32
CA ILE A 448 -43.60 -4.14 10.07
C ILE A 448 -43.88 -4.18 11.57
N TYR A 449 -44.70 -3.25 12.08
CA TYR A 449 -45.18 -3.39 13.44
C TYR A 449 -46.01 -4.67 13.59
N SER A 450 -46.85 -4.97 12.61
CA SER A 450 -47.63 -6.21 12.66
C SER A 450 -46.74 -7.44 12.61
N LYS A 451 -45.51 -7.31 12.12
CA LYS A 451 -44.60 -8.45 12.09
C LYS A 451 -44.04 -8.80 13.47
N TYR A 452 -44.21 -7.93 14.46
CA TYR A 452 -43.70 -8.16 15.81
C TYR A 452 -44.80 -8.31 16.84
N LEU A 453 -45.74 -7.37 16.90
CA LEU A 453 -46.85 -7.47 17.84
C LEU A 453 -47.86 -8.50 17.35
N THR A 454 -47.46 -9.75 17.32
CA THR A 454 -48.32 -10.83 16.86
C THR A 454 -49.36 -11.19 17.92
N GLU A 455 -50.32 -12.01 17.52
CA GLU A 455 -51.37 -12.48 18.43
C GLU A 455 -50.87 -13.56 19.39
N PHE A 456 -49.57 -13.84 19.41
CA PHE A 456 -49.00 -14.87 20.27
C PHE A 456 -48.15 -14.26 21.38
N LEU A 457 -48.59 -13.14 21.92
CA LEU A 457 -47.95 -12.50 23.06
C LEU A 457 -49.01 -12.13 24.09
N PRO A 458 -48.63 -12.02 25.36
CA PRO A 458 -49.61 -11.67 26.40
C PRO A 458 -50.18 -10.28 26.18
N VAL A 459 -51.50 -10.23 25.99
CA VAL A 459 -52.24 -8.98 25.79
C VAL A 459 -53.07 -8.71 27.02
N HIS A 460 -53.04 -7.45 27.49
CA HIS A 460 -53.78 -7.08 28.69
C HIS A 460 -55.28 -7.26 28.47
N ALA A 461 -55.95 -7.85 29.47
CA ALA A 461 -57.38 -8.10 29.36
C ALA A 461 -58.19 -6.81 29.31
N ASP A 462 -57.63 -5.69 29.76
CA ASP A 462 -58.37 -4.44 29.73
C ASP A 462 -58.73 -4.04 28.30
N ASP A 463 -57.74 -4.01 27.41
CA ASP A 463 -58.03 -3.73 26.01
C ASP A 463 -58.69 -4.91 25.32
N LEU A 464 -58.46 -6.12 25.83
CA LEU A 464 -59.10 -7.30 25.25
C LEU A 464 -60.61 -7.23 25.39
N ALA A 465 -61.09 -6.78 26.56
CA ALA A 465 -62.54 -6.62 26.75
C ALA A 465 -63.13 -5.61 25.79
N GLU A 466 -62.33 -4.64 25.33
CA GLU A 466 -62.79 -3.71 24.32
C GLU A 466 -63.06 -4.40 22.99
N PHE A 467 -62.48 -5.57 22.76
CA PHE A 467 -62.67 -6.31 21.53
C PHE A 467 -63.29 -7.68 21.72
N ASP A 468 -63.60 -8.08 22.95
CA ASP A 468 -64.39 -9.26 23.26
C ASP A 468 -63.76 -10.55 22.71
N GLY A 469 -62.58 -10.87 23.24
CA GLY A 469 -61.96 -12.16 23.02
C GLY A 469 -61.22 -12.33 21.72
N ASP A 470 -61.16 -11.30 20.87
CA ASP A 470 -60.45 -11.38 19.59
C ASP A 470 -59.12 -10.65 19.75
N ARG A 471 -58.05 -11.42 20.01
CA ARG A 471 -56.74 -10.82 20.14
C ARG A 471 -56.28 -10.19 18.84
N SER A 472 -56.69 -10.76 17.70
CA SER A 472 -56.22 -10.27 16.40
C SER A 472 -56.67 -8.83 16.17
N ALA A 473 -57.97 -8.56 16.32
CA ALA A 473 -58.46 -7.21 16.12
C ALA A 473 -57.93 -6.25 17.19
N CYS A 474 -57.76 -6.73 18.42
CA CYS A 474 -57.24 -5.88 19.48
C CYS A 474 -55.81 -5.43 19.16
N ILE A 475 -54.94 -6.37 18.81
CA ILE A 475 -53.57 -5.99 18.47
C ILE A 475 -53.56 -5.19 17.18
N LYS A 476 -54.50 -5.44 16.27
CA LYS A 476 -54.57 -4.60 15.07
C LYS A 476 -54.82 -3.15 15.43
N ALA A 477 -55.88 -2.89 16.21
CA ALA A 477 -56.18 -1.53 16.64
C ALA A 477 -55.01 -0.93 17.41
N MET A 478 -54.34 -1.74 18.22
CA MET A 478 -53.08 -1.34 18.83
C MET A 478 -52.12 -0.82 17.77
N ILE A 479 -52.01 -1.55 16.66
CA ILE A 479 -51.06 -1.18 15.61
C ILE A 479 -51.45 0.14 14.97
N GLU A 480 -52.73 0.32 14.62
CA GLU A 480 -53.10 1.61 14.03
C GLU A 480 -52.87 2.75 15.00
N LYS A 481 -53.22 2.57 16.27
CA LYS A 481 -52.98 3.63 17.25
C LYS A 481 -51.50 3.99 17.32
N VAL A 482 -50.64 2.98 17.43
CA VAL A 482 -49.22 3.26 17.63
C VAL A 482 -48.61 3.85 16.37
N VAL A 483 -48.99 3.36 15.18
CA VAL A 483 -48.42 3.92 13.96
C VAL A 483 -48.92 5.33 13.72
N ASP A 484 -50.18 5.61 14.09
CA ASP A 484 -50.70 6.97 13.96
C ASP A 484 -49.95 7.92 14.87
N ARG A 485 -49.70 7.52 16.12
CA ARG A 485 -48.93 8.38 17.00
C ARG A 485 -47.48 8.50 16.53
N MET A 486 -46.95 7.43 15.92
CA MET A 486 -45.58 7.44 15.42
C MET A 486 -45.41 8.43 14.28
N TYR A 487 -46.29 8.35 13.29
CA TYR A 487 -46.21 9.19 12.10
C TYR A 487 -47.00 10.50 12.25
N ALA A 488 -47.57 10.75 13.42
CA ALA A 488 -48.34 11.97 13.63
C ALA A 488 -47.48 13.20 13.38
N GLU A 489 -48.05 14.18 12.68
CA GLU A 489 -47.37 15.45 12.43
C GLU A 489 -47.66 16.46 13.54
N ILE A 490 -47.40 16.07 14.77
CA ILE A 490 -47.63 16.91 15.93
C ILE A 490 -46.31 17.51 16.38
N ASP A 491 -46.40 18.52 17.26
CA ASP A 491 -45.21 19.25 17.69
C ASP A 491 -44.23 18.34 18.44
N ASP A 492 -44.74 17.30 19.11
CA ASP A 492 -43.85 16.38 19.80
C ASP A 492 -42.97 15.63 18.80
N ASN A 493 -43.53 15.23 17.66
CA ASN A 493 -42.81 14.42 16.69
C ASN A 493 -41.89 15.23 15.78
N ARG A 494 -41.78 16.55 15.97
CA ARG A 494 -40.81 17.32 15.22
C ARG A 494 -39.41 16.80 15.52
N PHE A 495 -38.63 16.55 14.46
CA PHE A 495 -37.29 16.00 14.65
C PHE A 495 -36.24 16.99 14.20
N LEU A 496 -36.30 17.46 12.96
CA LEU A 496 -35.29 18.36 12.41
C LEU A 496 -35.93 19.62 11.85
N GLU A 497 -35.10 20.66 11.75
CA GLU A 497 -35.40 21.87 10.99
C GLU A 497 -34.31 22.04 9.94
N VAL A 498 -34.72 22.08 8.67
CA VAL A 498 -33.78 22.09 7.56
C VAL A 498 -33.71 23.51 7.01
N THR A 499 -32.56 24.16 7.15
CA THR A 499 -32.33 25.51 6.64
C THR A 499 -31.48 25.42 5.39
N TYR A 500 -32.03 25.86 4.26
CA TYR A 500 -31.34 25.80 2.99
C TYR A 500 -30.50 27.06 2.76
N ALA A 501 -29.68 27.00 1.70
CA ALA A 501 -28.80 28.12 1.39
C ALA A 501 -29.57 29.38 1.06
N ASN A 502 -30.77 29.23 0.48
CA ASN A 502 -31.63 30.40 0.24
C ASN A 502 -32.13 31.03 1.53
N GLY A 503 -32.03 30.32 2.65
CA GLY A 503 -32.49 30.81 3.93
C GLY A 503 -33.82 30.25 4.39
N ASP A 504 -34.53 29.52 3.54
CA ASP A 504 -35.82 28.98 3.91
C ASP A 504 -35.66 27.84 4.91
N LYS A 505 -36.75 27.52 5.60
CA LYS A 505 -36.76 26.52 6.65
C LYS A 505 -37.86 25.50 6.40
N GLU A 506 -37.67 24.30 6.96
CA GLU A 506 -38.62 23.22 6.80
C GLU A 506 -38.56 22.33 8.04
N VAL A 507 -39.64 22.33 8.82
CA VAL A 507 -39.70 21.47 10.00
C VAL A 507 -39.86 20.02 9.57
N MET A 508 -39.10 19.13 10.20
CA MET A 508 -39.10 17.71 9.86
C MET A 508 -39.58 16.88 11.02
N TYR A 509 -40.49 15.96 10.75
CA TYR A 509 -40.96 14.99 11.71
C TYR A 509 -40.15 13.70 11.59
N PHE A 510 -40.33 12.80 12.56
CA PHE A 510 -39.62 11.53 12.54
C PHE A 510 -40.11 10.62 11.43
N LYS A 511 -41.28 10.90 10.84
CA LYS A 511 -41.81 10.03 9.80
C LYS A 511 -40.86 9.92 8.62
N ASP A 512 -40.15 11.00 8.30
CA ASP A 512 -39.19 10.98 7.21
C ASP A 512 -37.81 10.51 7.66
N PHE A 513 -37.56 10.39 8.96
CA PHE A 513 -36.29 9.89 9.47
C PHE A 513 -36.47 8.57 10.20
N ASN A 514 -37.58 7.88 9.96
CA ASN A 514 -37.83 6.58 10.58
C ASN A 514 -36.89 5.54 9.97
N SER A 515 -36.99 4.31 10.47
CA SER A 515 -36.18 3.22 9.96
C SER A 515 -36.82 1.90 10.37
N GLY A 516 -36.23 0.80 9.90
CA GLY A 516 -36.72 -0.52 10.28
C GLY A 516 -36.13 -1.04 11.57
N ALA A 517 -34.95 -0.55 11.97
CA ALA A 517 -34.36 -0.96 13.23
C ALA A 517 -35.01 -0.25 14.42
N MET A 518 -35.43 1.00 14.22
CA MET A 518 -36.10 1.73 15.30
C MET A 518 -37.39 1.04 15.71
N ILE A 519 -38.04 0.35 14.79
CA ILE A 519 -39.28 -0.35 15.15
C ILE A 519 -38.98 -1.51 16.09
N GLN A 520 -37.91 -2.27 15.81
CA GLN A 520 -37.43 -3.25 16.78
C GLN A 520 -37.13 -2.58 18.11
N ASN A 521 -36.37 -1.48 18.06
CA ASN A 521 -35.89 -0.84 19.28
C ASN A 521 -37.02 -0.23 20.11
N VAL A 522 -38.17 0.01 19.51
CA VAL A 522 -39.30 0.55 20.25
C VAL A 522 -40.25 -0.55 20.71
N VAL A 523 -40.47 -1.58 19.88
CA VAL A 523 -41.34 -2.68 20.28
C VAL A 523 -40.72 -3.44 21.45
N ASP A 524 -39.43 -3.76 21.37
CA ASP A 524 -38.80 -4.49 22.47
C ASP A 524 -38.75 -3.64 23.73
N ARG A 525 -38.50 -2.34 23.58
CA ARG A 525 -38.48 -1.45 24.74
C ARG A 525 -39.86 -1.36 25.39
N ALA A 526 -40.92 -1.33 24.57
CA ALA A 526 -42.27 -1.37 25.12
C ALA A 526 -42.52 -2.68 25.85
N LYS A 527 -42.02 -3.79 25.30
CA LYS A 527 -42.16 -5.07 25.99
C LYS A 527 -41.42 -5.07 27.32
N LYS A 528 -40.24 -4.45 27.36
CA LYS A 528 -39.50 -4.34 28.63
C LYS A 528 -40.26 -3.48 29.63
N ASN A 529 -40.89 -2.40 29.15
CA ASN A 529 -41.72 -1.58 30.03
C ASN A 529 -42.90 -2.39 30.55
N ALA A 530 -43.46 -3.27 29.71
CA ALA A 530 -44.50 -4.17 30.16
C ALA A 530 -43.99 -5.11 31.25
N ILE A 531 -42.75 -5.60 31.08
CA ILE A 531 -42.16 -6.46 32.11
C ILE A 531 -42.04 -5.72 33.44
N LYS A 532 -41.52 -4.49 33.40
CA LYS A 532 -41.35 -3.75 34.66
C LYS A 532 -42.69 -3.36 35.25
N SER A 533 -43.69 -3.08 34.41
CA SER A 533 -45.04 -2.83 34.91
C SER A 533 -45.61 -4.06 35.59
N VAL A 534 -45.38 -5.24 35.01
CA VAL A 534 -45.80 -6.49 35.65
C VAL A 534 -45.10 -6.65 37.00
N LEU A 535 -43.81 -6.34 37.05
CA LEU A 535 -43.07 -6.43 38.31
C LEU A 535 -43.66 -5.51 39.37
N GLU A 536 -43.99 -4.27 38.99
CA GLU A 536 -44.46 -3.29 39.97
C GLU A 536 -45.95 -3.39 40.24
N THR A 537 -46.69 -4.16 39.47
CA THR A 537 -48.13 -4.26 39.67
C THR A 537 -48.63 -5.69 39.78
N GLY A 538 -48.06 -6.63 39.02
CA GLY A 538 -48.52 -7.99 39.00
C GLY A 538 -49.55 -8.31 37.94
N GLN A 539 -50.06 -7.31 37.23
CA GLN A 539 -51.03 -7.52 36.17
C GLN A 539 -50.31 -7.81 34.86
N PRO A 540 -50.46 -8.99 34.27
CA PRO A 540 -49.78 -9.28 33.00
C PRO A 540 -50.39 -8.55 31.82
N GLY A 541 -49.87 -8.82 30.62
CA GLY A 541 -50.38 -8.21 29.40
C GLY A 541 -49.65 -6.92 29.04
N LEU A 542 -49.88 -6.49 27.79
CA LEU A 542 -49.27 -5.30 27.23
C LEU A 542 -50.34 -4.24 26.97
N ARG A 543 -50.00 -2.99 27.22
CA ARG A 543 -50.92 -1.87 27.09
C ARG A 543 -50.39 -0.85 26.10
N ILE A 544 -51.31 -0.05 25.57
CA ILE A 544 -50.96 0.98 24.59
C ILE A 544 -50.01 2.01 25.21
N GLN A 545 -50.23 2.36 26.48
CA GLN A 545 -49.43 3.39 27.13
C GLN A 545 -47.94 3.03 27.10
N HIS A 546 -47.62 1.74 27.14
CA HIS A 546 -46.22 1.31 27.04
C HIS A 546 -45.60 1.82 25.75
N LEU A 547 -46.21 1.50 24.61
CA LEU A 547 -45.69 1.96 23.33
C LEU A 547 -45.77 3.48 23.21
N LEU A 548 -46.79 4.09 23.81
CA LEU A 548 -46.91 5.55 23.76
C LEU A 548 -45.71 6.22 24.40
N ASP A 549 -45.30 5.74 25.58
CA ASP A 549 -44.09 6.26 26.20
C ASP A 549 -42.84 5.82 25.43
N SER A 550 -42.88 4.64 24.83
CA SER A 550 -41.71 4.13 24.12
C SER A 550 -41.38 4.99 22.91
N ILE A 551 -42.41 5.51 22.22
CA ILE A 551 -42.16 6.36 21.05
C ILE A 551 -41.39 7.61 21.45
N VAL A 552 -41.89 8.31 22.48
CA VAL A 552 -41.23 9.54 22.89
C VAL A 552 -39.85 9.24 23.46
N ASP A 553 -39.69 8.10 24.15
CA ASP A 553 -38.36 7.74 24.61
C ASP A 553 -37.39 7.53 23.44
N GLU A 554 -37.77 6.68 22.49
CA GLU A 554 -36.93 6.42 21.32
C GLU A 554 -36.57 7.71 20.61
N PHE A 555 -37.48 8.67 20.58
CA PHE A 555 -37.12 9.98 20.07
C PHE A 555 -36.16 10.70 21.02
N ALA A 556 -36.24 10.41 22.32
CA ALA A 556 -35.43 11.13 23.29
C ALA A 556 -33.96 10.73 23.22
N GLU A 557 -33.66 9.43 23.31
CA GLU A 557 -32.24 9.05 23.32
C GLU A 557 -31.60 9.31 21.97
N ASN A 558 -32.33 9.11 20.87
CA ASN A 558 -31.80 9.34 19.54
C ASN A 558 -31.85 10.82 19.14
N GLU A 559 -32.15 11.70 20.08
CA GLU A 559 -32.09 13.13 19.80
C GLU A 559 -30.67 13.57 19.49
N ASP A 560 -29.68 12.91 20.11
CA ASP A 560 -28.28 13.18 19.86
C ASP A 560 -27.67 12.22 18.84
N LEU A 561 -28.47 11.36 18.22
CA LEU A 561 -27.98 10.33 17.33
C LEU A 561 -28.29 10.67 15.88
N PRO A 562 -27.30 11.08 15.08
CA PRO A 562 -27.51 11.24 13.64
C PRO A 562 -27.50 9.92 12.86
N ASN A 563 -27.56 8.78 13.55
CA ASN A 563 -27.55 7.50 12.85
C ASN A 563 -28.77 7.30 11.96
N THR A 564 -29.84 8.08 12.19
CA THR A 564 -30.99 8.05 11.30
C THR A 564 -30.72 8.79 10.00
N THR A 565 -29.66 9.60 9.94
CA THR A 565 -29.38 10.43 8.79
C THR A 565 -28.52 9.68 7.77
N ASN A 566 -28.49 10.22 6.54
CA ASN A 566 -27.73 9.67 5.42
C ASN A 566 -27.63 10.75 4.36
N PRO A 567 -26.51 10.86 3.64
CA PRO A 567 -26.39 11.92 2.62
C PRO A 567 -27.51 11.92 1.60
N ASP A 568 -28.05 10.74 1.27
CA ASP A 568 -29.21 10.70 0.37
C ASP A 568 -30.39 11.46 0.94
N ASP A 569 -30.53 11.50 2.26
CA ASP A 569 -31.62 12.26 2.87
C ASP A 569 -31.50 13.74 2.54
N TRP A 570 -30.32 14.34 2.80
CA TRP A 570 -30.14 15.75 2.45
C TRP A 570 -30.31 15.97 0.96
N ALA A 571 -29.76 15.07 0.13
CA ALA A 571 -29.85 15.26 -1.32
C ALA A 571 -31.30 15.26 -1.79
N ARG A 572 -32.09 14.28 -1.34
CA ARG A 572 -33.47 14.19 -1.77
C ARG A 572 -34.32 15.33 -1.20
N ILE A 573 -34.02 15.79 0.02
CA ILE A 573 -34.79 16.89 0.57
C ILE A 573 -34.47 18.20 -0.16
N SER A 574 -33.20 18.41 -0.50
CA SER A 574 -32.84 19.56 -1.31
C SER A 574 -33.50 19.50 -2.68
N GLY A 575 -33.55 18.30 -3.27
CA GLY A 575 -34.25 18.16 -4.55
C GLY A 575 -35.73 18.46 -4.43
N LYS A 576 -36.37 18.00 -3.36
CA LYS A 576 -37.79 18.26 -3.15
C LYS A 576 -38.05 19.75 -2.98
N LYS A 577 -37.24 20.42 -2.16
CA LYS A 577 -37.39 21.85 -1.96
C LYS A 577 -36.85 22.66 -3.14
N GLY A 578 -35.81 22.16 -3.79
CA GLY A 578 -35.14 22.90 -4.85
C GLY A 578 -34.04 23.82 -4.38
N GLU A 579 -33.71 23.81 -3.09
CA GLU A 579 -32.67 24.68 -2.54
C GLU A 579 -31.65 23.84 -1.80
N ARG A 580 -30.38 24.18 -1.99
CA ARG A 580 -29.29 23.48 -1.30
C ARG A 580 -29.27 23.86 0.18
N ILE A 581 -29.03 22.86 1.03
CA ILE A 581 -29.08 23.05 2.47
C ILE A 581 -27.79 23.66 2.97
N VAL A 582 -27.89 24.56 3.96
CA VAL A 582 -26.72 25.16 4.57
C VAL A 582 -26.67 24.98 6.08
N TYR A 583 -27.80 24.75 6.76
CA TYR A 583 -27.82 24.64 8.21
C TYR A 583 -28.74 23.52 8.63
N ILE A 584 -28.42 22.90 9.78
CA ILE A 584 -29.17 21.78 10.33
C ILE A 584 -29.52 22.11 11.78
N ARG A 585 -30.78 21.90 12.14
CA ARG A 585 -31.25 22.14 13.50
C ARG A 585 -32.30 21.10 13.87
N THR A 586 -32.17 20.50 15.04
CA THR A 586 -33.13 19.54 15.53
C THR A 586 -33.96 20.14 16.65
N LEU A 587 -35.13 19.54 16.89
CA LEU A 587 -36.04 20.02 17.92
C LEU A 587 -36.36 18.93 18.93
N ALA A 595 -33.88 19.01 23.39
CA ALA A 595 -32.61 19.66 23.11
C ALA A 595 -32.48 19.99 21.62
N SER A 596 -31.46 20.77 21.28
CA SER A 596 -31.23 21.17 19.89
C SER A 596 -29.75 21.07 19.60
N ARG A 597 -29.41 20.51 18.43
CA ARG A 597 -28.03 20.33 18.01
C ARG A 597 -27.90 20.70 16.54
N ALA A 598 -26.68 21.04 16.14
CA ALA A 598 -26.36 21.43 14.77
C ALA A 598 -25.31 20.47 14.23
N ILE A 599 -25.78 19.36 13.63
CA ILE A 599 -24.87 18.43 12.97
C ILE A 599 -24.24 19.13 11.77
N ASP A 600 -23.02 18.71 11.42
CA ASP A 600 -22.26 19.38 10.38
C ASP A 600 -23.00 19.32 9.04
N THR A 601 -22.85 20.38 8.25
CA THR A 601 -23.57 20.52 7.00
C THR A 601 -22.64 20.30 5.81
N PRO B 97 45.71 -34.75 -4.25
CA PRO B 97 44.33 -35.05 -4.64
C PRO B 97 43.28 -34.10 -4.00
N PRO B 98 43.36 -33.78 -2.72
CA PRO B 98 42.48 -32.73 -2.19
C PRO B 98 42.86 -31.38 -2.77
N SER B 99 41.85 -30.51 -2.91
CA SER B 99 42.07 -29.22 -3.54
C SER B 99 40.91 -28.29 -3.21
N GLY B 100 41.23 -27.04 -2.92
CA GLY B 100 40.24 -26.01 -2.69
C GLY B 100 39.85 -25.31 -3.97
N TYR B 101 39.27 -24.12 -3.83
CA TYR B 101 38.83 -23.36 -4.97
C TYR B 101 38.98 -21.88 -4.68
N GLY B 102 39.02 -21.10 -5.76
CA GLY B 102 39.08 -19.65 -5.66
C GLY B 102 38.45 -19.03 -6.89
N VAL B 103 38.36 -17.70 -6.87
CA VAL B 103 37.79 -16.95 -7.99
C VAL B 103 38.75 -15.84 -8.38
N LEU B 104 39.01 -15.71 -9.68
CA LEU B 104 39.94 -14.70 -10.16
C LEU B 104 39.36 -13.30 -9.94
N LEU B 105 40.23 -12.36 -9.60
CA LEU B 105 39.85 -10.96 -9.41
C LEU B 105 40.70 -10.02 -10.25
N ALA B 106 41.95 -10.37 -10.53
CA ALA B 106 42.80 -9.54 -11.38
C ALA B 106 43.95 -10.39 -11.91
N THR B 107 44.55 -9.92 -12.99
CA THR B 107 45.70 -10.56 -13.60
C THR B 107 46.73 -9.50 -13.96
N HIS B 108 47.99 -9.92 -14.02
CA HIS B 108 49.11 -9.03 -14.31
C HIS B 108 49.90 -9.57 -15.50
N ASP B 109 50.65 -8.66 -16.14
CA ASP B 109 51.47 -9.04 -17.29
C ASP B 109 52.55 -10.04 -16.91
N ASP B 110 52.93 -10.09 -15.63
CA ASP B 110 53.90 -11.07 -15.13
C ASP B 110 53.32 -12.47 -15.02
N ASP B 111 52.13 -12.70 -15.56
CA ASP B 111 51.44 -13.99 -15.49
C ASP B 111 51.20 -14.41 -14.03
N THR B 112 50.89 -13.42 -13.19
CA THR B 112 50.50 -13.64 -11.81
C THR B 112 49.03 -13.25 -11.65
N VAL B 113 48.29 -14.06 -10.88
CA VAL B 113 46.85 -13.94 -10.82
C VAL B 113 46.43 -13.62 -9.39
N ASP B 114 45.55 -12.62 -9.24
CA ASP B 114 44.94 -12.34 -7.96
C ASP B 114 43.68 -13.18 -7.82
N VAL B 115 43.59 -13.93 -6.72
CA VAL B 115 42.49 -14.86 -6.51
C VAL B 115 41.91 -14.65 -5.12
N PHE B 116 40.59 -14.60 -5.05
CA PHE B 116 39.87 -14.63 -3.78
C PHE B 116 39.65 -16.08 -3.39
N THR B 117 40.14 -16.45 -2.20
CA THR B 117 39.90 -17.77 -1.63
C THR B 117 40.08 -17.67 -0.13
N SER B 118 39.36 -18.52 0.59
CA SER B 118 39.38 -18.51 2.05
C SER B 118 39.03 -17.13 2.61
N GLY B 119 38.15 -16.43 1.90
CA GLY B 119 37.73 -15.10 2.30
C GLY B 119 38.84 -14.06 2.25
N ARG B 120 39.93 -14.38 1.55
CA ARG B 120 41.07 -13.46 1.45
C ARG B 120 41.49 -13.35 -0.01
N LYS B 121 41.89 -12.15 -0.41
CA LYS B 121 42.31 -11.87 -1.78
C LYS B 121 43.83 -12.00 -1.84
N MET B 122 44.31 -13.17 -2.22
CA MET B 122 45.73 -13.44 -2.32
C MET B 122 46.23 -13.20 -3.73
N ARG B 123 47.55 -13.13 -3.87
CA ARG B 123 48.21 -13.13 -5.16
C ARG B 123 48.96 -14.44 -5.33
N LEU B 124 48.89 -15.01 -6.53
CA LEU B 124 49.36 -16.35 -6.78
C LEU B 124 50.17 -16.39 -8.06
N THR B 125 51.17 -17.26 -8.07
CA THR B 125 51.98 -17.51 -9.26
C THR B 125 51.36 -18.67 -10.02
N CYS B 126 50.75 -18.37 -11.16
CA CYS B 126 50.01 -19.39 -11.90
C CYS B 126 50.94 -20.48 -12.41
N SER B 127 50.38 -21.68 -12.55
CA SER B 127 51.15 -22.78 -13.10
C SER B 127 51.40 -22.57 -14.59
N PRO B 128 52.57 -22.95 -15.10
CA PRO B 128 52.83 -22.82 -16.54
C PRO B 128 52.01 -23.76 -17.40
N ASN B 129 51.29 -24.71 -16.80
CA ASN B 129 50.50 -25.66 -17.59
C ASN B 129 49.41 -24.95 -18.38
N ILE B 130 48.74 -23.97 -17.76
CA ILE B 130 47.66 -23.25 -18.40
C ILE B 130 48.18 -21.92 -18.90
N ASP B 131 47.43 -21.31 -19.82
CA ASP B 131 47.83 -20.05 -20.44
C ASP B 131 47.56 -18.87 -19.51
N ALA B 132 47.72 -17.67 -20.04
CA ALA B 132 47.43 -16.43 -19.33
C ALA B 132 46.23 -15.70 -19.91
N ALA B 133 45.57 -16.25 -20.92
CA ALA B 133 44.45 -15.59 -21.59
C ALA B 133 43.11 -16.27 -21.33
N SER B 134 43.08 -17.61 -21.30
CA SER B 134 41.83 -18.31 -21.05
C SER B 134 41.27 -18.00 -19.67
N LEU B 135 42.10 -17.55 -18.73
CA LEU B 135 41.60 -17.10 -17.45
C LEU B 135 40.66 -15.92 -17.65
N LYS B 136 39.53 -15.96 -16.94
CA LYS B 136 38.47 -14.98 -17.09
C LYS B 136 38.21 -14.29 -15.76
N LYS B 137 37.98 -12.99 -15.81
CA LYS B 137 37.60 -12.26 -14.60
C LYS B 137 36.30 -12.84 -14.05
N GLY B 138 36.39 -13.52 -12.91
CA GLY B 138 35.26 -14.25 -12.37
C GLY B 138 35.29 -15.74 -12.61
N GLN B 139 36.39 -16.29 -13.09
CA GLN B 139 36.49 -17.71 -13.39
C GLN B 139 36.94 -18.48 -12.15
N THR B 140 36.19 -19.52 -11.80
CA THR B 140 36.59 -20.40 -10.71
C THR B 140 37.85 -21.16 -11.08
N VAL B 141 38.76 -21.28 -10.13
CA VAL B 141 40.05 -21.91 -10.35
C VAL B 141 40.35 -22.87 -9.21
N ARG B 142 40.86 -24.05 -9.56
CA ARG B 142 41.28 -25.04 -8.58
C ARG B 142 42.63 -24.64 -7.99
N LEU B 143 42.82 -24.93 -6.72
CA LEU B 143 44.06 -24.61 -6.02
C LEU B 143 44.55 -25.83 -5.25
N ASN B 144 45.87 -25.96 -5.17
CA ASN B 144 46.48 -27.07 -4.44
C ASN B 144 46.82 -26.63 -3.01
N GLU B 145 47.16 -27.63 -2.18
CA GLU B 145 47.57 -27.33 -0.81
C GLU B 145 48.83 -26.46 -0.76
N ALA B 146 49.63 -26.48 -1.82
CA ALA B 146 50.73 -25.54 -1.97
C ALA B 146 50.27 -24.16 -2.39
N LEU B 147 48.96 -23.96 -2.55
CA LEU B 147 48.37 -22.69 -2.95
C LEU B 147 48.91 -22.24 -4.31
N THR B 148 48.60 -23.05 -5.32
CA THR B 148 48.95 -22.74 -6.69
C THR B 148 47.86 -23.28 -7.61
N VAL B 149 47.41 -22.45 -8.55
CA VAL B 149 46.30 -22.84 -9.42
C VAL B 149 46.76 -23.95 -10.36
N VAL B 150 45.88 -24.92 -10.60
CA VAL B 150 46.15 -25.99 -11.55
C VAL B 150 45.13 -26.07 -12.67
N GLU B 151 44.06 -25.27 -12.61
CA GLU B 151 43.02 -25.33 -13.63
C GLU B 151 42.17 -24.07 -13.56
N ALA B 152 41.74 -23.61 -14.73
CA ALA B 152 40.76 -22.53 -14.85
C ALA B 152 39.47 -23.13 -15.36
N GLY B 153 38.38 -22.91 -14.62
CA GLY B 153 37.15 -23.63 -14.91
C GLY B 153 35.96 -22.78 -15.29
N THR B 154 34.80 -23.11 -14.71
CA THR B 154 33.54 -22.48 -15.06
C THR B 154 33.31 -21.25 -14.19
N PHE B 155 32.08 -20.73 -14.22
CA PHE B 155 31.68 -19.58 -13.43
C PHE B 155 30.69 -20.01 -12.35
N GLU B 156 30.72 -19.32 -11.22
CA GLU B 156 29.82 -19.65 -10.12
C GLU B 156 28.37 -19.54 -10.56
N ALA B 157 27.57 -20.55 -10.22
CA ALA B 157 26.18 -20.59 -10.64
C ALA B 157 25.21 -20.23 -9.52
N VAL B 158 25.68 -20.14 -8.27
CA VAL B 158 24.82 -19.87 -7.13
C VAL B 158 25.49 -18.83 -6.24
N GLY B 159 24.68 -17.95 -5.68
CA GLY B 159 25.19 -16.90 -4.81
C GLY B 159 24.11 -15.88 -4.55
N GLU B 160 24.53 -14.76 -3.97
CA GLU B 160 23.57 -13.71 -3.64
C GLU B 160 23.01 -13.10 -4.91
N ILE B 161 21.76 -12.64 -4.84
CA ILE B 161 21.15 -11.94 -5.96
C ILE B 161 21.12 -10.46 -5.64
N SER B 162 21.11 -9.65 -6.70
CA SER B 162 20.99 -8.20 -6.54
C SER B 162 20.33 -7.63 -7.78
N THR B 163 19.96 -6.36 -7.70
CA THR B 163 19.37 -5.66 -8.84
C THR B 163 20.34 -4.60 -9.34
N LEU B 164 20.64 -4.64 -10.62
CA LEU B 164 21.59 -3.70 -11.21
C LEU B 164 20.97 -2.31 -11.29
N ARG B 165 21.70 -1.31 -10.80
CA ARG B 165 21.25 0.07 -10.88
C ARG B 165 21.99 0.85 -11.97
N GLU B 166 23.32 0.78 -12.00
CA GLU B 166 24.07 1.59 -12.95
C GLU B 166 25.32 0.84 -13.39
N ILE B 167 25.70 1.04 -14.64
CA ILE B 167 27.02 0.63 -15.12
C ILE B 167 27.95 1.84 -15.00
N LEU B 168 29.07 1.65 -14.32
CA LEU B 168 29.98 2.76 -14.10
C LEU B 168 30.63 3.19 -15.41
N ALA B 169 31.13 4.44 -15.41
CA ALA B 169 31.70 5.01 -16.61
C ALA B 169 32.93 4.26 -17.09
N ASP B 170 33.65 3.61 -16.17
CA ASP B 170 34.80 2.81 -16.57
C ASP B 170 34.39 1.61 -17.40
N GLY B 171 33.19 1.06 -17.15
CA GLY B 171 32.69 -0.07 -17.89
C GLY B 171 32.98 -1.42 -17.28
N HIS B 172 33.94 -1.50 -16.36
CA HIS B 172 34.26 -2.73 -15.67
C HIS B 172 33.55 -2.87 -14.33
N ARG B 173 32.76 -1.88 -13.93
CA ARG B 173 32.15 -1.84 -12.61
C ARG B 173 30.66 -1.55 -12.73
N ALA B 174 29.89 -2.20 -11.86
CA ALA B 174 28.44 -2.01 -11.78
C ALA B 174 28.07 -1.67 -10.35
N LEU B 175 27.26 -0.62 -10.20
CA LEU B 175 26.69 -0.22 -8.92
C LEU B 175 25.31 -0.85 -8.80
N VAL B 176 25.14 -1.71 -7.78
CA VAL B 176 23.93 -2.48 -7.59
C VAL B 176 23.49 -2.35 -6.14
N VAL B 177 22.28 -2.83 -5.85
CA VAL B 177 21.72 -2.80 -4.50
C VAL B 177 21.22 -4.20 -4.15
N GLY B 178 21.05 -4.43 -2.84
CA GLY B 178 20.76 -5.76 -2.35
C GLY B 178 19.35 -6.00 -1.83
N HIS B 179 19.23 -6.93 -0.88
CA HIS B 179 17.93 -7.36 -0.39
C HIS B 179 17.28 -6.29 0.48
N ALA B 180 18.01 -5.82 1.49
CA ALA B 180 17.51 -4.83 2.44
C ALA B 180 17.96 -3.42 2.07
N ASP B 181 18.02 -3.15 0.78
CA ASP B 181 18.49 -1.86 0.25
C ASP B 181 19.94 -1.60 0.63
N GLU B 182 20.75 -2.66 0.64
CA GLU B 182 22.19 -2.51 0.81
C GLU B 182 22.82 -2.44 -0.58
N GLU B 183 23.68 -1.45 -0.78
CA GLU B 183 24.19 -1.13 -2.11
C GLU B 183 25.71 -1.24 -2.13
N ARG B 184 26.22 -1.82 -3.21
CA ARG B 184 27.65 -2.08 -3.37
C ARG B 184 28.02 -1.92 -4.84
N VAL B 185 29.31 -1.67 -5.08
CA VAL B 185 29.87 -1.68 -6.42
C VAL B 185 30.70 -2.95 -6.59
N VAL B 186 30.53 -3.61 -7.74
CA VAL B 186 31.24 -4.84 -8.03
C VAL B 186 31.84 -4.73 -9.43
N TRP B 187 32.73 -5.68 -9.74
CA TRP B 187 33.19 -5.78 -11.12
C TRP B 187 32.23 -6.68 -11.91
N LEU B 188 32.55 -6.89 -13.18
CA LEU B 188 31.72 -7.67 -14.08
C LEU B 188 32.49 -8.88 -14.58
N ALA B 189 31.77 -9.97 -14.81
CA ALA B 189 32.35 -11.15 -15.43
C ALA B 189 32.46 -10.95 -16.94
N ASP B 190 33.34 -11.73 -17.56
CA ASP B 190 33.51 -11.63 -19.01
C ASP B 190 32.23 -11.88 -19.79
N PRO B 191 31.37 -12.86 -19.45
CA PRO B 191 30.08 -12.96 -20.16
C PRO B 191 29.25 -11.69 -20.07
N LEU B 192 29.39 -10.91 -18.99
CA LEU B 192 28.69 -9.64 -18.88
C LEU B 192 29.32 -8.55 -19.73
N ILE B 193 30.52 -8.78 -20.27
CA ILE B 193 31.18 -7.78 -21.11
C ILE B 193 31.72 -8.46 -22.37
N PRO B 211 21.70 -15.39 -23.87
CA PRO B 211 22.88 -14.54 -24.03
C PRO B 211 22.53 -13.18 -24.62
N ARG B 212 22.26 -12.21 -23.76
CA ARG B 212 21.85 -10.87 -24.18
C ARG B 212 22.66 -9.83 -23.43
N LYS B 213 22.78 -8.65 -24.05
CA LYS B 213 23.54 -7.57 -23.44
C LYS B 213 22.80 -7.00 -22.24
N LEU B 214 23.53 -6.22 -21.45
CA LEU B 214 23.00 -5.70 -20.20
C LEU B 214 21.97 -4.60 -20.43
N ARG B 215 20.93 -4.60 -19.60
CA ARG B 215 19.95 -3.53 -19.57
C ARG B 215 19.87 -3.00 -18.14
N PRO B 216 20.39 -1.80 -17.86
CA PRO B 216 20.35 -1.27 -16.49
C PRO B 216 18.98 -1.33 -15.85
N GLY B 217 18.86 -2.09 -14.76
CA GLY B 217 17.58 -2.30 -14.11
C GLY B 217 17.24 -3.77 -13.97
N ASP B 218 18.19 -4.63 -14.31
CA ASP B 218 17.99 -6.07 -14.27
C ASP B 218 18.63 -6.67 -13.02
N SER B 219 18.61 -7.99 -12.94
CA SER B 219 19.09 -8.72 -11.77
C SER B 219 20.39 -9.44 -12.10
N LEU B 220 21.33 -9.39 -11.15
CA LEU B 220 22.65 -9.99 -11.29
C LEU B 220 22.90 -10.98 -10.15
N LEU B 221 23.75 -11.97 -10.46
CA LEU B 221 24.24 -12.94 -9.48
C LEU B 221 25.62 -12.50 -9.02
N VAL B 222 25.74 -12.21 -7.72
CA VAL B 222 26.94 -11.61 -7.16
C VAL B 222 27.34 -12.36 -5.89
N ASP B 223 28.63 -12.33 -5.60
CA ASP B 223 29.20 -12.77 -4.33
C ASP B 223 29.77 -11.54 -3.66
N THR B 224 29.12 -11.07 -2.59
CA THR B 224 29.51 -9.82 -1.96
C THR B 224 30.96 -9.87 -1.45
N LYS B 225 31.33 -10.98 -0.80
CA LYS B 225 32.70 -11.12 -0.32
C LYS B 225 33.69 -11.11 -1.48
N ALA B 226 33.33 -11.77 -2.60
CA ALA B 226 34.22 -11.74 -3.79
C ALA B 226 34.09 -10.41 -4.51
N GLY B 227 32.98 -9.69 -4.30
CA GLY B 227 32.74 -8.40 -4.98
C GLY B 227 32.70 -8.56 -6.49
N TYR B 228 32.17 -9.67 -7.00
CA TYR B 228 32.10 -9.91 -8.47
C TYR B 228 30.70 -10.36 -8.89
N ALA B 229 30.13 -9.74 -9.92
CA ALA B 229 28.83 -10.20 -10.46
C ALA B 229 29.14 -11.23 -11.55
N PHE B 230 28.43 -12.37 -11.57
CA PHE B 230 28.80 -13.40 -12.52
C PHE B 230 27.83 -13.59 -13.67
N GLU B 231 26.54 -13.33 -13.49
CA GLU B 231 25.56 -13.69 -14.51
C GLU B 231 24.32 -12.83 -14.37
N ARG B 232 23.82 -12.34 -15.50
CA ARG B 232 22.51 -11.72 -15.54
C ARG B 232 21.45 -12.81 -15.36
N ILE B 233 20.75 -12.78 -14.23
CA ILE B 233 19.73 -13.78 -13.94
C ILE B 233 18.38 -13.24 -14.38
N PRO B 234 17.68 -13.91 -15.30
CA PRO B 234 16.41 -13.37 -15.81
C PRO B 234 15.21 -13.71 -14.93
N LYS B 235 14.44 -12.68 -14.62
CA LYS B 235 13.15 -12.84 -13.95
C LYS B 235 12.07 -12.36 -14.92
N ALA B 236 11.09 -13.21 -15.18
CA ALA B 236 10.07 -12.93 -16.18
C ALA B 236 8.69 -13.08 -15.58
N GLU B 237 7.80 -12.16 -15.93
CA GLU B 237 6.40 -12.22 -15.55
C GLU B 237 5.55 -12.03 -16.80
N VAL B 238 4.66 -12.98 -17.07
CA VAL B 238 3.85 -12.95 -18.28
C VAL B 238 2.66 -12.02 -18.05
N GLU B 239 2.49 -11.03 -18.91
CA GLU B 239 1.43 -10.05 -18.80
C GLU B 239 0.32 -10.39 -19.78
N ASP B 240 -0.92 -10.38 -19.30
CA ASP B 240 -2.08 -10.70 -20.14
C ASP B 240 -2.56 -9.52 -20.97
N LEU B 241 -2.03 -8.32 -20.73
CA LEU B 241 -2.45 -7.17 -21.53
C LEU B 241 -2.04 -7.33 -22.98
N VAL B 242 -0.82 -7.84 -23.23
CA VAL B 242 -0.35 -8.01 -24.60
C VAL B 242 -1.16 -9.08 -25.33
N LEU B 243 -1.89 -9.92 -24.61
CA LEU B 243 -2.73 -10.92 -25.26
C LEU B 243 -3.79 -10.26 -26.13
N GLU B 244 -3.90 -10.72 -27.36
CA GLU B 244 -4.86 -10.15 -28.29
C GLU B 244 -6.27 -10.59 -27.93
N GLU B 245 -7.25 -9.91 -28.53
CA GLU B 245 -8.65 -10.21 -28.32
C GLU B 245 -9.30 -10.53 -29.65
N VAL B 246 -10.19 -11.52 -29.66
CA VAL B 246 -10.96 -11.88 -30.83
C VAL B 246 -12.35 -11.25 -30.67
N PRO B 247 -12.69 -10.22 -31.45
CA PRO B 247 -14.00 -9.58 -31.29
C PRO B 247 -15.13 -10.52 -31.69
N ASP B 248 -16.32 -10.23 -31.16
CA ASP B 248 -17.47 -11.12 -31.29
C ASP B 248 -18.60 -10.57 -32.14
N VAL B 249 -18.89 -9.27 -32.05
CA VAL B 249 -20.06 -8.69 -32.69
C VAL B 249 -19.65 -8.01 -33.98
N SER B 250 -20.47 -8.17 -35.00
CA SER B 250 -20.24 -7.59 -36.32
C SER B 250 -21.22 -6.46 -36.58
N TYR B 251 -21.13 -5.88 -37.78
CA TYR B 251 -21.96 -4.74 -38.12
C TYR B 251 -23.45 -5.08 -38.18
N ALA B 252 -23.79 -6.36 -38.33
CA ALA B 252 -25.18 -6.78 -38.28
C ALA B 252 -25.80 -6.58 -36.91
N ASP B 253 -24.99 -6.33 -35.88
CA ASP B 253 -25.48 -6.06 -34.54
C ASP B 253 -25.50 -4.57 -34.22
N ILE B 254 -25.29 -3.72 -35.22
CA ILE B 254 -25.29 -2.27 -35.04
C ILE B 254 -26.39 -1.68 -35.92
N GLY B 255 -27.14 -0.75 -35.38
CA GLY B 255 -28.21 -0.10 -36.11
C GLY B 255 -28.14 1.41 -35.99
N GLY B 256 -28.70 2.07 -37.00
CA GLY B 256 -28.82 3.53 -36.98
C GLY B 256 -27.50 4.25 -36.89
N LEU B 257 -26.48 3.78 -37.59
CA LEU B 257 -25.17 4.42 -37.57
C LEU B 257 -24.52 4.38 -38.96
N SER B 258 -25.33 4.43 -40.01
CA SER B 258 -24.82 4.20 -41.36
C SER B 258 -23.74 5.22 -41.73
N ARG B 259 -24.00 6.49 -41.49
CA ARG B 259 -23.03 7.53 -41.82
C ARG B 259 -21.73 7.33 -41.04
N GLN B 260 -21.85 7.11 -39.72
CA GLN B 260 -20.66 6.97 -38.89
C GLN B 260 -19.93 5.66 -39.18
N ILE B 261 -20.67 4.58 -39.43
CA ILE B 261 -20.02 3.32 -39.73
C ILE B 261 -19.28 3.40 -41.06
N GLU B 262 -19.84 4.12 -42.04
CA GLU B 262 -19.13 4.31 -43.30
C GLU B 262 -17.92 5.22 -43.12
N GLN B 263 -18.03 6.22 -42.24
CA GLN B 263 -16.87 7.06 -41.95
C GLN B 263 -15.74 6.24 -41.35
N ILE B 264 -16.05 5.36 -40.40
CA ILE B 264 -15.02 4.52 -39.81
C ILE B 264 -14.50 3.51 -40.83
N ARG B 265 -15.36 3.04 -41.73
CA ARG B 265 -14.91 2.19 -42.83
C ARG B 265 -13.85 2.91 -43.65
N ASP B 266 -14.12 4.15 -44.04
CA ASP B 266 -13.19 4.91 -44.87
C ASP B 266 -11.90 5.19 -44.11
N ALA B 267 -12.01 5.50 -42.81
CA ALA B 267 -10.85 5.95 -42.05
C ALA B 267 -10.04 4.83 -41.41
N VAL B 268 -10.52 3.59 -41.42
CA VAL B 268 -9.77 2.53 -40.76
C VAL B 268 -9.49 1.35 -41.69
N GLU B 269 -10.55 0.77 -42.25
CA GLU B 269 -10.38 -0.47 -43.00
C GLU B 269 -9.74 -0.24 -44.36
N LEU B 270 -9.99 0.91 -44.98
CA LEU B 270 -9.42 1.18 -46.30
C LEU B 270 -7.90 1.25 -46.29
N PRO B 271 -7.24 1.95 -45.36
CA PRO B 271 -5.77 1.97 -45.39
C PRO B 271 -5.14 0.59 -45.33
N PHE B 272 -5.65 -0.32 -44.50
CA PHE B 272 -5.13 -1.67 -44.47
C PHE B 272 -5.39 -2.41 -45.78
N LEU B 273 -6.59 -2.28 -46.32
CA LEU B 273 -6.94 -3.02 -47.52
C LEU B 273 -6.31 -2.46 -48.78
N HIS B 274 -5.99 -1.17 -48.81
CA HIS B 274 -5.55 -0.50 -50.03
C HIS B 274 -4.34 0.39 -49.77
N LYS B 275 -3.33 -0.17 -49.09
CA LYS B 275 -2.08 0.56 -48.86
C LYS B 275 -1.51 1.11 -50.17
N GLU B 276 -1.53 0.29 -51.23
CA GLU B 276 -0.92 0.69 -52.49
C GLU B 276 -1.64 1.88 -53.12
N LEU B 277 -2.96 1.97 -52.95
CA LEU B 277 -3.68 3.14 -53.47
C LEU B 277 -3.25 4.41 -52.76
N TYR B 278 -3.07 4.34 -51.44
CA TYR B 278 -2.54 5.47 -50.70
C TYR B 278 -1.13 5.82 -51.17
N ARG B 279 -0.31 4.79 -51.43
CA ARG B 279 1.06 5.03 -51.88
C ARG B 279 1.10 5.76 -53.21
N GLU B 280 0.36 5.25 -54.21
CA GLU B 280 0.42 5.88 -55.53
C GLU B 280 -0.17 7.28 -55.51
N TYR B 281 -1.10 7.54 -54.60
CA TYR B 281 -1.69 8.86 -54.43
C TYR B 281 -0.97 9.70 -53.38
N SER B 282 0.04 9.14 -52.72
CA SER B 282 0.86 9.87 -51.75
C SER B 282 0.03 10.49 -50.64
N LEU B 283 -1.05 9.81 -50.25
CA LEU B 283 -1.91 10.27 -49.17
C LEU B 283 -1.57 9.49 -47.91
N ARG B 284 -1.22 10.21 -46.86
CA ARG B 284 -0.90 9.57 -45.58
C ARG B 284 -2.18 9.12 -44.90
N PRO B 285 -2.32 7.82 -44.61
CA PRO B 285 -3.51 7.37 -43.90
C PRO B 285 -3.57 7.95 -42.51
N PRO B 286 -4.77 8.19 -41.97
CA PRO B 286 -4.86 8.72 -40.60
C PRO B 286 -4.29 7.74 -39.60
N LYS B 287 -3.70 8.30 -38.54
CA LYS B 287 -3.05 7.49 -37.51
C LYS B 287 -3.89 7.37 -36.25
N GLY B 288 -4.61 8.42 -35.87
CA GLY B 288 -5.43 8.36 -34.67
C GLY B 288 -6.87 8.77 -34.91
N VAL B 289 -7.80 7.87 -34.61
CA VAL B 289 -9.23 8.13 -34.69
C VAL B 289 -9.78 8.22 -33.28
N LEU B 290 -10.54 9.27 -33.00
CA LEU B 290 -11.08 9.53 -31.67
C LEU B 290 -12.59 9.66 -31.77
N LEU B 291 -13.30 8.60 -31.42
CA LEU B 291 -14.76 8.65 -31.35
C LEU B 291 -15.19 9.47 -30.15
N TYR B 292 -16.44 9.92 -30.19
CA TYR B 292 -17.02 10.64 -29.06
C TYR B 292 -18.52 10.73 -29.24
N GLY B 293 -19.25 10.58 -28.14
CA GLY B 293 -20.69 10.66 -28.14
C GLY B 293 -21.25 10.50 -26.74
N PRO B 294 -22.56 10.70 -26.59
CA PRO B 294 -23.18 10.50 -25.29
C PRO B 294 -23.01 9.07 -24.83
N PRO B 295 -22.91 8.85 -23.52
CA PRO B 295 -22.73 7.48 -23.03
C PRO B 295 -23.91 6.58 -23.41
N GLY B 296 -23.59 5.34 -23.74
CA GLY B 296 -24.61 4.37 -24.12
C GLY B 296 -25.05 4.43 -25.56
N CYS B 297 -24.43 5.27 -26.39
CA CYS B 297 -24.80 5.32 -27.80
C CYS B 297 -24.25 4.14 -28.58
N GLY B 298 -23.11 3.58 -28.18
CA GLY B 298 -22.57 2.43 -28.87
C GLY B 298 -21.17 2.61 -29.42
N LYS B 299 -20.41 3.54 -28.83
CA LYS B 299 -19.05 3.78 -29.29
C LYS B 299 -18.21 2.51 -29.23
N THR B 300 -18.23 1.83 -28.08
CA THR B 300 -17.48 0.59 -27.93
C THR B 300 -17.91 -0.45 -28.96
N LEU B 301 -19.19 -0.44 -29.34
CA LEU B 301 -19.70 -1.47 -30.23
C LEU B 301 -19.03 -1.41 -31.60
N ILE B 302 -19.05 -0.23 -32.22
CA ILE B 302 -18.39 -0.14 -33.53
C ILE B 302 -16.87 -0.16 -33.35
N ALA B 303 -16.38 0.34 -32.22
CA ALA B 303 -14.93 0.31 -31.98
C ALA B 303 -14.38 -1.11 -31.99
N LYS B 304 -15.11 -2.05 -31.39
CA LYS B 304 -14.69 -3.44 -31.36
C LYS B 304 -15.38 -4.28 -32.43
N ALA B 305 -16.23 -3.68 -33.27
CA ALA B 305 -16.76 -4.36 -34.44
C ALA B 305 -15.98 -4.08 -35.71
N VAL B 306 -15.23 -2.96 -35.75
CA VAL B 306 -14.37 -2.73 -36.90
C VAL B 306 -13.30 -3.82 -36.97
N ALA B 307 -12.93 -4.38 -35.83
CA ALA B 307 -11.98 -5.49 -35.83
C ALA B 307 -12.59 -6.74 -36.48
N ASN B 308 -13.86 -7.03 -36.18
CA ASN B 308 -14.54 -8.11 -36.90
C ASN B 308 -14.64 -7.84 -38.39
N SER B 309 -14.92 -6.59 -38.75
CA SER B 309 -14.96 -6.25 -40.17
C SER B 309 -13.62 -6.50 -40.84
N LEU B 310 -12.53 -6.11 -40.17
CA LEU B 310 -11.19 -6.36 -40.71
C LEU B 310 -10.91 -7.85 -40.82
N ALA B 311 -11.29 -8.62 -39.79
CA ALA B 311 -11.05 -10.06 -39.82
C ALA B 311 -11.79 -10.70 -40.99
N LYS B 312 -13.04 -10.32 -41.21
CA LYS B 312 -13.78 -10.83 -42.36
C LYS B 312 -13.24 -10.28 -43.67
N LYS B 313 -12.57 -9.13 -43.64
CA LYS B 313 -11.99 -8.54 -44.86
C LYS B 313 -10.54 -9.00 -45.00
N MET B 314 -10.39 -10.30 -45.30
CA MET B 314 -9.08 -10.90 -45.53
C MET B 314 -9.22 -11.84 -46.73
N ALA B 315 -8.91 -11.31 -47.92
CA ALA B 315 -9.01 -12.07 -49.15
C ALA B 315 -7.70 -12.75 -49.48
N LYS B 326 -5.80 -12.03 -41.43
CA LYS B 326 -5.38 -12.15 -40.04
C LYS B 326 -5.34 -10.79 -39.35
N SER B 327 -6.50 -10.33 -38.89
CA SER B 327 -6.57 -9.10 -38.12
C SER B 327 -6.33 -9.40 -36.64
N TYR B 328 -5.86 -8.39 -35.92
CA TYR B 328 -5.48 -8.55 -34.52
C TYR B 328 -5.89 -7.31 -33.75
N PHE B 329 -6.66 -7.50 -32.68
CA PHE B 329 -7.21 -6.42 -31.89
C PHE B 329 -6.76 -6.57 -30.45
N LEU B 330 -6.52 -5.45 -29.78
CA LEU B 330 -6.04 -5.44 -28.41
C LEU B 330 -6.75 -4.35 -27.63
N ASN B 331 -7.68 -4.74 -26.77
CA ASN B 331 -8.49 -3.80 -26.01
C ASN B 331 -7.76 -3.37 -24.75
N ILE B 332 -7.99 -2.12 -24.35
CA ILE B 332 -7.46 -1.57 -23.10
C ILE B 332 -8.56 -0.73 -22.44
N LYS B 333 -8.70 -0.89 -21.12
CA LYS B 333 -9.69 -0.14 -20.36
C LYS B 333 -9.00 0.79 -19.37
N GLY B 334 -9.63 1.94 -19.13
CA GLY B 334 -9.13 2.93 -18.21
C GLY B 334 -8.99 2.45 -16.78
N PRO B 335 -10.05 1.87 -16.21
CA PRO B 335 -9.92 1.27 -14.88
C PRO B 335 -8.90 0.14 -14.84
N GLU B 336 -8.73 -0.60 -15.94
CA GLU B 336 -7.71 -1.64 -15.99
C GLU B 336 -6.31 -1.04 -15.84
N LEU B 337 -6.05 0.10 -16.49
CA LEU B 337 -4.77 0.77 -16.41
C LEU B 337 -4.82 2.03 -15.56
N LEU B 338 -5.62 2.01 -14.49
CA LEU B 338 -5.61 3.09 -13.51
C LEU B 338 -5.14 2.57 -12.17
N ASN B 339 -4.12 1.72 -12.18
CA ASN B 339 -3.56 1.17 -10.95
C ASN B 339 -2.03 1.19 -10.99
N GLY B 343 3.46 -0.99 -8.26
CA GLY B 343 3.85 -0.17 -9.38
C GLY B 343 2.74 0.77 -9.86
N GLU B 344 3.01 1.50 -10.93
CA GLU B 344 2.07 2.44 -11.50
C GLU B 344 1.72 2.01 -12.93
N THR B 345 0.86 2.81 -13.57
CA THR B 345 0.25 2.42 -14.84
C THR B 345 1.20 2.55 -16.01
N GLU B 346 2.23 3.40 -15.90
CA GLU B 346 3.09 3.72 -17.02
C GLU B 346 3.96 2.55 -17.45
N ARG B 347 3.92 1.46 -16.70
CA ARG B 347 4.67 0.27 -17.09
C ARG B 347 4.14 -0.33 -18.38
N HIS B 348 2.83 -0.54 -18.47
CA HIS B 348 2.25 -1.32 -19.54
C HIS B 348 2.13 -0.58 -20.87
N ILE B 349 2.21 0.75 -20.89
CA ILE B 349 2.04 1.47 -22.14
C ILE B 349 3.15 1.12 -23.12
N ARG B 350 4.40 1.11 -22.64
CA ARG B 350 5.52 0.75 -23.50
C ARG B 350 5.40 -0.70 -23.94
N LEU B 351 4.98 -1.59 -23.04
CA LEU B 351 4.85 -3.01 -23.39
C LEU B 351 3.81 -3.23 -24.47
N ILE B 352 2.64 -2.61 -24.32
CA ILE B 352 1.58 -2.80 -25.32
C ILE B 352 1.98 -2.18 -26.65
N PHE B 353 2.62 -1.01 -26.62
CA PHE B 353 3.05 -0.40 -27.87
C PHE B 353 4.10 -1.24 -28.56
N GLN B 354 5.06 -1.78 -27.81
CA GLN B 354 6.08 -2.65 -28.41
C GLN B 354 5.48 -3.92 -28.97
N ARG B 355 4.51 -4.52 -28.25
CA ARG B 355 3.85 -5.71 -28.76
C ARG B 355 3.11 -5.41 -30.04
N ALA B 356 2.43 -4.27 -30.11
CA ALA B 356 1.77 -3.85 -31.34
C ALA B 356 2.78 -3.66 -32.46
N ARG B 357 3.93 -3.05 -32.15
CA ARG B 357 4.96 -2.84 -33.16
C ARG B 357 5.46 -4.16 -33.70
N GLU B 358 5.67 -5.14 -32.82
CA GLU B 358 6.10 -6.46 -33.27
C GLU B 358 5.05 -7.12 -34.14
N LYS B 359 3.78 -7.09 -33.69
CA LYS B 359 2.70 -7.72 -34.45
C LYS B 359 2.40 -6.98 -35.75
N ALA B 360 2.89 -5.76 -35.89
CA ALA B 360 2.70 -4.99 -37.11
C ALA B 360 3.85 -5.13 -38.10
N SER B 361 5.08 -5.22 -37.60
CA SER B 361 6.24 -5.36 -38.47
C SER B 361 6.19 -6.62 -39.31
N GLU B 362 5.44 -7.63 -38.88
CA GLU B 362 5.30 -8.86 -39.65
C GLU B 362 4.49 -8.68 -40.93
N GLY B 363 3.87 -7.51 -41.12
CA GLY B 363 3.08 -7.26 -42.29
C GLY B 363 1.58 -7.51 -42.15
N THR B 364 1.09 -7.66 -40.92
CA THR B 364 -0.31 -7.92 -40.68
C THR B 364 -0.98 -6.69 -40.06
N PRO B 365 -2.26 -6.47 -40.36
CA PRO B 365 -2.98 -5.37 -39.72
C PRO B 365 -3.13 -5.59 -38.23
N VAL B 366 -3.12 -4.49 -37.47
CA VAL B 366 -3.26 -4.55 -36.02
C VAL B 366 -3.82 -3.22 -35.55
N ILE B 367 -4.67 -3.28 -34.52
CA ILE B 367 -5.27 -2.09 -33.92
C ILE B 367 -5.07 -2.14 -32.41
N VAL B 368 -4.62 -1.03 -31.85
CA VAL B 368 -4.62 -0.83 -30.40
C VAL B 368 -5.78 0.10 -30.06
N PHE B 369 -6.56 -0.25 -29.05
CA PHE B 369 -7.78 0.46 -28.72
C PHE B 369 -7.68 1.00 -27.30
N PHE B 370 -7.93 2.29 -27.14
CA PHE B 370 -7.90 2.96 -25.85
C PHE B 370 -9.32 3.44 -25.54
N ASP B 371 -9.98 2.80 -24.58
CA ASP B 371 -11.34 3.12 -24.21
C ASP B 371 -11.34 3.96 -22.94
N GLU B 372 -12.25 4.94 -22.89
CA GLU B 372 -12.35 5.88 -21.77
C GLU B 372 -11.04 6.65 -21.57
N MET B 373 -10.75 7.52 -22.54
CA MET B 373 -9.61 8.42 -22.48
C MET B 373 -9.59 9.28 -21.23
N ASP B 374 -10.67 9.27 -20.46
CA ASP B 374 -10.72 10.05 -19.22
C ASP B 374 -9.64 9.62 -18.23
N SER B 375 -9.09 8.41 -18.38
CA SER B 375 -7.94 8.02 -17.59
C SER B 375 -6.74 8.91 -17.88
N ILE B 376 -6.66 9.46 -19.08
CA ILE B 376 -5.61 10.42 -19.44
C ILE B 376 -6.15 11.82 -19.24
N PHE B 377 -5.62 12.53 -18.24
CA PHE B 377 -6.01 13.90 -17.94
C PHE B 377 -7.51 14.04 -17.73
N VAL B 392 0.62 8.84 -17.42
CA VAL B 392 0.61 10.27 -17.68
C VAL B 392 0.81 10.50 -19.17
N VAL B 393 0.34 11.66 -19.65
CA VAL B 393 0.25 11.88 -21.11
C VAL B 393 1.60 11.92 -21.82
N PRO B 394 2.63 12.64 -21.33
CA PRO B 394 3.79 12.92 -22.20
C PRO B 394 4.47 11.68 -22.76
N GLN B 395 4.57 10.60 -22.00
CA GLN B 395 5.16 9.38 -22.53
C GLN B 395 4.32 8.83 -23.67
N LEU B 396 2.98 8.84 -23.51
CA LEU B 396 2.11 8.40 -24.58
C LEU B 396 2.24 9.30 -25.80
N LEU B 397 2.41 10.61 -25.58
CA LEU B 397 2.59 11.54 -26.69
C LEU B 397 3.88 11.22 -27.46
N SER B 398 4.96 10.98 -26.73
CA SER B 398 6.22 10.61 -27.38
C SER B 398 6.08 9.31 -28.16
N GLU B 399 5.40 8.32 -27.56
CA GLU B 399 5.24 7.04 -28.25
C GLU B 399 4.38 7.19 -29.50
N ILE B 400 3.31 7.99 -29.43
CA ILE B 400 2.45 8.14 -30.59
C ILE B 400 3.14 8.97 -31.68
N ASP B 401 4.03 9.89 -31.28
CA ASP B 401 4.81 10.59 -32.30
C ASP B 401 5.88 9.71 -32.91
N GLY B 402 6.35 8.70 -32.17
CA GLY B 402 7.22 7.69 -32.76
C GLY B 402 6.51 6.63 -33.55
N VAL B 403 5.19 6.51 -33.37
CA VAL B 403 4.38 5.54 -34.12
C VAL B 403 4.53 5.72 -35.63
N GLU B 404 4.91 6.91 -36.09
CA GLU B 404 5.12 7.13 -37.52
C GLU B 404 6.19 6.21 -38.09
N GLY B 405 7.07 5.66 -37.24
CA GLY B 405 7.96 4.61 -37.70
C GLY B 405 7.22 3.37 -38.17
N LEU B 406 5.97 3.22 -37.74
CA LEU B 406 5.07 2.17 -38.23
C LEU B 406 4.07 2.76 -39.21
N GLU B 407 3.51 1.88 -40.05
CA GLU B 407 2.60 2.33 -41.09
C GLU B 407 1.32 1.50 -41.20
N ASN B 408 1.14 0.48 -40.37
CA ASN B 408 -0.05 -0.37 -40.43
C ASN B 408 -0.63 -0.60 -39.05
N VAL B 409 -0.76 0.46 -38.25
CA VAL B 409 -1.42 0.38 -36.96
C VAL B 409 -2.12 1.71 -36.69
N ILE B 410 -3.31 1.63 -36.11
CA ILE B 410 -4.07 2.81 -35.71
C ILE B 410 -4.47 2.67 -34.26
N VAL B 411 -4.21 3.71 -33.48
CA VAL B 411 -4.76 3.83 -32.13
C VAL B 411 -6.15 4.45 -32.25
N ILE B 412 -7.14 3.83 -31.61
CA ILE B 412 -8.53 4.27 -31.70
C ILE B 412 -8.98 4.69 -30.31
N GLY B 413 -9.45 5.93 -30.20
CA GLY B 413 -9.92 6.43 -28.93
C GLY B 413 -11.42 6.29 -28.77
N ALA B 414 -11.89 6.61 -27.56
CA ALA B 414 -13.30 6.61 -27.24
C ALA B 414 -13.51 7.28 -25.88
N SER B 415 -14.47 8.19 -25.79
CA SER B 415 -14.68 8.92 -24.56
C SER B 415 -16.10 9.46 -24.52
N ASN B 416 -16.56 9.76 -23.30
CA ASN B 416 -17.81 10.48 -23.10
C ASN B 416 -17.59 11.96 -22.89
N ARG B 417 -16.36 12.38 -22.62
CA ARG B 417 -16.03 13.78 -22.33
C ARG B 417 -14.93 14.23 -23.26
N GLU B 418 -15.28 15.05 -24.25
CA GLU B 418 -14.25 15.66 -25.10
C GLU B 418 -13.35 16.60 -24.30
N ASP B 419 -13.94 17.38 -23.41
CA ASP B 419 -13.19 18.41 -22.70
C ASP B 419 -12.10 17.80 -21.81
N MET B 420 -12.45 16.77 -21.04
CA MET B 420 -11.54 16.25 -20.04
C MET B 420 -10.30 15.60 -20.65
N ILE B 421 -10.33 15.25 -21.93
CA ILE B 421 -9.14 14.72 -22.58
C ILE B 421 -8.11 15.82 -22.74
N ASP B 422 -6.84 15.46 -22.65
CA ASP B 422 -5.77 16.42 -22.86
C ASP B 422 -5.78 16.87 -24.32
N PRO B 423 -5.89 18.16 -24.60
CA PRO B 423 -6.01 18.60 -26.01
C PRO B 423 -4.78 18.27 -26.85
N ALA B 424 -3.62 18.05 -26.23
CA ALA B 424 -2.43 17.69 -27.00
C ALA B 424 -2.65 16.42 -27.81
N ILE B 425 -3.43 15.47 -27.27
CA ILE B 425 -3.80 14.28 -28.03
C ILE B 425 -4.65 14.66 -29.22
N LEU B 426 -5.61 15.58 -29.03
CA LEU B 426 -6.54 15.95 -30.09
C LEU B 426 -5.91 16.79 -31.18
N ARG B 427 -4.69 17.28 -30.97
CA ARG B 427 -4.02 18.07 -32.00
C ARG B 427 -3.79 17.23 -33.24
N PRO B 428 -4.12 17.72 -34.43
CA PRO B 428 -3.92 16.92 -35.64
C PRO B 428 -2.47 16.51 -35.82
N GLY B 429 -2.28 15.28 -36.33
CA GLY B 429 -0.97 14.65 -36.43
C GLY B 429 -0.86 13.40 -35.58
N ARG B 430 -1.56 13.36 -34.44
CA ARG B 430 -1.56 12.19 -33.57
C ARG B 430 -2.94 11.54 -33.51
N LEU B 431 -3.97 12.29 -33.14
CA LEU B 431 -5.36 11.86 -33.18
C LEU B 431 -6.10 12.86 -34.06
N ASP B 432 -6.31 12.52 -35.33
CA ASP B 432 -6.76 13.48 -36.33
C ASP B 432 -8.27 13.40 -36.57
N VAL B 433 -8.76 12.23 -36.98
CA VAL B 433 -10.15 12.11 -37.39
C VAL B 433 -11.03 12.02 -36.15
N LYS B 434 -12.05 12.88 -36.10
CA LYS B 434 -13.07 12.84 -35.06
C LYS B 434 -14.39 12.41 -35.68
N ILE B 435 -15.10 11.52 -35.00
CA ILE B 435 -16.38 11.02 -35.46
C ILE B 435 -17.39 11.16 -34.32
N LYS B 436 -18.51 11.83 -34.59
CA LYS B 436 -19.56 11.99 -33.61
C LYS B 436 -20.55 10.85 -33.75
N ILE B 437 -20.93 10.26 -32.61
CA ILE B 437 -21.97 9.26 -32.55
C ILE B 437 -23.17 9.88 -31.85
N GLU B 438 -24.32 9.82 -32.50
CA GLU B 438 -25.50 10.58 -32.09
C GLU B 438 -26.50 9.68 -31.40
N ARG B 439 -27.24 10.26 -30.46
CA ARG B 439 -28.34 9.55 -29.84
C ARG B 439 -29.38 9.22 -30.91
N PRO B 440 -29.85 7.98 -30.98
CA PRO B 440 -30.71 7.58 -32.10
C PRO B 440 -31.97 8.44 -32.19
N ASP B 441 -32.36 8.74 -33.42
CA ASP B 441 -33.56 9.51 -33.68
C ASP B 441 -34.75 8.57 -33.82
N ALA B 442 -35.89 9.09 -34.30
CA ALA B 442 -37.05 8.24 -34.52
C ALA B 442 -36.76 7.17 -35.56
N GLU B 443 -36.05 7.53 -36.63
CA GLU B 443 -35.76 6.55 -37.69
C GLU B 443 -34.87 5.42 -37.17
N ALA B 444 -33.80 5.77 -36.45
CA ALA B 444 -32.90 4.76 -35.93
C ALA B 444 -33.55 3.88 -34.88
N ALA B 445 -34.65 4.33 -34.28
CA ALA B 445 -35.30 3.57 -33.22
C ALA B 445 -35.71 2.18 -33.70
N GLN B 446 -36.59 2.11 -34.71
CA GLN B 446 -37.04 0.82 -35.18
C GLN B 446 -35.90 -0.01 -35.75
N ASP B 447 -34.91 0.66 -36.35
CA ASP B 447 -33.78 -0.07 -36.91
C ASP B 447 -33.02 -0.82 -35.81
N ILE B 448 -32.72 -0.13 -34.71
CA ILE B 448 -31.99 -0.79 -33.62
C ILE B 448 -32.89 -1.79 -32.89
N TYR B 449 -34.19 -1.50 -32.78
CA TYR B 449 -35.09 -2.45 -32.14
C TYR B 449 -35.15 -3.77 -32.91
N SER B 450 -35.22 -3.70 -34.24
CA SER B 450 -35.28 -4.91 -35.05
C SER B 450 -34.07 -5.80 -34.80
N LYS B 451 -32.92 -5.20 -34.48
CA LYS B 451 -31.74 -5.99 -34.15
C LYS B 451 -31.98 -6.85 -32.91
N TYR B 452 -32.59 -6.26 -31.88
CA TYR B 452 -32.92 -7.02 -30.69
C TYR B 452 -34.23 -7.80 -30.86
N LEU B 453 -35.19 -7.22 -31.58
CA LEU B 453 -36.48 -7.87 -31.80
C LEU B 453 -36.41 -8.68 -33.08
N THR B 454 -35.78 -9.85 -32.98
CA THR B 454 -35.73 -10.77 -34.10
C THR B 454 -37.01 -11.61 -34.16
N GLU B 455 -37.18 -12.32 -35.27
CA GLU B 455 -38.27 -13.28 -35.38
C GLU B 455 -38.04 -14.53 -34.54
N PHE B 456 -36.82 -14.74 -34.04
CA PHE B 456 -36.52 -15.93 -33.26
C PHE B 456 -37.33 -15.97 -31.97
N LEU B 457 -37.47 -14.83 -31.29
CA LEU B 457 -38.16 -14.81 -30.02
C LEU B 457 -39.63 -15.16 -30.19
N PRO B 458 -40.20 -15.93 -29.27
CA PRO B 458 -41.61 -16.32 -29.41
C PRO B 458 -42.53 -15.11 -29.32
N VAL B 459 -43.65 -15.20 -30.04
CA VAL B 459 -44.68 -14.17 -30.05
C VAL B 459 -46.03 -14.84 -29.86
N HIS B 460 -46.91 -14.18 -29.11
CA HIS B 460 -48.21 -14.76 -28.82
C HIS B 460 -49.03 -14.94 -30.09
N ALA B 461 -49.77 -16.05 -30.15
CA ALA B 461 -50.49 -16.41 -31.36
C ALA B 461 -51.57 -15.40 -31.73
N ASP B 462 -52.07 -14.61 -30.76
CA ASP B 462 -53.02 -13.57 -31.09
C ASP B 462 -52.41 -12.52 -32.00
N ASP B 463 -51.17 -12.12 -31.71
CA ASP B 463 -50.48 -11.16 -32.57
C ASP B 463 -50.25 -11.74 -33.96
N LEU B 464 -49.93 -13.03 -34.04
CA LEU B 464 -49.77 -13.68 -35.33
C LEU B 464 -51.07 -13.66 -36.12
N ALA B 465 -52.19 -13.98 -35.46
CA ALA B 465 -53.49 -13.93 -36.12
C ALA B 465 -53.85 -12.51 -36.52
N GLU B 466 -53.34 -11.52 -35.80
CA GLU B 466 -53.62 -10.12 -36.14
C GLU B 466 -53.12 -9.77 -37.52
N PHE B 467 -52.09 -10.45 -38.01
CA PHE B 467 -51.60 -10.31 -39.37
C PHE B 467 -51.41 -11.67 -40.03
N ASP B 468 -52.32 -12.60 -39.72
CA ASP B 468 -52.40 -13.90 -40.42
C ASP B 468 -51.09 -14.68 -40.33
N GLY B 469 -50.46 -14.65 -39.15
CA GLY B 469 -49.28 -15.47 -38.93
C GLY B 469 -48.01 -15.00 -39.60
N ASP B 470 -47.99 -13.78 -40.13
CA ASP B 470 -46.79 -13.24 -40.75
C ASP B 470 -45.94 -12.62 -39.64
N ARG B 471 -44.87 -13.34 -39.27
CA ARG B 471 -43.99 -12.85 -38.21
C ARG B 471 -43.34 -11.53 -38.60
N SER B 472 -42.85 -11.43 -39.84
CA SER B 472 -42.13 -10.23 -40.26
C SER B 472 -43.04 -9.00 -40.26
N ALA B 473 -44.22 -9.11 -40.87
CA ALA B 473 -45.12 -7.96 -40.95
C ALA B 473 -45.59 -7.55 -39.57
N CYS B 474 -45.99 -8.52 -38.74
CA CYS B 474 -46.48 -8.18 -37.41
C CYS B 474 -45.38 -7.56 -36.55
N ILE B 475 -44.16 -8.11 -36.62
CA ILE B 475 -43.10 -7.55 -35.81
C ILE B 475 -42.72 -6.15 -36.29
N LYS B 476 -42.76 -5.93 -37.61
CA LYS B 476 -42.50 -4.58 -38.11
C LYS B 476 -43.57 -3.61 -37.62
N ALA B 477 -44.83 -4.02 -37.66
CA ALA B 477 -45.91 -3.14 -37.20
C ALA B 477 -45.75 -2.84 -35.70
N MET B 478 -45.43 -3.85 -34.90
CA MET B 478 -45.35 -3.63 -33.46
C MET B 478 -44.13 -2.78 -33.10
N ILE B 479 -43.00 -2.98 -33.79
CA ILE B 479 -41.84 -2.14 -33.51
C ILE B 479 -42.11 -0.71 -33.94
N GLU B 480 -42.82 -0.52 -35.06
CA GLU B 480 -43.20 0.83 -35.45
C GLU B 480 -44.09 1.47 -34.39
N LYS B 481 -45.07 0.72 -33.89
CA LYS B 481 -45.95 1.25 -32.86
C LYS B 481 -45.19 1.63 -31.60
N VAL B 482 -44.28 0.77 -31.15
CA VAL B 482 -43.58 1.03 -29.89
C VAL B 482 -42.61 2.20 -30.05
N VAL B 483 -41.92 2.30 -31.19
CA VAL B 483 -41.02 3.43 -31.37
C VAL B 483 -41.81 4.72 -31.50
N ASP B 484 -42.98 4.68 -32.13
CA ASP B 484 -43.83 5.87 -32.18
C ASP B 484 -44.25 6.30 -30.78
N ARG B 485 -44.72 5.35 -29.97
CA ARG B 485 -45.17 5.69 -28.62
C ARG B 485 -44.02 6.23 -27.77
N MET B 486 -42.88 5.55 -27.79
CA MET B 486 -41.77 5.98 -26.96
C MET B 486 -41.20 7.32 -27.43
N TYR B 487 -41.27 7.58 -28.73
CA TYR B 487 -40.87 8.87 -29.29
C TYR B 487 -42.03 9.87 -29.36
N ALA B 488 -43.22 9.47 -28.95
CA ALA B 488 -44.35 10.40 -28.92
C ALA B 488 -44.17 11.41 -27.80
N GLU B 489 -44.73 12.60 -28.01
CA GLU B 489 -44.64 13.68 -27.03
C GLU B 489 -45.85 13.67 -26.09
N ILE B 490 -46.12 12.53 -25.48
CA ILE B 490 -47.22 12.38 -24.54
C ILE B 490 -46.80 12.96 -23.20
N ASP B 491 -47.76 13.15 -22.29
CA ASP B 491 -47.45 13.76 -21.01
C ASP B 491 -46.46 12.92 -20.20
N ASP B 492 -46.56 11.60 -20.30
CA ASP B 492 -45.63 10.74 -19.56
C ASP B 492 -44.19 10.95 -20.03
N ASN B 493 -44.00 11.12 -21.34
CA ASN B 493 -42.66 11.29 -21.88
C ASN B 493 -42.02 12.63 -21.54
N ARG B 494 -42.78 13.56 -20.97
CA ARG B 494 -42.21 14.84 -20.56
C ARG B 494 -41.09 14.61 -19.56
N PHE B 495 -39.88 15.10 -19.89
CA PHE B 495 -38.72 14.85 -19.04
C PHE B 495 -38.16 16.11 -18.42
N LEU B 496 -37.77 17.11 -19.22
CA LEU B 496 -36.93 18.18 -18.71
C LEU B 496 -37.54 19.55 -18.98
N GLU B 497 -37.42 20.44 -18.01
CA GLU B 497 -37.80 21.84 -18.13
C GLU B 497 -36.54 22.69 -18.08
N VAL B 498 -36.28 23.44 -19.14
CA VAL B 498 -35.08 24.26 -19.26
C VAL B 498 -35.35 25.65 -18.72
N THR B 499 -34.40 26.18 -17.96
CA THR B 499 -34.45 27.56 -17.47
C THR B 499 -33.25 28.28 -18.09
N TYR B 500 -33.47 28.85 -19.27
CA TYR B 500 -32.41 29.54 -19.99
C TYR B 500 -31.98 30.79 -19.22
N ALA B 501 -30.89 31.40 -19.70
CA ALA B 501 -30.42 32.64 -19.08
C ALA B 501 -31.45 33.75 -19.22
N ASN B 502 -32.24 33.74 -20.29
CA ASN B 502 -33.37 34.65 -20.45
C ASN B 502 -34.67 34.07 -19.92
N GLY B 503 -34.63 32.88 -19.33
CA GLY B 503 -35.82 32.28 -18.73
C GLY B 503 -36.70 31.48 -19.66
N ASP B 504 -36.27 31.23 -20.89
CA ASP B 504 -37.08 30.45 -21.82
C ASP B 504 -37.29 29.03 -21.29
N LYS B 505 -38.53 28.57 -21.35
CA LYS B 505 -38.92 27.27 -20.81
C LYS B 505 -39.37 26.36 -21.93
N GLU B 506 -38.84 25.13 -21.96
CA GLU B 506 -39.26 24.11 -22.90
C GLU B 506 -39.35 22.78 -22.17
N VAL B 507 -40.41 22.02 -22.45
CA VAL B 507 -40.63 20.72 -21.84
C VAL B 507 -40.00 19.68 -22.75
N MET B 508 -38.78 19.26 -22.44
CA MET B 508 -38.12 18.23 -23.22
C MET B 508 -38.66 16.85 -22.84
N TYR B 509 -38.28 15.86 -23.62
CA TYR B 509 -38.76 14.49 -23.45
C TYR B 509 -37.58 13.54 -23.40
N PHE B 510 -37.86 12.32 -22.93
CA PHE B 510 -36.86 11.26 -23.00
C PHE B 510 -36.49 10.96 -24.44
N LYS B 511 -37.40 11.23 -25.38
CA LYS B 511 -37.14 11.02 -26.80
C LYS B 511 -35.98 11.86 -27.30
N ASP B 512 -35.61 12.91 -26.57
CA ASP B 512 -34.43 13.70 -26.92
C ASP B 512 -33.19 13.31 -26.12
N PHE B 513 -33.36 12.61 -25.00
CA PHE B 513 -32.25 12.09 -24.21
C PHE B 513 -32.18 10.57 -24.25
N ASN B 514 -32.70 9.95 -25.31
CA ASN B 514 -32.63 8.51 -25.49
C ASN B 514 -31.18 8.08 -25.76
N SER B 515 -30.92 6.79 -25.60
CA SER B 515 -29.63 6.21 -25.91
C SER B 515 -29.81 4.72 -26.17
N GLY B 516 -28.76 4.10 -26.72
CA GLY B 516 -28.84 2.68 -27.05
C GLY B 516 -28.96 1.80 -25.83
N ALA B 517 -28.20 2.10 -24.77
CA ALA B 517 -28.32 1.33 -23.54
C ALA B 517 -29.73 1.40 -22.97
N MET B 518 -30.41 2.52 -23.14
CA MET B 518 -31.81 2.61 -22.73
C MET B 518 -32.67 1.64 -23.51
N ILE B 519 -32.40 1.51 -24.82
CA ILE B 519 -33.13 0.55 -25.64
C ILE B 519 -32.85 -0.87 -25.15
N GLN B 520 -31.59 -1.16 -24.81
CA GLN B 520 -31.24 -2.48 -24.28
C GLN B 520 -32.01 -2.78 -23.01
N ASN B 521 -32.01 -1.84 -22.06
CA ASN B 521 -32.73 -2.05 -20.81
C ASN B 521 -34.23 -2.20 -21.05
N VAL B 522 -34.77 -1.42 -21.99
CA VAL B 522 -36.20 -1.48 -22.28
C VAL B 522 -36.57 -2.85 -22.83
N VAL B 523 -35.81 -3.35 -23.79
CA VAL B 523 -36.13 -4.66 -24.35
C VAL B 523 -35.91 -5.76 -23.31
N ASP B 524 -34.90 -5.62 -22.44
CA ASP B 524 -34.69 -6.60 -21.39
C ASP B 524 -35.89 -6.66 -20.45
N ARG B 525 -36.36 -5.48 -19.98
CA ARG B 525 -37.53 -5.46 -19.13
C ARG B 525 -38.76 -5.99 -19.84
N ALA B 526 -38.89 -5.71 -21.14
CA ALA B 526 -40.02 -6.25 -21.89
C ALA B 526 -39.97 -7.78 -21.90
N LYS B 527 -38.80 -8.35 -22.14
CA LYS B 527 -38.67 -9.80 -22.12
C LYS B 527 -38.98 -10.36 -20.73
N LYS B 528 -38.54 -9.67 -19.69
CA LYS B 528 -38.79 -10.15 -18.33
C LYS B 528 -40.28 -10.14 -18.02
N ASN B 529 -40.98 -9.06 -18.37
CA ASN B 529 -42.41 -9.00 -18.16
C ASN B 529 -43.12 -10.07 -18.97
N ALA B 530 -42.69 -10.27 -20.23
CA ALA B 530 -43.32 -11.29 -21.06
C ALA B 530 -43.13 -12.68 -20.48
N ILE B 531 -41.93 -13.01 -20.00
CA ILE B 531 -41.68 -14.34 -19.47
C ILE B 531 -42.45 -14.54 -18.16
N LYS B 532 -42.55 -13.49 -17.34
CA LYS B 532 -43.37 -13.59 -16.14
C LYS B 532 -44.84 -13.86 -16.50
N SER B 533 -45.34 -13.16 -17.51
CA SER B 533 -46.72 -13.39 -17.95
C SER B 533 -46.91 -14.81 -18.46
N VAL B 534 -45.93 -15.32 -19.23
CA VAL B 534 -46.02 -16.67 -19.74
C VAL B 534 -46.05 -17.68 -18.58
N LEU B 535 -45.17 -17.48 -17.60
CA LEU B 535 -45.13 -18.41 -16.47
C LEU B 535 -46.44 -18.38 -15.69
N GLU B 536 -46.95 -17.19 -15.39
CA GLU B 536 -48.13 -17.09 -14.53
C GLU B 536 -49.38 -17.56 -15.25
N THR B 537 -49.59 -17.11 -16.48
CA THR B 537 -50.84 -17.38 -17.20
C THR B 537 -50.78 -18.65 -18.03
N GLY B 538 -49.63 -18.95 -18.64
CA GLY B 538 -49.49 -20.18 -19.39
C GLY B 538 -49.22 -20.01 -20.87
N GLN B 539 -49.89 -19.06 -21.50
CA GLN B 539 -49.70 -18.85 -22.94
C GLN B 539 -48.31 -18.29 -23.21
N PRO B 540 -47.58 -18.84 -24.18
CA PRO B 540 -46.25 -18.32 -24.50
C PRO B 540 -46.28 -17.27 -25.60
N GLY B 541 -45.22 -16.46 -25.63
CA GLY B 541 -45.04 -15.48 -26.66
C GLY B 541 -44.72 -14.13 -26.08
N LEU B 542 -44.96 -13.09 -26.88
CA LEU B 542 -44.71 -11.71 -26.50
C LEU B 542 -45.85 -10.85 -27.01
N ARG B 543 -46.10 -9.73 -26.33
CA ARG B 543 -47.19 -8.84 -26.69
C ARG B 543 -46.73 -7.38 -26.60
N ILE B 544 -47.45 -6.53 -27.34
CA ILE B 544 -47.10 -5.11 -27.43
C ILE B 544 -47.24 -4.44 -26.07
N GLN B 545 -48.26 -4.83 -25.30
CA GLN B 545 -48.51 -4.19 -24.01
C GLN B 545 -47.33 -4.37 -23.06
N HIS B 546 -46.58 -5.46 -23.20
CA HIS B 546 -45.37 -5.63 -22.39
C HIS B 546 -44.39 -4.48 -22.62
N LEU B 547 -44.10 -4.19 -23.89
CA LEU B 547 -43.23 -3.06 -24.22
C LEU B 547 -43.85 -1.74 -23.78
N LEU B 548 -45.17 -1.61 -23.93
CA LEU B 548 -45.83 -0.37 -23.53
C LEU B 548 -45.68 -0.10 -22.04
N ASP B 549 -45.74 -1.16 -21.23
CA ASP B 549 -45.53 -0.99 -19.79
C ASP B 549 -44.06 -0.75 -19.47
N SER B 550 -43.17 -1.48 -20.15
CA SER B 550 -41.74 -1.37 -19.86
C SER B 550 -41.22 0.03 -20.18
N ILE B 551 -41.65 0.61 -21.30
CA ILE B 551 -41.14 1.92 -21.69
C ILE B 551 -41.57 2.99 -20.69
N VAL B 552 -42.82 2.96 -20.25
CA VAL B 552 -43.26 3.98 -19.29
C VAL B 552 -42.60 3.74 -17.93
N ASP B 553 -42.36 2.47 -17.57
CA ASP B 553 -41.71 2.21 -16.29
C ASP B 553 -40.27 2.67 -16.29
N GLU B 554 -39.49 2.31 -17.32
CA GLU B 554 -38.04 2.43 -17.27
C GLU B 554 -37.57 3.88 -17.14
N PHE B 555 -38.39 4.85 -17.57
CA PHE B 555 -38.01 6.25 -17.40
C PHE B 555 -37.87 6.60 -15.92
N ALA B 556 -38.78 6.08 -15.09
CA ALA B 556 -38.66 6.29 -13.65
C ALA B 556 -37.40 5.65 -13.10
N GLU B 557 -37.07 4.44 -13.56
CA GLU B 557 -35.87 3.76 -13.09
C GLU B 557 -34.62 4.56 -13.43
N ASN B 558 -34.51 5.01 -14.68
CA ASN B 558 -33.33 5.78 -15.08
C ASN B 558 -33.36 7.23 -14.61
N GLU B 559 -34.48 7.69 -14.06
CA GLU B 559 -34.56 9.07 -13.58
C GLU B 559 -33.59 9.31 -12.42
N ASP B 560 -33.60 8.41 -11.43
CA ASP B 560 -32.62 8.48 -10.35
C ASP B 560 -31.27 7.92 -10.75
N LEU B 561 -31.24 7.04 -11.75
CA LEU B 561 -29.98 6.47 -12.21
C LEU B 561 -29.14 7.55 -12.90
N PRO B 562 -27.81 7.48 -12.76
CA PRO B 562 -26.95 8.54 -13.33
C PRO B 562 -26.86 8.47 -14.84
N ASN B 563 -26.01 9.33 -15.41
CA ASN B 563 -25.82 9.46 -16.86
C ASN B 563 -27.10 9.93 -17.56
N THR B 564 -28.02 10.54 -16.82
CA THR B 564 -29.22 11.13 -17.39
C THR B 564 -29.00 12.55 -17.90
N THR B 565 -27.81 13.11 -17.67
CA THR B 565 -27.48 14.46 -18.13
C THR B 565 -26.04 14.46 -18.63
N ASN B 566 -25.74 15.45 -19.50
CA ASN B 566 -24.41 15.57 -20.05
C ASN B 566 -24.18 17.01 -20.47
N PRO B 567 -22.99 17.58 -20.22
CA PRO B 567 -22.76 18.98 -20.63
C PRO B 567 -22.90 19.20 -22.13
N ASP B 568 -22.53 18.22 -22.95
CA ASP B 568 -22.67 18.38 -24.40
C ASP B 568 -24.13 18.47 -24.80
N ASP B 569 -25.00 17.69 -24.14
CA ASP B 569 -26.43 17.78 -24.42
C ASP B 569 -26.97 19.15 -24.06
N TRP B 570 -26.55 19.69 -22.92
CA TRP B 570 -26.98 21.03 -22.53
C TRP B 570 -26.50 22.08 -23.53
N ALA B 571 -25.25 21.96 -23.98
CA ALA B 571 -24.74 22.90 -24.97
C ALA B 571 -25.50 22.80 -26.28
N ARG B 572 -25.82 21.58 -26.71
CA ARG B 572 -26.55 21.40 -27.96
C ARG B 572 -27.95 21.96 -27.87
N ILE B 573 -28.64 21.74 -26.75
CA ILE B 573 -30.00 22.27 -26.63
C ILE B 573 -29.98 23.79 -26.47
N SER B 574 -28.92 24.34 -25.85
CA SER B 574 -28.85 25.78 -25.65
C SER B 574 -28.33 26.52 -26.88
N GLY B 575 -27.69 25.82 -27.82
CA GLY B 575 -27.20 26.48 -29.02
C GLY B 575 -28.31 27.07 -29.86
N LYS B 576 -29.51 26.47 -29.83
CA LYS B 576 -30.64 27.02 -30.56
C LYS B 576 -31.03 28.39 -30.01
N LYS B 577 -31.01 28.54 -28.69
CA LYS B 577 -31.38 29.80 -28.06
C LYS B 577 -30.17 30.68 -27.76
N GLY B 578 -29.06 30.09 -27.35
CA GLY B 578 -27.86 30.86 -27.04
C GLY B 578 -27.78 31.39 -25.64
N GLU B 579 -28.53 30.82 -24.69
CA GLU B 579 -28.56 31.29 -23.31
C GLU B 579 -28.08 30.19 -22.37
N ARG B 580 -27.31 30.58 -21.36
CA ARG B 580 -26.84 29.64 -20.37
C ARG B 580 -27.99 29.20 -19.47
N ILE B 581 -27.71 28.25 -18.57
CA ILE B 581 -28.70 27.69 -17.68
C ILE B 581 -28.14 27.63 -16.27
N VAL B 582 -28.97 27.92 -15.27
CA VAL B 582 -28.52 27.87 -13.85
C VAL B 582 -29.54 27.04 -13.06
N TYR B 583 -30.73 26.82 -13.62
CA TYR B 583 -31.78 26.06 -12.96
C TYR B 583 -32.21 24.93 -13.87
N ILE B 584 -32.14 23.70 -13.36
CA ILE B 584 -32.57 22.51 -14.09
C ILE B 584 -33.44 21.67 -13.18
N ARG B 585 -34.61 21.28 -13.66
CA ARG B 585 -35.45 20.31 -12.96
C ARG B 585 -36.22 19.49 -13.98
N THR B 586 -36.64 18.31 -13.56
CA THR B 586 -37.29 17.37 -14.46
C THR B 586 -38.81 17.50 -14.40
N LEU B 587 -39.48 16.83 -15.32
CA LEU B 587 -40.94 16.79 -15.35
C LEU B 587 -41.43 15.38 -15.61
N ALA B 595 -43.74 12.36 -11.54
CA ALA B 595 -42.42 12.15 -10.98
C ALA B 595 -41.42 13.16 -11.56
N SER B 596 -40.70 13.84 -10.67
CA SER B 596 -39.73 14.84 -11.08
C SER B 596 -38.65 14.95 -10.00
N ARG B 597 -37.41 15.10 -10.43
CA ARG B 597 -36.28 15.23 -9.52
C ARG B 597 -35.35 16.33 -10.02
N ALA B 598 -34.60 16.91 -9.08
CA ALA B 598 -33.67 17.98 -9.40
C ALA B 598 -32.40 17.42 -10.02
N ILE B 599 -31.62 18.31 -10.64
CA ILE B 599 -30.38 17.96 -11.30
C ILE B 599 -29.30 18.94 -10.86
N ASP B 600 -28.07 18.41 -10.69
CA ASP B 600 -26.96 19.18 -10.14
C ASP B 600 -26.50 20.31 -11.04
N THR B 601 -26.97 20.37 -12.29
CA THR B 601 -26.58 21.39 -13.26
C THR B 601 -25.07 21.38 -13.51
N PRO C 97 56.21 -15.87 -5.57
CA PRO C 97 55.65 -16.57 -4.42
C PRO C 97 54.25 -16.11 -4.05
N PRO C 98 53.45 -16.97 -3.45
CA PRO C 98 52.10 -16.57 -3.02
C PRO C 98 52.18 -15.44 -2.00
N SER C 99 51.19 -14.55 -2.07
CA SER C 99 51.20 -13.36 -1.24
C SER C 99 49.77 -12.85 -1.08
N GLY C 100 49.57 -12.05 -0.03
CA GLY C 100 48.30 -11.42 0.24
C GLY C 100 48.32 -9.93 -0.05
N TYR C 101 47.26 -9.27 0.40
CA TYR C 101 47.09 -7.84 0.19
C TYR C 101 46.67 -7.17 1.49
N GLY C 102 47.08 -5.91 1.65
CA GLY C 102 46.74 -5.13 2.82
C GLY C 102 46.47 -3.69 2.44
N VAL C 103 45.92 -2.94 3.38
CA VAL C 103 45.51 -1.55 3.16
C VAL C 103 46.28 -0.65 4.11
N LEU C 104 46.90 0.39 3.57
CA LEU C 104 47.74 1.27 4.38
C LEU C 104 46.89 2.12 5.33
N LEU C 105 47.49 2.46 6.48
CA LEU C 105 46.83 3.32 7.47
C LEU C 105 47.55 4.64 7.65
N ALA C 106 48.84 4.63 8.00
CA ALA C 106 49.63 5.83 8.22
C ALA C 106 51.09 5.43 8.37
N THR C 107 51.96 6.17 7.70
CA THR C 107 53.37 5.82 7.67
C THR C 107 54.08 6.25 8.95
N HIS C 108 55.30 5.75 9.12
CA HIS C 108 56.17 6.13 10.22
C HIS C 108 57.59 6.25 9.68
N ASP C 109 58.38 7.13 10.32
CA ASP C 109 59.72 7.45 9.84
C ASP C 109 60.73 6.34 10.08
N ASP C 110 60.32 5.25 10.73
CA ASP C 110 61.24 4.16 11.07
C ASP C 110 61.13 2.99 10.08
N ASP C 111 60.92 3.29 8.80
CA ASP C 111 60.80 2.27 7.76
C ASP C 111 59.68 1.28 8.07
N THR C 112 58.55 1.81 8.53
CA THR C 112 57.41 0.99 8.89
C THR C 112 56.13 1.79 8.67
N VAL C 113 55.01 1.06 8.60
CA VAL C 113 53.71 1.66 8.32
C VAL C 113 52.64 0.75 8.90
N ASP C 114 51.58 1.35 9.41
CA ASP C 114 50.44 0.57 9.85
C ASP C 114 49.68 0.07 8.64
N VAL C 115 49.23 -1.19 8.69
CA VAL C 115 48.51 -1.80 7.58
C VAL C 115 47.45 -2.74 8.13
N PHE C 116 46.26 -2.69 7.54
CA PHE C 116 45.17 -3.56 7.91
C PHE C 116 45.12 -4.74 6.95
N THR C 117 45.02 -5.94 7.51
CA THR C 117 44.96 -7.17 6.74
C THR C 117 44.46 -8.30 7.65
N SER C 118 43.88 -9.32 7.02
CA SER C 118 43.38 -10.50 7.72
C SER C 118 42.47 -10.13 8.88
N GLY C 119 41.72 -9.04 8.73
CA GLY C 119 40.78 -8.63 9.74
C GLY C 119 41.36 -7.95 10.96
N ARG C 120 42.61 -7.48 10.89
CA ARG C 120 43.18 -6.74 12.00
C ARG C 120 44.27 -5.82 11.50
N LYS C 121 44.62 -4.84 12.32
CA LYS C 121 45.60 -3.81 11.96
C LYS C 121 46.93 -4.13 12.62
N MET C 122 47.95 -4.33 11.80
CA MET C 122 49.32 -4.59 12.24
C MET C 122 50.19 -3.38 11.90
N ARG C 123 51.46 -3.46 12.28
CA ARG C 123 52.45 -2.46 11.93
C ARG C 123 53.61 -3.18 11.25
N LEU C 124 53.73 -3.01 9.93
CA LEU C 124 54.63 -3.79 9.11
C LEU C 124 55.71 -2.92 8.49
N THR C 125 56.88 -3.51 8.30
CA THR C 125 57.95 -2.86 7.58
C THR C 125 57.72 -2.95 6.08
N CYS C 126 58.48 -2.17 5.32
CA CYS C 126 58.37 -2.15 3.87
C CYS C 126 59.75 -2.32 3.25
N SER C 127 59.79 -2.84 2.03
CA SER C 127 61.04 -3.12 1.37
C SER C 127 61.79 -1.82 1.06
N PRO C 128 63.12 -1.87 1.06
CA PRO C 128 63.89 -0.67 0.67
C PRO C 128 63.68 -0.26 -0.77
N ASN C 129 63.14 -1.16 -1.62
CA ASN C 129 62.90 -0.82 -3.01
C ASN C 129 61.88 0.32 -3.14
N ILE C 130 60.98 0.44 -2.18
CA ILE C 130 59.92 1.44 -2.21
C ILE C 130 60.16 2.47 -1.12
N ASP C 131 59.55 3.64 -1.30
CA ASP C 131 59.64 4.73 -0.34
C ASP C 131 58.28 4.91 0.34
N ALA C 132 58.29 4.97 1.68
CA ALA C 132 57.04 5.09 2.41
C ALA C 132 56.30 6.36 2.05
N ALA C 133 57.03 7.46 1.85
CA ALA C 133 56.40 8.69 1.40
C ALA C 133 55.76 8.51 0.03
N SER C 134 56.40 7.75 -0.86
CA SER C 134 55.82 7.47 -2.16
C SER C 134 54.50 6.70 -2.03
N LEU C 135 54.40 5.85 -1.02
CA LEU C 135 53.13 5.18 -0.74
C LEU C 135 52.05 6.19 -0.41
N LYS C 136 50.89 6.03 -1.05
CA LYS C 136 49.76 6.92 -0.81
C LYS C 136 48.94 6.40 0.36
N LYS C 137 48.40 7.34 1.15
CA LYS C 137 47.64 6.98 2.34
C LYS C 137 46.38 6.24 1.93
N GLY C 138 46.32 4.95 2.23
CA GLY C 138 45.23 4.10 1.81
C GLY C 138 45.51 3.28 0.57
N GLN C 139 46.71 3.34 0.02
CA GLN C 139 47.04 2.57 -1.16
C GLN C 139 47.20 1.10 -0.82
N THR C 140 46.48 0.25 -1.54
CA THR C 140 46.60 -1.19 -1.32
C THR C 140 47.99 -1.67 -1.69
N VAL C 141 48.55 -2.55 -0.86
CA VAL C 141 49.90 -3.05 -1.03
C VAL C 141 49.89 -4.57 -0.93
N ARG C 142 50.97 -5.18 -1.38
CA ARG C 142 51.16 -6.62 -1.31
C ARG C 142 52.02 -6.97 -0.11
N LEU C 143 51.85 -8.20 0.37
CA LEU C 143 52.55 -8.70 1.55
C LEU C 143 53.37 -9.94 1.16
N ASN C 144 53.89 -10.63 2.17
CA ASN C 144 54.68 -11.82 1.95
C ASN C 144 54.48 -12.77 3.13
N GLU C 145 55.01 -13.98 3.00
CA GLU C 145 54.96 -14.94 4.10
C GLU C 145 55.68 -14.43 5.32
N ALA C 146 56.71 -13.59 5.13
CA ALA C 146 57.38 -12.92 6.23
C ALA C 146 56.58 -11.72 6.75
N LEU C 147 55.45 -11.40 6.12
CA LEU C 147 54.60 -10.28 6.52
C LEU C 147 55.37 -8.96 6.45
N THR C 148 55.76 -8.61 5.21
CA THR C 148 56.45 -7.36 4.95
C THR C 148 55.95 -6.76 3.64
N VAL C 149 55.76 -5.44 3.63
CA VAL C 149 55.29 -4.76 2.43
C VAL C 149 56.36 -4.82 1.36
N VAL C 150 55.95 -5.08 0.13
CA VAL C 150 56.86 -5.26 -1.00
C VAL C 150 56.72 -4.13 -2.04
N GLU C 151 55.53 -3.93 -2.59
CA GLU C 151 55.30 -2.77 -3.46
C GLU C 151 53.88 -2.27 -3.27
N ALA C 152 53.58 -1.18 -3.96
CA ALA C 152 52.25 -0.58 -3.96
C ALA C 152 51.39 -1.20 -5.05
N GLY C 153 50.18 -0.66 -5.21
CA GLY C 153 49.26 -1.11 -6.24
C GLY C 153 48.31 -0.01 -6.61
N THR C 154 47.03 -0.36 -6.76
CA THR C 154 45.98 0.62 -7.02
C THR C 154 44.93 0.53 -5.92
N PHE C 155 44.23 1.63 -5.72
CA PHE C 155 43.21 1.68 -4.68
C PHE C 155 42.10 0.68 -4.97
N GLU C 156 41.56 0.09 -3.90
CA GLU C 156 40.46 -0.85 -4.05
C GLU C 156 39.27 -0.15 -4.70
N ALA C 157 38.69 -0.80 -5.70
CA ALA C 157 37.62 -0.19 -6.49
C ALA C 157 36.24 -0.72 -6.13
N VAL C 158 36.14 -1.68 -5.20
CA VAL C 158 34.87 -2.27 -4.83
C VAL C 158 34.76 -2.38 -3.32
N GLY C 159 33.53 -2.55 -2.87
CA GLY C 159 33.23 -2.62 -1.45
C GLY C 159 31.86 -2.01 -1.20
N GLU C 160 31.67 -1.54 0.03
CA GLU C 160 30.44 -0.84 0.35
C GLU C 160 30.48 0.57 -0.23
N ILE C 161 29.30 1.14 -0.44
CA ILE C 161 29.18 2.53 -0.85
C ILE C 161 28.15 3.21 0.03
N SER C 162 28.49 4.40 0.53
CA SER C 162 27.71 5.06 1.55
C SER C 162 27.53 6.53 1.20
N THR C 163 26.46 7.11 1.74
CA THR C 163 26.20 8.53 1.55
C THR C 163 27.03 9.34 2.54
N LEU C 164 27.95 10.14 2.02
CA LEU C 164 28.80 10.98 2.85
C LEU C 164 27.94 12.03 3.52
N ARG C 165 27.67 11.85 4.82
CA ARG C 165 26.82 12.79 5.53
C ARG C 165 27.51 14.14 5.70
N GLU C 166 28.75 14.13 6.18
CA GLU C 166 29.48 15.38 6.37
C GLU C 166 30.96 15.07 6.56
N ILE C 167 31.78 16.11 6.47
CA ILE C 167 33.23 16.00 6.55
C ILE C 167 33.69 16.59 7.88
N LEU C 168 34.49 15.83 8.62
CA LEU C 168 34.98 16.29 9.91
C LEU C 168 35.94 17.47 9.74
N ALA C 169 36.08 18.24 10.81
CA ALA C 169 36.92 19.42 10.78
C ALA C 169 38.40 19.08 10.70
N ASP C 170 38.78 17.84 10.98
CA ASP C 170 40.19 17.45 10.94
C ASP C 170 40.76 17.49 9.52
N GLY C 171 39.92 17.41 8.50
CA GLY C 171 40.39 17.41 7.13
C GLY C 171 40.88 16.08 6.62
N HIS C 172 40.81 15.02 7.43
CA HIS C 172 41.18 13.69 6.99
C HIS C 172 40.19 12.63 7.42
N ARG C 173 39.09 13.00 8.07
CA ARG C 173 38.05 12.08 8.47
C ARG C 173 36.69 12.65 8.10
N ALA C 174 35.70 11.78 7.99
CA ALA C 174 34.36 12.21 7.61
C ALA C 174 33.34 11.20 8.10
N LEU C 175 32.15 11.70 8.42
CA LEU C 175 31.04 10.87 8.87
C LEU C 175 30.13 10.54 7.70
N VAL C 176 29.87 9.24 7.52
CA VAL C 176 29.01 8.75 6.45
C VAL C 176 27.93 7.86 7.07
N VAL C 177 26.87 7.64 6.31
CA VAL C 177 25.72 6.87 6.76
C VAL C 177 25.56 5.66 5.86
N GLY C 178 25.47 4.48 6.47
CA GLY C 178 25.31 3.25 5.73
C GLY C 178 23.88 3.03 5.25
N HIS C 179 23.69 1.90 4.58
CA HIS C 179 22.38 1.57 4.04
C HIS C 179 21.36 1.33 5.15
N ALA C 180 21.80 0.76 6.26
CA ALA C 180 20.92 0.36 7.35
C ALA C 180 20.91 1.39 8.48
N ASP C 181 20.98 2.67 8.11
CA ASP C 181 21.01 3.79 9.06
C ASP C 181 22.20 3.71 10.00
N GLU C 182 23.24 2.99 9.60
CA GLU C 182 24.47 2.93 10.38
C GLU C 182 25.37 4.10 10.00
N GLU C 183 25.95 4.74 11.00
CA GLU C 183 26.79 5.92 10.80
C GLU C 183 28.20 5.61 11.25
N ARG C 184 29.17 5.82 10.37
CA ARG C 184 30.56 5.51 10.63
C ARG C 184 31.45 6.70 10.30
N VAL C 185 32.43 6.94 11.16
CA VAL C 185 33.48 7.93 10.91
C VAL C 185 34.66 7.21 10.28
N VAL C 186 35.10 7.68 9.12
CA VAL C 186 36.11 7.00 8.33
C VAL C 186 37.19 7.99 7.90
N TRP C 187 38.36 7.45 7.55
CA TRP C 187 39.42 8.27 6.97
C TRP C 187 39.04 8.70 5.56
N LEU C 188 39.95 9.43 4.93
CA LEU C 188 39.77 9.90 3.56
C LEU C 188 41.00 9.53 2.74
N ALA C 189 40.77 9.11 1.50
CA ALA C 189 41.86 8.74 0.62
C ALA C 189 42.60 9.98 0.11
N ASP C 190 43.86 9.77 -0.27
CA ASP C 190 44.66 10.87 -0.81
C ASP C 190 44.02 11.53 -2.03
N PRO C 191 43.49 10.82 -3.03
CA PRO C 191 42.78 11.52 -4.10
C PRO C 191 41.59 12.31 -3.60
N LEU C 192 40.93 11.84 -2.54
CA LEU C 192 39.85 12.61 -1.94
C LEU C 192 40.35 13.83 -1.16
N ILE C 193 41.66 13.96 -0.97
CA ILE C 193 42.19 15.12 -0.27
C ILE C 193 43.51 15.56 -0.92
N PRO C 211 40.24 19.32 -9.67
CA PRO C 211 39.97 19.07 -8.26
C PRO C 211 38.49 19.21 -7.89
N ARG C 212 37.79 18.08 -7.87
CA ARG C 212 36.40 18.04 -7.46
C ARG C 212 36.35 17.86 -5.94
N LYS C 213 35.91 18.91 -5.25
CA LYS C 213 35.99 18.95 -3.79
C LYS C 213 34.91 18.05 -3.18
N LEU C 214 34.80 18.09 -1.86
CA LEU C 214 33.88 17.25 -1.11
C LEU C 214 32.64 18.04 -0.73
N ARG C 215 31.47 17.44 -0.96
CA ARG C 215 30.20 18.07 -0.66
C ARG C 215 29.26 17.02 -0.05
N PRO C 216 28.35 17.45 0.81
CA PRO C 216 27.38 16.50 1.38
C PRO C 216 26.50 15.89 0.30
N GLY C 217 26.05 14.66 0.54
CA GLY C 217 25.22 13.94 -0.40
C GLY C 217 25.96 13.09 -1.40
N ASP C 218 27.30 13.15 -1.42
CA ASP C 218 28.07 12.33 -2.33
C ASP C 218 27.97 10.85 -1.95
N SER C 219 28.31 9.99 -2.89
CA SER C 219 28.39 8.56 -2.67
C SER C 219 29.86 8.15 -2.67
N LEU C 220 30.33 7.62 -1.54
CA LEU C 220 31.73 7.31 -1.34
C LEU C 220 31.93 5.81 -1.19
N LEU C 221 33.07 5.34 -1.66
CA LEU C 221 33.46 3.93 -1.54
C LEU C 221 34.12 3.71 -0.19
N VAL C 222 33.58 2.77 0.58
CA VAL C 222 34.00 2.55 1.95
C VAL C 222 34.05 1.05 2.22
N ASP C 223 35.06 0.62 2.95
CA ASP C 223 35.15 -0.73 3.50
C ASP C 223 34.98 -0.63 5.00
N THR C 224 33.93 -1.26 5.53
CA THR C 224 33.61 -1.10 6.95
C THR C 224 34.74 -1.57 7.83
N LYS C 225 35.35 -2.71 7.50
CA LYS C 225 36.50 -3.18 8.26
C LYS C 225 37.67 -2.22 8.15
N ALA C 226 37.89 -1.65 6.97
CA ALA C 226 39.08 -0.77 6.77
C ALA C 226 38.81 0.63 7.30
N GLY C 227 37.54 1.05 7.33
CA GLY C 227 37.19 2.42 7.76
C GLY C 227 37.88 3.48 6.92
N TYR C 228 37.97 3.26 5.60
CA TYR C 228 38.66 4.22 4.70
C TYR C 228 37.76 4.59 3.51
N ALA C 229 37.63 5.89 3.21
CA ALA C 229 36.87 6.30 2.00
C ALA C 229 37.82 6.14 0.81
N PHE C 230 37.30 5.80 -0.38
CA PHE C 230 38.22 5.53 -1.49
C PHE C 230 37.96 6.45 -2.68
N GLU C 231 36.70 6.58 -3.09
CA GLU C 231 36.38 7.28 -4.33
C GLU C 231 34.95 7.78 -4.25
N ARG C 232 34.72 8.98 -4.79
CA ARG C 232 33.37 9.54 -4.82
C ARG C 232 32.71 9.15 -6.14
N ILE C 233 31.85 8.14 -6.10
CA ILE C 233 31.11 7.75 -7.28
C ILE C 233 29.92 8.69 -7.40
N PRO C 234 29.83 9.46 -8.49
CA PRO C 234 28.74 10.41 -8.65
C PRO C 234 27.58 9.82 -9.43
N LYS C 235 26.39 10.32 -9.14
CA LYS C 235 25.21 9.95 -9.89
C LYS C 235 25.21 10.62 -11.25
N ALA C 236 24.80 9.88 -12.27
CA ALA C 236 24.85 10.35 -13.65
C ALA C 236 23.44 10.80 -14.04
N GLU C 237 23.13 12.06 -13.75
CA GLU C 237 21.84 12.64 -14.12
C GLU C 237 21.87 12.97 -15.61
N VAL C 238 21.67 11.93 -16.42
CA VAL C 238 21.64 12.07 -17.87
C VAL C 238 20.19 12.09 -18.33
N GLU C 239 19.82 13.13 -19.06
CA GLU C 239 18.46 13.30 -19.54
C GLU C 239 18.48 13.83 -20.95
N ASP C 240 17.39 13.56 -21.68
CA ASP C 240 17.24 14.01 -23.06
C ASP C 240 16.10 15.03 -23.20
N LEU C 241 15.93 15.90 -22.21
CA LEU C 241 14.97 16.98 -22.33
C LEU C 241 15.40 18.01 -23.37
N VAL C 242 16.65 17.96 -23.81
CA VAL C 242 17.15 18.79 -24.90
C VAL C 242 17.80 17.88 -25.93
N LEU C 243 17.41 18.04 -27.19
CA LEU C 243 17.88 17.16 -28.25
C LEU C 243 17.99 17.94 -29.54
N GLU C 244 18.78 17.39 -30.46
CA GLU C 244 18.94 17.96 -31.80
C GLU C 244 18.04 17.21 -32.77
N GLU C 245 17.16 17.93 -33.44
CA GLU C 245 16.26 17.35 -34.43
C GLU C 245 16.53 17.97 -35.80
N VAL C 246 16.43 17.15 -36.83
CA VAL C 246 16.75 17.58 -38.19
C VAL C 246 15.51 18.15 -38.87
N PRO C 247 15.64 19.10 -39.77
CA PRO C 247 14.48 19.60 -40.51
C PRO C 247 13.94 18.54 -41.47
N ASP C 248 12.67 18.68 -41.81
CA ASP C 248 12.00 17.73 -42.70
C ASP C 248 11.92 18.25 -44.13
N VAL C 249 11.31 19.42 -44.33
CA VAL C 249 11.10 19.98 -45.66
C VAL C 249 11.50 21.45 -45.64
N SER C 250 12.17 21.89 -46.70
CA SER C 250 12.55 23.29 -46.85
C SER C 250 11.35 24.08 -47.38
N TYR C 251 11.60 25.31 -47.81
CA TYR C 251 10.52 26.15 -48.34
C TYR C 251 10.07 25.71 -49.72
N ALA C 252 10.74 24.73 -50.33
CA ALA C 252 10.37 24.30 -51.68
C ALA C 252 8.93 23.81 -51.75
N ASP C 253 8.39 23.28 -50.65
CA ASP C 253 7.01 22.84 -50.60
C ASP C 253 6.08 23.86 -49.94
N ILE C 254 6.60 25.00 -49.51
CA ILE C 254 5.77 26.02 -48.86
C ILE C 254 5.02 26.78 -49.95
N GLY C 255 3.70 26.79 -49.85
CA GLY C 255 2.83 27.40 -50.84
C GLY C 255 2.24 28.72 -50.33
N GLY C 256 2.24 29.72 -51.22
CA GLY C 256 1.62 30.99 -50.92
C GLY C 256 2.26 31.79 -49.80
N LEU C 257 3.59 31.74 -49.70
CA LEU C 257 4.34 32.52 -48.72
C LEU C 257 5.55 33.17 -49.37
N SER C 258 5.31 33.82 -50.51
CA SER C 258 6.40 34.39 -51.30
C SER C 258 7.11 35.51 -50.55
N ARG C 259 6.33 36.47 -50.03
CA ARG C 259 6.94 37.61 -49.34
C ARG C 259 7.25 37.31 -47.88
N GLN C 260 6.92 36.12 -47.39
CA GLN C 260 7.08 35.79 -45.99
C GLN C 260 8.35 34.99 -45.69
N ILE C 261 9.21 34.77 -46.69
CA ILE C 261 10.39 33.95 -46.53
C ILE C 261 11.69 34.74 -46.68
N GLU C 262 11.72 35.70 -47.61
CA GLU C 262 12.97 36.42 -47.87
C GLU C 262 13.36 37.31 -46.69
N GLN C 263 12.37 37.95 -46.04
CA GLN C 263 12.69 38.76 -44.88
C GLN C 263 13.15 37.89 -43.71
N ILE C 264 12.64 36.66 -43.59
CA ILE C 264 13.15 35.73 -42.61
C ILE C 264 14.61 35.38 -42.92
N ARG C 265 14.90 35.14 -44.20
CA ARG C 265 16.27 34.87 -44.62
C ARG C 265 17.19 36.01 -44.21
N ASP C 266 16.75 37.26 -44.45
CA ASP C 266 17.53 38.41 -44.02
C ASP C 266 17.69 38.43 -42.50
N ALA C 267 16.63 38.07 -41.78
CA ALA C 267 16.63 38.19 -40.32
C ALA C 267 17.61 37.21 -39.68
N VAL C 268 17.61 35.94 -40.12
CA VAL C 268 18.36 34.89 -39.46
C VAL C 268 19.39 34.25 -40.38
N GLU C 269 19.03 33.96 -41.63
CA GLU C 269 19.96 33.28 -42.52
C GLU C 269 21.14 34.17 -42.89
N LEU C 270 20.87 35.41 -43.30
CA LEU C 270 21.92 36.32 -43.74
C LEU C 270 22.96 36.63 -42.66
N PRO C 271 22.60 36.93 -41.40
CA PRO C 271 23.63 37.39 -40.45
C PRO C 271 24.80 36.43 -40.28
N PHE C 272 24.55 35.11 -40.27
CA PHE C 272 25.64 34.17 -40.07
C PHE C 272 26.55 34.10 -41.29
N LEU C 273 25.97 34.19 -42.48
CA LEU C 273 26.76 34.02 -43.71
C LEU C 273 27.61 35.25 -44.03
N HIS C 274 27.19 36.42 -43.56
CA HIS C 274 27.83 37.69 -43.91
C HIS C 274 28.11 38.50 -42.65
N LYS C 275 28.73 37.86 -41.66
CA LYS C 275 29.00 38.52 -40.40
C LYS C 275 29.89 39.75 -40.56
N GLU C 276 30.75 39.77 -41.59
CA GLU C 276 31.65 40.90 -41.79
C GLU C 276 30.87 42.18 -42.10
N LEU C 277 29.80 42.06 -42.89
CA LEU C 277 28.98 43.23 -43.20
C LEU C 277 28.37 43.82 -41.93
N TYR C 278 27.85 42.96 -41.05
CA TYR C 278 27.29 43.44 -39.79
C TYR C 278 28.36 44.00 -38.85
N ARG C 279 29.58 43.45 -38.88
CA ARG C 279 30.67 44.03 -38.11
C ARG C 279 30.99 45.43 -38.61
N GLU C 280 31.00 45.63 -39.94
CA GLU C 280 31.22 46.96 -40.48
C GLU C 280 30.09 47.91 -40.11
N TYR C 281 28.83 47.43 -40.20
CA TYR C 281 27.70 48.25 -39.79
C TYR C 281 27.59 48.39 -38.29
N SER C 282 28.24 47.50 -37.52
CA SER C 282 28.08 47.44 -36.07
C SER C 282 26.61 47.28 -35.69
N LEU C 283 25.88 46.53 -36.50
CA LEU C 283 24.44 46.34 -36.32
C LEU C 283 24.17 44.94 -35.78
N ARG C 284 23.38 44.88 -34.71
CA ARG C 284 23.01 43.61 -34.12
C ARG C 284 21.86 43.00 -34.90
N PRO C 285 21.98 41.76 -35.38
CA PRO C 285 20.86 41.16 -36.11
C PRO C 285 19.67 40.97 -35.19
N PRO C 286 18.45 40.97 -35.73
CA PRO C 286 17.28 40.71 -34.89
C PRO C 286 17.28 39.26 -34.42
N LYS C 287 17.59 39.06 -33.14
CA LYS C 287 17.71 37.72 -32.59
C LYS C 287 16.37 37.02 -32.44
N GLY C 288 15.26 37.75 -32.57
CA GLY C 288 13.96 37.14 -32.46
C GLY C 288 12.95 37.73 -33.43
N VAL C 289 12.20 36.87 -34.11
CA VAL C 289 11.14 37.28 -35.02
C VAL C 289 9.85 36.63 -34.55
N LEU C 290 8.81 37.43 -34.39
CA LEU C 290 7.52 36.95 -33.89
C LEU C 290 6.61 36.61 -35.06
N LEU C 291 5.97 35.45 -34.97
CA LEU C 291 5.05 34.98 -36.00
C LEU C 291 3.67 34.76 -35.38
N TYR C 292 2.63 35.21 -36.08
CA TYR C 292 1.29 35.18 -35.52
C TYR C 292 0.28 35.20 -36.67
N GLY C 293 -0.96 34.87 -36.32
CA GLY C 293 -2.03 34.79 -37.28
C GLY C 293 -2.98 33.65 -36.97
N PRO C 294 -3.83 33.31 -37.93
CA PRO C 294 -4.76 32.19 -37.73
C PRO C 294 -4.02 30.87 -37.67
N PRO C 295 -4.62 29.84 -37.08
CA PRO C 295 -3.97 28.52 -37.06
C PRO C 295 -3.89 27.92 -38.45
N GLY C 296 -2.92 27.02 -38.62
CA GLY C 296 -2.71 26.38 -39.90
C GLY C 296 -2.22 27.32 -40.99
N CYS C 297 -1.26 28.19 -40.68
CA CYS C 297 -0.70 29.11 -41.66
C CYS C 297 0.79 28.89 -41.88
N GLY C 298 1.31 27.73 -41.50
CA GLY C 298 2.69 27.40 -41.79
C GLY C 298 3.70 28.00 -40.86
N LYS C 299 3.31 28.37 -39.64
CA LYS C 299 4.22 29.02 -38.71
C LYS C 299 5.40 28.12 -38.38
N THR C 300 5.14 26.84 -38.11
CA THR C 300 6.22 25.89 -37.90
C THR C 300 6.92 25.55 -39.21
N LEU C 301 6.18 25.59 -40.32
CA LEU C 301 6.76 25.21 -41.61
C LEU C 301 7.88 26.15 -42.03
N ILE C 302 7.71 27.45 -41.80
CA ILE C 302 8.76 28.40 -42.19
C ILE C 302 10.00 28.22 -41.31
N ALA C 303 9.80 27.93 -40.03
CA ALA C 303 10.93 27.65 -39.15
C ALA C 303 11.69 26.41 -39.63
N LYS C 304 10.96 25.35 -39.98
CA LYS C 304 11.60 24.16 -40.51
C LYS C 304 12.31 24.44 -41.81
N ALA C 305 11.70 25.27 -42.67
CA ALA C 305 12.30 25.61 -43.95
C ALA C 305 13.61 26.36 -43.77
N VAL C 306 13.63 27.36 -42.87
CA VAL C 306 14.86 28.11 -42.66
C VAL C 306 15.91 27.24 -41.99
N ALA C 307 15.49 26.34 -41.09
CA ALA C 307 16.45 25.40 -40.51
C ALA C 307 17.08 24.52 -41.59
N ASN C 308 16.27 24.03 -42.53
CA ASN C 308 16.80 23.22 -43.63
C ASN C 308 17.73 24.04 -44.51
N SER C 309 17.35 25.29 -44.79
CA SER C 309 18.18 26.15 -45.64
C SER C 309 19.55 26.37 -45.00
N LEU C 310 19.59 26.66 -43.70
CA LEU C 310 20.87 26.76 -43.02
C LEU C 310 21.59 25.42 -42.96
N ALA C 311 20.83 24.31 -42.95
CA ALA C 311 21.42 22.98 -43.03
C ALA C 311 21.94 22.65 -44.41
N LYS C 312 21.66 23.49 -45.42
CA LYS C 312 22.19 23.31 -46.77
C LYS C 312 23.10 24.46 -47.17
N LYS C 313 23.70 25.16 -46.21
CA LYS C 313 24.52 26.32 -46.49
C LYS C 313 25.81 26.28 -45.68
N MET C 314 26.51 25.14 -45.69
CA MET C 314 27.84 25.03 -45.13
C MET C 314 28.83 24.46 -46.14
N ALA C 315 28.53 24.59 -47.42
CA ALA C 315 29.41 24.10 -48.47
C ALA C 315 30.75 24.86 -48.47
N LYS C 326 26.43 20.73 -38.72
CA LYS C 326 26.96 22.08 -38.59
C LYS C 326 25.84 23.08 -38.37
N SER C 327 24.71 22.60 -37.88
CA SER C 327 23.55 23.45 -37.62
C SER C 327 22.84 22.90 -36.39
N TYR C 328 22.81 23.68 -35.31
CA TYR C 328 22.18 23.28 -34.07
C TYR C 328 20.78 23.88 -34.01
N PHE C 329 19.77 23.02 -34.11
CA PHE C 329 18.38 23.46 -34.10
C PHE C 329 17.67 22.87 -32.88
N LEU C 330 17.03 23.72 -32.09
CA LEU C 330 16.35 23.31 -30.87
C LEU C 330 14.88 23.71 -30.96
N ASN C 331 14.00 22.77 -30.61
CA ASN C 331 12.57 22.99 -30.61
C ASN C 331 12.04 22.87 -29.19
N ILE C 332 11.24 23.85 -28.77
CA ILE C 332 10.67 23.87 -27.43
C ILE C 332 9.16 24.02 -27.56
N LYS C 333 8.42 23.13 -26.88
CA LYS C 333 6.97 23.12 -26.91
C LYS C 333 6.40 23.64 -25.60
N GLY C 334 5.21 24.22 -25.68
CA GLY C 334 4.49 24.67 -24.51
C GLY C 334 4.19 23.53 -23.55
N PRO C 335 3.67 22.41 -24.06
CA PRO C 335 3.57 21.21 -23.22
C PRO C 335 4.90 20.76 -22.66
N GLU C 336 5.98 20.90 -23.44
CA GLU C 336 7.31 20.57 -22.93
C GLU C 336 7.69 21.49 -21.77
N LEU C 337 7.34 22.77 -21.87
CA LEU C 337 7.57 23.69 -20.75
C LEU C 337 6.73 23.29 -19.55
N LEU C 338 5.50 22.85 -19.78
CA LEU C 338 4.62 22.43 -18.68
C LEU C 338 5.12 21.19 -17.95
N ASN C 339 6.09 20.47 -18.51
CA ASN C 339 6.66 19.30 -17.86
C ASN C 339 7.35 19.68 -16.55
N GLY C 343 11.53 19.51 -10.90
CA GLY C 343 10.91 20.68 -10.30
C GLY C 343 9.88 21.33 -11.20
N GLU C 344 9.66 22.63 -11.01
CA GLU C 344 8.69 23.37 -11.79
C GLU C 344 9.37 23.76 -13.11
N THR C 345 8.74 24.64 -13.90
CA THR C 345 9.26 25.01 -15.21
C THR C 345 10.65 25.65 -15.14
N GLU C 346 11.03 26.18 -13.98
CA GLU C 346 12.31 26.90 -13.87
C GLU C 346 13.48 25.99 -14.25
N ARG C 347 13.56 24.83 -13.61
CA ARG C 347 14.68 23.92 -13.88
C ARG C 347 14.68 23.46 -15.33
N HIS C 348 13.51 23.15 -15.88
CA HIS C 348 13.42 22.73 -17.27
C HIS C 348 13.98 23.81 -18.19
N ILE C 349 13.36 24.99 -18.19
CA ILE C 349 13.77 26.04 -19.11
C ILE C 349 15.23 26.42 -18.88
N ARG C 350 15.71 26.31 -17.64
CA ARG C 350 17.12 26.52 -17.38
C ARG C 350 17.96 25.49 -18.11
N LEU C 351 17.52 24.23 -18.11
CA LEU C 351 18.25 23.19 -18.82
C LEU C 351 18.32 23.51 -20.32
N ILE C 352 17.18 23.89 -20.90
CA ILE C 352 17.20 24.23 -22.33
C ILE C 352 18.13 25.41 -22.61
N PHE C 353 18.06 26.46 -21.78
CA PHE C 353 18.85 27.66 -22.09
C PHE C 353 20.34 27.43 -21.88
N GLN C 354 20.72 26.71 -20.82
CA GLN C 354 22.14 26.38 -20.67
C GLN C 354 22.62 25.45 -21.77
N ARG C 355 21.80 24.48 -22.19
CA ARG C 355 22.20 23.63 -23.31
C ARG C 355 22.43 24.48 -24.56
N ALA C 356 21.55 25.44 -24.82
CA ALA C 356 21.78 26.38 -25.91
C ALA C 356 23.08 27.14 -25.71
N ARG C 357 23.42 27.45 -24.45
CA ARG C 357 24.66 28.17 -24.17
C ARG C 357 25.88 27.36 -24.60
N GLU C 358 25.99 26.10 -24.14
CA GLU C 358 27.14 25.32 -24.59
C GLU C 358 27.06 24.97 -26.06
N LYS C 359 25.87 24.94 -26.66
CA LYS C 359 25.79 24.67 -28.09
C LYS C 359 26.26 25.86 -28.92
N ALA C 360 26.03 27.07 -28.43
CA ALA C 360 26.52 28.27 -29.09
C ALA C 360 27.96 28.60 -28.73
N SER C 361 28.50 27.97 -27.68
CA SER C 361 29.90 28.21 -27.32
C SER C 361 30.86 27.85 -28.45
N GLU C 362 30.59 26.76 -29.17
CA GLU C 362 31.51 26.30 -30.20
C GLU C 362 31.60 27.26 -31.38
N GLY C 363 30.62 28.14 -31.55
CA GLY C 363 30.56 29.02 -32.70
C GLY C 363 29.78 28.47 -33.87
N THR C 364 29.42 27.19 -33.85
CA THR C 364 28.54 26.62 -34.86
C THR C 364 27.19 27.35 -34.82
N PRO C 365 26.61 27.70 -35.97
CA PRO C 365 25.34 28.42 -35.97
C PRO C 365 24.27 27.65 -35.21
N VAL C 366 23.57 28.35 -34.33
CA VAL C 366 22.55 27.76 -33.46
C VAL C 366 21.24 28.50 -33.72
N ILE C 367 20.17 27.72 -33.91
CA ILE C 367 18.83 28.26 -34.13
C ILE C 367 17.89 27.61 -33.11
N VAL C 368 17.06 28.44 -32.48
CA VAL C 368 16.15 27.98 -31.44
C VAL C 368 14.73 28.37 -31.84
N PHE C 369 13.76 27.52 -31.51
CA PHE C 369 12.36 27.78 -31.83
C PHE C 369 11.51 27.60 -30.59
N PHE C 370 10.47 28.42 -30.50
CA PHE C 370 9.50 28.37 -29.41
C PHE C 370 8.10 28.32 -30.00
N ASP C 371 7.21 27.56 -29.35
CA ASP C 371 5.90 27.26 -29.91
C ASP C 371 4.80 27.70 -28.96
N GLU C 372 3.83 28.44 -29.50
CA GLU C 372 2.57 28.80 -28.83
C GLU C 372 2.80 29.28 -27.40
N MET C 373 3.44 30.45 -27.32
CA MET C 373 3.75 31.08 -26.04
C MET C 373 2.54 31.73 -25.38
N ASP C 374 1.32 31.41 -25.81
CA ASP C 374 0.14 31.93 -25.15
C ASP C 374 0.06 31.42 -23.71
N SER C 375 0.49 30.19 -23.47
CA SER C 375 0.50 29.65 -22.11
C SER C 375 1.44 30.46 -21.22
N ILE C 376 2.62 30.82 -21.75
CA ILE C 376 3.52 31.69 -21.01
C ILE C 376 2.99 33.12 -21.08
N PHE C 377 3.29 33.92 -20.05
CA PHE C 377 2.85 35.30 -19.93
C PHE C 377 1.42 35.54 -20.40
N VAL C 392 7.47 31.24 -14.98
CA VAL C 392 6.89 32.54 -14.67
C VAL C 392 7.59 33.60 -15.52
N VAL C 393 6.95 34.75 -15.70
CA VAL C 393 7.47 35.77 -16.63
C VAL C 393 8.84 36.28 -16.22
N PRO C 394 9.08 36.73 -14.98
CA PRO C 394 10.39 37.35 -14.69
C PRO C 394 11.58 36.44 -14.89
N GLN C 395 11.46 35.15 -14.55
CA GLN C 395 12.58 34.24 -14.75
C GLN C 395 12.89 34.05 -16.23
N LEU C 396 11.85 33.95 -17.06
CA LEU C 396 12.06 33.86 -18.51
C LEU C 396 12.72 35.13 -19.04
N LEU C 397 12.26 36.30 -18.56
CA LEU C 397 12.86 37.55 -18.99
C LEU C 397 14.33 37.62 -18.61
N SER C 398 14.67 37.21 -17.38
CA SER C 398 16.06 37.22 -16.96
C SER C 398 16.90 36.26 -17.80
N GLU C 399 16.37 35.08 -18.09
CA GLU C 399 17.12 34.11 -18.89
C GLU C 399 17.35 34.63 -20.31
N ILE C 400 16.33 35.21 -20.93
CA ILE C 400 16.49 35.68 -22.30
C ILE C 400 17.37 36.92 -22.34
N ASP C 401 17.34 37.76 -21.30
CA ASP C 401 18.30 38.86 -21.22
C ASP C 401 19.72 38.35 -21.08
N GLY C 402 19.92 37.30 -20.29
CA GLY C 402 21.24 36.72 -20.16
C GLY C 402 21.76 36.14 -21.46
N VAL C 403 20.89 35.45 -22.21
CA VAL C 403 21.30 34.89 -23.50
C VAL C 403 21.29 35.91 -24.61
N GLU C 404 20.81 37.13 -24.35
CA GLU C 404 20.82 38.17 -25.37
C GLU C 404 22.23 38.57 -25.77
N GLY C 405 23.13 38.68 -24.78
CA GLY C 405 24.49 39.13 -25.05
C GLY C 405 25.28 38.20 -25.94
N LEU C 406 24.83 36.95 -26.10
CA LEU C 406 25.53 36.02 -26.97
C LEU C 406 25.44 36.48 -28.43
N GLU C 407 26.49 36.17 -29.19
CA GLU C 407 26.65 36.75 -30.51
C GLU C 407 25.81 36.03 -31.56
N ASN C 408 26.06 34.73 -31.76
CA ASN C 408 25.47 33.99 -32.87
C ASN C 408 24.23 33.19 -32.47
N VAL C 409 23.48 33.64 -31.49
CA VAL C 409 22.24 32.97 -31.09
C VAL C 409 21.07 33.63 -31.79
N ILE C 410 20.21 32.82 -32.41
CA ILE C 410 18.99 33.30 -33.04
C ILE C 410 17.85 32.38 -32.60
N VAL C 411 16.78 32.98 -32.07
CA VAL C 411 15.62 32.24 -31.58
C VAL C 411 14.37 32.84 -32.19
N ILE C 412 13.49 31.99 -32.70
CA ILE C 412 12.26 32.41 -33.35
C ILE C 412 11.08 31.84 -32.58
N GLY C 413 10.18 32.70 -32.15
CA GLY C 413 8.98 32.30 -31.44
C GLY C 413 7.74 32.58 -32.26
N ALA C 414 6.79 31.66 -32.23
CA ALA C 414 5.53 31.79 -32.95
C ALA C 414 4.38 31.42 -32.04
N SER C 415 3.29 32.18 -32.11
CA SER C 415 2.13 31.91 -31.30
C SER C 415 0.89 32.45 -32.02
N ASN C 416 -0.23 31.75 -31.85
CA ASN C 416 -1.45 32.12 -32.59
C ASN C 416 -2.06 33.40 -32.03
N ARG C 417 -2.18 33.50 -30.71
CA ARG C 417 -2.91 34.61 -30.08
C ARG C 417 -1.94 35.76 -29.85
N GLU C 418 -1.92 36.70 -30.79
CA GLU C 418 -1.09 37.90 -30.65
C GLU C 418 -1.61 38.82 -29.55
N ASP C 419 -2.93 38.86 -29.36
CA ASP C 419 -3.52 39.82 -28.43
C ASP C 419 -3.09 39.59 -26.98
N MET C 420 -3.06 38.33 -26.54
CA MET C 420 -2.61 38.02 -25.18
C MET C 420 -1.10 37.93 -25.03
N ILE C 421 -0.33 38.49 -25.96
CA ILE C 421 1.12 38.46 -25.85
C ILE C 421 1.59 39.61 -24.96
N ASP C 422 2.39 39.29 -23.96
CA ASP C 422 2.93 40.30 -23.05
C ASP C 422 3.94 41.17 -23.80
N PRO C 423 3.77 42.50 -23.81
CA PRO C 423 4.76 43.34 -24.50
C PRO C 423 6.16 43.27 -23.93
N ALA C 424 6.32 42.81 -22.68
CA ALA C 424 7.64 42.71 -22.08
C ALA C 424 8.55 41.78 -22.87
N ILE C 425 7.98 40.74 -23.50
CA ILE C 425 8.78 39.82 -24.30
C ILE C 425 9.29 40.45 -25.59
N LEU C 426 8.80 41.65 -25.93
CA LEU C 426 9.17 42.32 -27.16
C LEU C 426 10.34 43.28 -27.00
N ARG C 427 11.01 43.28 -25.85
CA ARG C 427 12.10 44.20 -25.60
C ARG C 427 13.28 43.88 -26.52
N PRO C 428 14.15 44.87 -26.77
CA PRO C 428 15.28 44.65 -27.68
C PRO C 428 16.18 43.51 -27.23
N GLY C 429 16.73 42.80 -28.21
CA GLY C 429 17.47 41.57 -27.99
C GLY C 429 16.55 40.37 -28.12
N ARG C 430 15.33 40.50 -27.62
CA ARG C 430 14.30 39.47 -27.75
C ARG C 430 13.60 39.64 -29.10
N LEU C 431 12.44 38.99 -29.26
CA LEU C 431 11.68 39.09 -30.48
C LEU C 431 11.22 40.52 -30.73
N ASP C 432 11.79 41.16 -31.75
CA ASP C 432 11.46 42.54 -32.10
C ASP C 432 10.79 42.68 -33.46
N VAL C 433 10.89 41.66 -34.32
CA VAL C 433 10.25 41.71 -35.63
C VAL C 433 8.92 40.98 -35.54
N LYS C 434 7.83 41.71 -35.78
CA LYS C 434 6.49 41.17 -35.72
C LYS C 434 5.94 41.07 -37.14
N ILE C 435 5.82 39.85 -37.65
CA ILE C 435 5.38 39.60 -39.01
C ILE C 435 4.02 38.94 -38.95
N LYS C 436 3.03 39.58 -39.56
CA LYS C 436 1.67 39.07 -39.59
C LYS C 436 1.49 38.09 -40.74
N ILE C 437 1.01 36.89 -40.43
CA ILE C 437 0.68 35.88 -41.42
C ILE C 437 -0.84 35.82 -41.51
N GLU C 438 -1.37 35.97 -42.72
CA GLU C 438 -2.79 36.12 -42.94
C GLU C 438 -3.30 35.00 -43.84
N ARG C 439 -4.63 34.89 -43.91
CA ARG C 439 -5.24 33.86 -44.73
C ARG C 439 -4.93 34.10 -46.21
N PRO C 440 -4.66 33.05 -46.96
CA PRO C 440 -4.19 33.22 -48.34
C PRO C 440 -5.26 33.80 -49.25
N ASP C 441 -4.81 34.50 -50.29
CA ASP C 441 -5.68 35.00 -51.34
C ASP C 441 -5.76 33.97 -52.46
N ALA C 442 -6.28 34.38 -53.62
CA ALA C 442 -6.46 33.45 -54.73
C ALA C 442 -5.13 32.90 -55.23
N GLU C 443 -4.12 33.77 -55.39
CA GLU C 443 -2.85 33.32 -55.92
C GLU C 443 -2.10 32.45 -54.92
N ALA C 444 -2.14 32.81 -53.63
CA ALA C 444 -1.52 31.98 -52.61
C ALA C 444 -2.21 30.63 -52.51
N ALA C 445 -3.55 30.62 -52.63
CA ALA C 445 -4.28 29.37 -52.67
C ALA C 445 -3.85 28.53 -53.88
N GLN C 446 -3.69 29.17 -55.03
CA GLN C 446 -3.19 28.45 -56.21
C GLN C 446 -1.84 27.81 -55.93
N ASP C 447 -0.92 28.58 -55.35
CA ASP C 447 0.42 28.06 -55.09
C ASP C 447 0.37 26.89 -54.11
N ILE C 448 -0.37 27.04 -53.01
CA ILE C 448 -0.39 25.99 -51.99
C ILE C 448 -1.09 24.74 -52.51
N TYR C 449 -2.16 24.90 -53.30
CA TYR C 449 -2.80 23.73 -53.90
C TYR C 449 -1.87 23.02 -54.86
N SER C 450 -1.13 23.78 -55.68
CA SER C 450 -0.14 23.17 -56.57
C SER C 450 0.95 22.47 -55.77
N LYS C 451 1.23 22.94 -54.55
CA LYS C 451 2.25 22.30 -53.73
C LYS C 451 1.87 20.87 -53.39
N TYR C 452 0.61 20.65 -53.02
CA TYR C 452 0.14 19.29 -52.72
C TYR C 452 -0.36 18.54 -53.94
N LEU C 453 -0.80 19.26 -54.97
CA LEU C 453 -1.25 18.61 -56.22
C LEU C 453 -0.11 18.63 -57.23
N THR C 454 0.92 17.85 -56.93
CA THR C 454 2.03 17.68 -57.84
C THR C 454 1.63 16.77 -59.01
N GLU C 455 2.32 16.91 -60.13
CA GLU C 455 1.99 16.12 -61.31
C GLU C 455 2.32 14.65 -61.16
N PHE C 456 2.79 14.21 -60.00
CA PHE C 456 3.08 12.80 -59.75
C PHE C 456 1.84 12.01 -59.32
N LEU C 457 0.68 12.66 -59.20
CA LEU C 457 -0.54 11.96 -58.82
C LEU C 457 -1.40 11.67 -60.05
N PRO C 458 -2.14 10.57 -60.03
CA PRO C 458 -2.95 10.20 -61.21
C PRO C 458 -4.01 11.25 -61.53
N VAL C 459 -4.34 11.33 -62.81
CA VAL C 459 -5.31 12.29 -63.33
C VAL C 459 -6.39 11.51 -64.07
N HIS C 460 -7.60 12.07 -64.09
CA HIS C 460 -8.74 11.40 -64.69
C HIS C 460 -8.46 11.03 -66.15
N ALA C 461 -8.76 9.78 -66.51
CA ALA C 461 -8.52 9.33 -67.87
C ALA C 461 -9.37 10.09 -68.88
N ASP C 462 -10.64 10.35 -68.54
CA ASP C 462 -11.52 11.07 -69.46
C ASP C 462 -11.06 12.49 -69.70
N ASP C 463 -10.56 13.16 -68.65
CA ASP C 463 -10.18 14.56 -68.76
C ASP C 463 -8.80 14.76 -69.37
N LEU C 464 -8.05 13.70 -69.64
CA LEU C 464 -6.76 13.85 -70.29
C LEU C 464 -6.90 14.32 -71.73
N ALA C 465 -7.95 13.89 -72.42
CA ALA C 465 -8.12 14.26 -73.82
C ALA C 465 -8.35 15.75 -73.97
N GLU C 466 -8.93 16.40 -72.94
CA GLU C 466 -9.14 17.84 -73.01
C GLU C 466 -7.82 18.59 -73.11
N PHE C 467 -6.81 18.16 -72.35
CA PHE C 467 -5.52 18.81 -72.33
C PHE C 467 -4.49 18.10 -73.18
N ASP C 468 -4.89 17.08 -73.95
CA ASP C 468 -4.03 16.41 -74.93
C ASP C 468 -2.76 15.85 -74.28
N GLY C 469 -2.95 15.15 -73.16
CA GLY C 469 -1.84 14.51 -72.49
C GLY C 469 -0.99 15.41 -71.62
N ASP C 470 -1.35 16.69 -71.48
CA ASP C 470 -0.60 17.61 -70.64
C ASP C 470 -1.19 17.53 -69.24
N ARG C 471 -0.60 16.66 -68.41
CA ARG C 471 -1.10 16.45 -67.06
C ARG C 471 -0.98 17.72 -66.22
N SER C 472 0.14 18.43 -66.35
CA SER C 472 0.33 19.65 -65.57
C SER C 472 -0.70 20.70 -65.91
N ALA C 473 -1.03 20.86 -67.20
CA ALA C 473 -2.06 21.82 -67.60
C ALA C 473 -3.41 21.44 -67.00
N CYS C 474 -3.77 20.16 -67.06
CA CYS C 474 -5.02 19.70 -66.46
C CYS C 474 -5.06 20.02 -64.98
N ILE C 475 -3.98 19.71 -64.26
CA ILE C 475 -3.94 19.90 -62.83
C ILE C 475 -4.08 21.38 -62.49
N LYS C 476 -3.32 22.25 -63.19
CA LYS C 476 -3.37 23.67 -62.86
C LYS C 476 -4.72 24.27 -63.22
N ALA C 477 -5.33 23.86 -64.33
CA ALA C 477 -6.66 24.37 -64.68
C ALA C 477 -7.70 23.94 -63.66
N MET C 478 -7.62 22.68 -63.21
CA MET C 478 -8.59 22.22 -62.22
C MET C 478 -8.37 22.92 -60.88
N ILE C 479 -7.12 23.22 -60.54
CA ILE C 479 -6.84 24.01 -59.35
C ILE C 479 -7.46 25.40 -59.47
N GLU C 480 -7.35 26.00 -60.65
CA GLU C 480 -8.01 27.28 -60.88
C GLU C 480 -9.50 27.18 -60.65
N LYS C 481 -10.12 26.13 -61.21
CA LYS C 481 -11.56 25.94 -61.03
C LYS C 481 -11.93 25.81 -59.56
N VAL C 482 -11.19 24.98 -58.81
CA VAL C 482 -11.54 24.74 -57.42
C VAL C 482 -11.30 25.98 -56.57
N VAL C 483 -10.21 26.70 -56.84
CA VAL C 483 -9.93 27.93 -56.09
C VAL C 483 -11.03 28.96 -56.34
N ASP C 484 -11.49 29.06 -57.59
CA ASP C 484 -12.64 29.92 -57.87
C ASP C 484 -13.88 29.43 -57.12
N ARG C 485 -14.05 28.12 -57.00
CA ARG C 485 -15.19 27.58 -56.27
C ARG C 485 -15.18 28.02 -54.82
N MET C 486 -14.03 27.91 -54.14
CA MET C 486 -13.96 28.44 -52.77
C MET C 486 -14.16 29.94 -52.75
N TYR C 487 -13.58 30.65 -53.71
CA TYR C 487 -13.62 32.11 -53.70
C TYR C 487 -14.85 32.67 -54.41
N ALA C 488 -15.75 31.81 -54.89
CA ALA C 488 -17.02 32.28 -55.41
C ALA C 488 -17.87 32.84 -54.29
N GLU C 489 -18.41 34.05 -54.50
CA GLU C 489 -19.22 34.73 -53.48
C GLU C 489 -20.70 34.40 -53.73
N ILE C 490 -21.02 33.11 -53.58
CA ILE C 490 -22.35 32.59 -53.85
C ILE C 490 -22.99 32.15 -52.55
N ASP C 491 -24.30 31.89 -52.62
CA ASP C 491 -25.05 31.44 -51.43
C ASP C 491 -24.47 30.16 -50.86
N ASP C 492 -23.88 29.31 -51.70
CA ASP C 492 -23.32 28.06 -51.22
C ASP C 492 -22.11 28.29 -50.32
N ASN C 493 -21.27 29.25 -50.67
CA ASN C 493 -20.00 29.47 -49.98
C ASN C 493 -20.13 30.32 -48.72
N ARG C 494 -21.32 30.78 -48.38
CA ARG C 494 -21.49 31.62 -47.20
C ARG C 494 -21.15 30.84 -45.93
N PHE C 495 -20.34 31.46 -45.08
CA PHE C 495 -19.88 30.87 -43.83
C PHE C 495 -20.58 31.45 -42.61
N LEU C 496 -20.48 32.76 -42.41
CA LEU C 496 -20.88 33.39 -41.17
C LEU C 496 -21.59 34.69 -41.44
N GLU C 497 -22.65 34.96 -40.67
CA GLU C 497 -23.29 36.27 -40.65
C GLU C 497 -23.12 36.85 -39.25
N VAL C 498 -22.61 38.08 -39.19
CA VAL C 498 -22.36 38.75 -37.91
C VAL C 498 -23.07 40.09 -37.96
N THR C 499 -23.95 40.33 -36.99
CA THR C 499 -24.65 41.60 -36.86
C THR C 499 -23.86 42.49 -35.92
N TYR C 500 -23.44 43.64 -36.42
CA TYR C 500 -22.71 44.60 -35.60
C TYR C 500 -23.70 45.58 -34.98
N ALA C 501 -23.18 46.65 -34.36
CA ALA C 501 -24.04 47.67 -33.78
C ALA C 501 -24.74 48.49 -34.85
N ASN C 502 -24.26 48.46 -36.09
CA ASN C 502 -24.85 49.23 -37.18
C ASN C 502 -25.91 48.46 -37.94
N GLY C 503 -26.24 47.25 -37.53
CA GLY C 503 -27.26 46.45 -38.18
C GLY C 503 -26.80 45.72 -39.43
N ASP C 504 -25.51 45.78 -39.76
CA ASP C 504 -25.00 45.09 -40.94
C ASP C 504 -24.83 43.61 -40.66
N LYS C 505 -25.46 42.77 -41.47
CA LYS C 505 -25.29 41.32 -41.41
C LYS C 505 -24.25 40.93 -42.45
N GLU C 506 -22.98 41.18 -42.11
CA GLU C 506 -21.89 40.90 -43.04
C GLU C 506 -21.78 39.40 -43.27
N VAL C 507 -21.95 38.97 -44.51
CA VAL C 507 -21.95 37.56 -44.86
C VAL C 507 -20.50 37.15 -45.12
N MET C 508 -20.00 36.23 -44.29
CA MET C 508 -18.64 35.73 -44.43
C MET C 508 -18.63 34.49 -45.31
N TYR C 509 -17.49 34.27 -45.96
CA TYR C 509 -17.32 33.16 -46.89
C TYR C 509 -16.03 32.44 -46.58
N PHE C 510 -15.94 31.18 -47.04
CA PHE C 510 -14.75 30.38 -46.76
C PHE C 510 -13.50 30.96 -47.40
N LYS C 511 -13.66 31.73 -48.48
CA LYS C 511 -12.51 32.44 -49.04
C LYS C 511 -11.91 33.40 -48.03
N ASP C 512 -12.73 33.89 -47.10
CA ASP C 512 -12.26 34.74 -46.01
C ASP C 512 -11.82 33.95 -44.80
N PHE C 513 -12.01 32.63 -44.79
CA PHE C 513 -11.67 31.78 -43.65
C PHE C 513 -10.96 30.51 -44.12
N ASN C 514 -9.96 30.69 -44.98
CA ASN C 514 -9.16 29.57 -45.48
C ASN C 514 -7.82 29.53 -44.76
N SER C 515 -7.25 28.33 -44.68
CA SER C 515 -5.95 28.12 -44.05
C SER C 515 -5.30 26.89 -44.67
N GLY C 516 -3.99 26.79 -44.47
CA GLY C 516 -3.25 25.68 -45.04
C GLY C 516 -3.76 24.32 -44.57
N ALA C 517 -4.07 24.21 -43.28
CA ALA C 517 -4.66 22.97 -42.78
C ALA C 517 -6.00 22.69 -43.44
N MET C 518 -6.81 23.74 -43.62
CA MET C 518 -8.07 23.58 -44.33
C MET C 518 -7.84 23.10 -45.76
N ILE C 519 -6.82 23.63 -46.42
CA ILE C 519 -6.50 23.22 -47.79
C ILE C 519 -6.08 21.75 -47.82
N GLN C 520 -5.29 21.33 -46.83
CA GLN C 520 -4.88 19.93 -46.74
C GLN C 520 -6.10 19.03 -46.54
N ASN C 521 -7.04 19.46 -45.70
CA ASN C 521 -8.28 18.71 -45.53
C ASN C 521 -9.04 18.63 -46.85
N VAL C 522 -9.11 19.74 -47.58
CA VAL C 522 -9.75 19.74 -48.90
C VAL C 522 -9.13 18.66 -49.78
N VAL C 523 -7.81 18.75 -49.96
CA VAL C 523 -7.16 17.88 -50.95
C VAL C 523 -7.26 16.43 -50.53
N ASP C 524 -7.03 16.10 -49.25
CA ASP C 524 -7.02 14.68 -48.91
C ASP C 524 -8.42 14.10 -48.83
N ARG C 525 -9.44 14.88 -48.44
CA ARG C 525 -10.79 14.37 -48.54
C ARG C 525 -11.19 14.12 -49.99
N ALA C 526 -10.81 15.02 -50.88
CA ALA C 526 -11.06 14.79 -52.30
C ALA C 526 -10.35 13.53 -52.80
N LYS C 527 -9.11 13.32 -52.34
CA LYS C 527 -8.36 12.15 -52.74
C LYS C 527 -9.01 10.87 -52.23
N LYS C 528 -9.51 10.89 -50.99
CA LYS C 528 -10.23 9.73 -50.46
C LYS C 528 -11.49 9.44 -51.26
N ASN C 529 -12.23 10.49 -51.62
CA ASN C 529 -13.42 10.29 -52.45
C ASN C 529 -13.04 9.72 -53.81
N ALA C 530 -11.92 10.17 -54.38
CA ALA C 530 -11.45 9.62 -55.64
C ALA C 530 -11.08 8.15 -55.49
N ILE C 531 -10.45 7.78 -54.38
CA ILE C 531 -10.11 6.38 -54.13
C ILE C 531 -11.37 5.54 -54.07
N LYS C 532 -12.39 6.02 -53.36
CA LYS C 532 -13.65 5.29 -53.30
C LYS C 532 -14.27 5.17 -54.69
N SER C 533 -14.20 6.25 -55.49
CA SER C 533 -14.80 6.23 -56.82
C SER C 533 -14.11 5.20 -57.72
N VAL C 534 -12.77 5.20 -57.73
CA VAL C 534 -12.05 4.25 -58.57
C VAL C 534 -12.27 2.82 -58.06
N LEU C 535 -12.40 2.65 -56.74
CA LEU C 535 -12.71 1.33 -56.20
C LEU C 535 -14.06 0.84 -56.70
N GLU C 536 -15.06 1.72 -56.72
CA GLU C 536 -16.39 1.29 -57.12
C GLU C 536 -16.59 1.25 -58.63
N THR C 537 -15.69 1.86 -59.43
CA THR C 537 -15.83 1.82 -60.88
C THR C 537 -14.67 1.15 -61.61
N GLY C 538 -13.50 1.03 -60.99
CA GLY C 538 -12.37 0.38 -61.62
C GLY C 538 -11.59 1.24 -62.59
N GLN C 539 -11.93 2.51 -62.74
CA GLN C 539 -11.23 3.39 -63.67
C GLN C 539 -10.28 4.29 -62.89
N PRO C 540 -8.97 4.11 -62.99
CA PRO C 540 -8.04 4.99 -62.26
C PRO C 540 -8.06 6.41 -62.81
N GLY C 541 -7.73 7.35 -61.94
CA GLY C 541 -7.65 8.75 -62.33
C GLY C 541 -8.44 9.69 -61.45
N LEU C 542 -7.77 10.68 -60.88
CA LEU C 542 -8.43 11.66 -60.03
C LEU C 542 -9.33 12.55 -60.87
N ARG C 543 -10.59 12.66 -60.50
CA ARG C 543 -11.60 13.39 -61.26
C ARG C 543 -11.97 14.68 -60.54
N ILE C 544 -12.18 15.74 -61.33
CA ILE C 544 -12.48 17.06 -60.76
C ILE C 544 -13.79 17.03 -59.96
N GLN C 545 -14.78 16.28 -60.44
CA GLN C 545 -16.07 16.24 -59.76
C GLN C 545 -15.94 15.73 -58.34
N HIS C 546 -14.97 14.86 -58.09
CA HIS C 546 -14.69 14.42 -56.72
C HIS C 546 -14.26 15.59 -55.86
N LEU C 547 -13.39 16.45 -56.39
CA LEU C 547 -13.00 17.66 -55.65
C LEU C 547 -14.20 18.57 -55.44
N LEU C 548 -15.07 18.69 -56.45
CA LEU C 548 -16.23 19.56 -56.32
C LEU C 548 -17.16 19.08 -55.21
N ASP C 549 -17.40 17.77 -55.13
CA ASP C 549 -18.21 17.23 -54.04
C ASP C 549 -17.50 17.37 -52.70
N SER C 550 -16.17 17.23 -52.70
CA SER C 550 -15.40 17.43 -51.48
C SER C 550 -15.58 18.84 -50.96
N ILE C 551 -15.67 19.82 -51.86
CA ILE C 551 -15.81 21.22 -51.44
C ILE C 551 -17.07 21.39 -50.60
N VAL C 552 -18.19 20.85 -51.06
CA VAL C 552 -19.44 21.01 -50.31
C VAL C 552 -19.43 20.14 -49.05
N ASP C 553 -18.85 18.95 -49.13
CA ASP C 553 -18.87 18.05 -47.97
C ASP C 553 -18.01 18.58 -46.82
N GLU C 554 -16.87 19.20 -47.16
CA GLU C 554 -15.84 19.53 -46.19
C GLU C 554 -16.17 20.70 -45.28
N PHE C 555 -17.25 21.43 -45.57
CA PHE C 555 -17.53 22.68 -44.87
C PHE C 555 -18.52 22.53 -43.73
N ALA C 556 -18.86 21.31 -43.34
CA ALA C 556 -19.79 21.06 -42.24
C ALA C 556 -19.10 20.56 -40.98
N GLU C 557 -17.77 20.67 -40.90
CA GLU C 557 -17.02 20.11 -39.78
C GLU C 557 -16.42 21.16 -38.85
N ASN C 558 -16.05 22.33 -39.36
CA ASN C 558 -15.46 23.36 -38.53
C ASN C 558 -16.40 24.54 -38.36
N GLU C 579 -17.62 48.26 -37.62
CA GLU C 579 -18.49 48.36 -36.46
C GLU C 579 -18.24 47.18 -35.51
N ARG C 580 -18.45 47.41 -34.22
CA ARG C 580 -18.14 46.40 -33.22
C ARG C 580 -19.12 45.23 -33.32
N ILE C 581 -18.59 44.01 -33.19
CA ILE C 581 -19.41 42.81 -33.25
C ILE C 581 -20.27 42.70 -32.00
N VAL C 582 -21.57 42.50 -32.19
CA VAL C 582 -22.48 42.28 -31.07
C VAL C 582 -23.29 40.99 -31.21
N TYR C 583 -23.49 40.47 -32.42
CA TYR C 583 -24.25 39.24 -32.62
C TYR C 583 -23.51 38.36 -33.61
N ILE C 584 -23.41 37.07 -33.28
CA ILE C 584 -22.68 36.10 -34.09
C ILE C 584 -23.58 34.89 -34.32
N ARG C 585 -23.66 34.44 -35.58
CA ARG C 585 -24.40 33.23 -35.92
C ARG C 585 -23.90 32.72 -37.26
N THR C 586 -23.47 31.46 -37.29
CA THR C 586 -22.93 30.88 -38.51
C THR C 586 -24.03 30.63 -39.53
N LEU C 587 -23.62 30.56 -40.80
CA LEU C 587 -24.54 30.25 -41.89
C LEU C 587 -24.27 28.86 -42.45
N PRO D 97 60.02 -6.83 14.04
CA PRO D 97 59.34 -5.81 13.24
C PRO D 97 57.85 -6.10 12.94
N PRO D 98 57.47 -7.34 12.56
CA PRO D 98 56.03 -7.63 12.41
C PRO D 98 55.31 -7.60 13.74
N SER D 99 54.45 -6.61 13.95
CA SER D 99 53.85 -6.35 15.24
C SER D 99 52.34 -6.22 15.11
N GLY D 100 51.63 -6.61 16.16
CA GLY D 100 50.19 -6.49 16.22
C GLY D 100 49.75 -5.28 17.02
N TYR D 101 48.42 -5.15 17.14
CA TYR D 101 47.82 -4.03 17.84
C TYR D 101 46.72 -4.54 18.77
N GLY D 102 46.56 -3.84 19.90
CA GLY D 102 45.50 -4.15 20.83
C GLY D 102 45.00 -2.88 21.48
N VAL D 103 43.91 -3.01 22.23
CA VAL D 103 43.33 -1.87 22.94
C VAL D 103 43.39 -2.14 24.43
N LEU D 104 43.82 -1.15 25.20
CA LEU D 104 44.03 -1.30 26.64
C LEU D 104 42.74 -0.97 27.38
N LEU D 105 42.19 -1.96 28.08
CA LEU D 105 40.94 -1.81 28.81
C LEU D 105 41.17 -1.36 30.25
N ALA D 106 41.92 -2.16 31.02
CA ALA D 106 42.12 -1.90 32.43
C ALA D 106 43.56 -2.22 32.83
N THR D 107 44.02 -1.58 33.89
CA THR D 107 45.34 -1.80 34.44
C THR D 107 45.26 -2.60 35.74
N HIS D 108 46.39 -3.18 36.12
CA HIS D 108 46.49 -3.97 37.34
C HIS D 108 47.67 -3.48 38.17
N ASP D 109 47.51 -3.55 39.50
CA ASP D 109 48.62 -3.28 40.39
C ASP D 109 49.75 -4.28 40.19
N ASP D 110 49.43 -5.47 39.68
CA ASP D 110 50.40 -6.50 39.35
C ASP D 110 51.29 -6.13 38.16
N ASP D 111 51.11 -4.93 37.60
CA ASP D 111 51.85 -4.47 36.42
C ASP D 111 51.58 -5.38 35.22
N THR D 112 50.30 -5.72 35.03
CA THR D 112 49.83 -6.42 33.85
C THR D 112 48.61 -5.66 33.33
N VAL D 113 48.49 -5.57 32.01
CA VAL D 113 47.49 -4.73 31.37
C VAL D 113 46.45 -5.61 30.68
N ASP D 114 45.18 -5.34 30.98
CA ASP D 114 44.08 -5.94 30.23
C ASP D 114 44.02 -5.31 28.84
N VAL D 115 43.97 -6.15 27.81
CA VAL D 115 43.90 -5.67 26.43
C VAL D 115 42.98 -6.58 25.64
N PHE D 116 42.21 -5.98 24.75
CA PHE D 116 41.42 -6.70 23.76
C PHE D 116 42.18 -6.71 22.43
N THR D 117 42.29 -7.89 21.84
CA THR D 117 42.93 -8.06 20.54
C THR D 117 42.51 -9.40 19.97
N SER D 118 42.62 -9.50 18.64
CA SER D 118 42.31 -10.73 17.91
C SER D 118 40.93 -11.28 18.27
N GLY D 119 39.98 -10.38 18.48
CA GLY D 119 38.62 -10.78 18.81
C GLY D 119 38.49 -11.50 20.14
N ARG D 120 39.32 -11.16 21.11
CA ARG D 120 39.19 -11.71 22.46
C ARG D 120 39.89 -10.77 23.43
N LYS D 121 39.86 -11.15 24.71
CA LYS D 121 40.41 -10.31 25.78
C LYS D 121 41.41 -11.12 26.59
N MET D 122 42.60 -10.55 26.78
CA MET D 122 43.67 -11.19 27.54
C MET D 122 44.41 -10.10 28.31
N ARG D 123 45.08 -10.46 29.40
CA ARG D 123 45.97 -9.50 30.03
C ARG D 123 47.41 -9.95 29.88
N LEU D 124 48.27 -8.99 29.53
CA LEU D 124 49.64 -9.27 29.14
C LEU D 124 50.59 -8.37 29.90
N THR D 125 51.84 -8.80 29.97
CA THR D 125 52.87 -7.95 30.56
C THR D 125 53.27 -6.86 29.56
N CYS D 126 53.82 -5.78 30.10
CA CYS D 126 54.26 -4.66 29.30
C CYS D 126 55.78 -4.66 29.20
N SER D 127 56.29 -3.84 28.28
CA SER D 127 57.73 -3.65 28.20
C SER D 127 58.22 -2.99 29.49
N PRO D 128 59.39 -3.39 30.00
CA PRO D 128 59.85 -2.81 31.27
C PRO D 128 60.03 -1.30 31.24
N ASN D 129 60.33 -0.73 30.06
CA ASN D 129 60.56 0.71 29.99
C ASN D 129 59.32 1.52 30.33
N ILE D 130 58.15 1.09 29.87
CA ILE D 130 56.92 1.82 30.16
C ILE D 130 56.41 1.45 31.56
N ASP D 131 55.71 2.39 32.18
CA ASP D 131 55.19 2.23 33.53
C ASP D 131 53.68 2.40 33.52
N ALA D 132 52.99 1.50 34.25
CA ALA D 132 51.53 1.46 34.22
C ALA D 132 50.92 2.80 34.64
N ALA D 133 51.52 3.45 35.65
CA ALA D 133 51.04 4.77 36.05
C ALA D 133 51.17 5.77 34.91
N SER D 134 52.30 5.74 34.20
CA SER D 134 52.44 6.54 32.99
C SER D 134 51.52 6.05 31.90
N LEU D 135 51.27 4.74 31.84
CA LEU D 135 50.41 4.16 30.81
C LEU D 135 48.97 4.52 31.10
N LYS D 136 48.50 5.61 30.50
CA LYS D 136 47.10 5.98 30.63
C LYS D 136 46.22 4.96 29.93
N LYS D 137 45.04 4.71 30.50
CA LYS D 137 44.19 3.66 29.99
C LYS D 137 43.59 4.07 28.65
N GLY D 138 43.12 3.06 27.90
CA GLY D 138 42.37 3.31 26.69
C GLY D 138 43.18 3.40 25.42
N GLN D 139 44.42 3.88 25.51
CA GLN D 139 45.24 4.04 24.32
C GLN D 139 45.53 2.70 23.68
N THR D 140 45.25 2.59 22.38
CA THR D 140 45.66 1.41 21.62
C THR D 140 47.18 1.30 21.66
N VAL D 141 47.67 0.07 21.83
CA VAL D 141 49.08 -0.18 22.02
C VAL D 141 49.56 -1.22 21.02
N ARG D 142 50.87 -1.19 20.77
CA ARG D 142 51.50 -2.12 19.84
C ARG D 142 51.87 -3.40 20.57
N LEU D 143 51.75 -4.52 19.86
CA LEU D 143 52.05 -5.83 20.41
C LEU D 143 53.21 -6.45 19.63
N ASN D 144 53.47 -7.72 19.89
CA ASN D 144 54.53 -8.44 19.18
C ASN D 144 54.12 -9.89 19.05
N GLU D 145 54.94 -10.65 18.32
CA GLU D 145 54.71 -12.09 18.19
C GLU D 145 54.70 -12.77 19.56
N ALA D 146 55.48 -12.25 20.51
CA ALA D 146 55.49 -12.76 21.87
C ALA D 146 54.30 -12.28 22.69
N LEU D 147 53.40 -11.49 22.08
CA LEU D 147 52.20 -10.98 22.76
C LEU D 147 52.56 -10.19 24.00
N THR D 148 53.51 -9.27 23.85
CA THR D 148 53.94 -8.39 24.93
C THR D 148 53.78 -6.94 24.48
N VAL D 149 53.29 -6.10 25.39
CA VAL D 149 53.13 -4.68 25.10
C VAL D 149 54.50 -4.04 24.99
N VAL D 150 54.73 -3.27 23.93
CA VAL D 150 56.02 -2.67 23.65
C VAL D 150 55.97 -1.15 23.75
N GLU D 151 54.90 -0.53 23.27
CA GLU D 151 54.84 0.92 23.23
C GLU D 151 53.39 1.37 23.32
N ALA D 152 53.18 2.49 24.01
CA ALA D 152 51.84 3.04 24.22
C ALA D 152 51.51 4.00 23.09
N GLY D 153 50.59 3.60 22.22
CA GLY D 153 50.18 4.42 21.11
C GLY D 153 49.19 5.49 21.52
N THR D 154 48.59 6.13 20.51
CA THR D 154 47.66 7.22 20.72
C THR D 154 46.23 6.68 20.80
N PHE D 155 45.25 7.58 20.77
CA PHE D 155 43.85 7.20 20.86
C PHE D 155 43.34 6.74 19.50
N GLU D 156 42.11 6.25 19.49
CA GLU D 156 41.45 5.82 18.26
C GLU D 156 40.76 7.02 17.60
N ALA D 157 40.77 7.04 16.27
CA ALA D 157 40.15 8.12 15.52
C ALA D 157 39.09 7.64 14.55
N VAL D 158 38.90 6.33 14.39
CA VAL D 158 37.93 5.77 13.45
C VAL D 158 37.20 4.62 14.12
N GLY D 159 35.87 4.65 14.05
CA GLY D 159 35.04 3.62 14.64
C GLY D 159 33.58 3.79 14.29
N GLU D 160 32.70 3.62 15.26
CA GLU D 160 31.27 3.76 15.06
C GLU D 160 30.75 4.90 15.92
N ILE D 161 29.99 5.81 15.32
CA ILE D 161 29.44 6.96 16.02
C ILE D 161 28.03 6.62 16.50
N SER D 162 27.74 6.98 17.74
CA SER D 162 26.45 6.61 18.32
C SER D 162 26.01 7.66 19.34
N THR D 163 24.71 7.89 19.42
CA THR D 163 24.17 8.90 20.32
C THR D 163 24.13 8.37 21.74
N LEU D 164 24.77 9.11 22.66
CA LEU D 164 24.82 8.71 24.05
C LEU D 164 23.42 8.76 24.67
N ARG D 165 23.08 7.73 25.44
CA ARG D 165 21.80 7.70 26.13
C ARG D 165 21.91 8.22 27.56
N GLU D 166 22.85 7.69 28.33
CA GLU D 166 23.01 8.16 29.71
C GLU D 166 24.42 7.86 30.20
N ILE D 167 24.91 8.73 31.07
CA ILE D 167 26.17 8.53 31.77
C ILE D 167 25.85 7.98 33.17
N LEU D 168 26.40 6.82 33.49
CA LEU D 168 26.09 6.18 34.75
C LEU D 168 26.74 6.93 35.92
N ALA D 169 26.19 6.71 37.12
CA ALA D 169 26.64 7.44 38.29
C ALA D 169 28.10 7.14 38.62
N ASP D 170 28.52 5.88 38.49
CA ASP D 170 29.90 5.51 38.82
C ASP D 170 30.90 6.21 37.90
N GLY D 171 30.47 6.68 36.73
CA GLY D 171 31.28 7.53 35.88
C GLY D 171 32.11 6.82 34.84
N HIS D 172 32.44 5.55 35.04
CA HIS D 172 33.22 4.79 34.07
C HIS D 172 32.36 3.94 33.15
N ARG D 173 31.04 4.00 33.31
CA ARG D 173 30.11 3.24 32.49
C ARG D 173 29.12 4.19 31.84
N ALA D 174 28.84 3.96 30.55
CA ALA D 174 27.90 4.80 29.82
C ALA D 174 27.00 3.93 28.97
N LEU D 175 25.69 4.14 29.10
CA LEU D 175 24.71 3.43 28.27
C LEU D 175 24.49 4.23 27.00
N VAL D 176 24.64 3.56 25.86
CA VAL D 176 24.58 4.21 24.56
C VAL D 176 23.73 3.37 23.61
N VAL D 177 23.03 4.04 22.70
CA VAL D 177 22.13 3.41 21.75
C VAL D 177 22.75 3.52 20.35
N GLY D 178 22.67 2.43 19.60
CA GLY D 178 23.26 2.34 18.28
C GLY D 178 22.30 2.64 17.16
N HIS D 179 22.59 2.06 15.99
CA HIS D 179 21.81 2.38 14.79
C HIS D 179 20.44 1.71 14.80
N ALA D 180 20.38 0.44 15.20
CA ALA D 180 19.16 -0.36 15.11
C ALA D 180 18.50 -0.54 16.48
N ASP D 181 18.50 0.50 17.29
CA ASP D 181 17.89 0.55 18.62
C ASP D 181 18.65 -0.31 19.64
N GLU D 182 19.78 -0.90 19.25
CA GLU D 182 20.57 -1.65 20.21
C GLU D 182 21.09 -0.71 21.28
N GLU D 183 21.04 -1.16 22.54
CA GLU D 183 21.49 -0.37 23.67
C GLU D 183 22.51 -1.20 24.45
N ARG D 184 23.69 -0.62 24.65
CA ARG D 184 24.78 -1.34 25.30
C ARG D 184 25.56 -0.38 26.20
N VAL D 185 26.15 -0.94 27.24
CA VAL D 185 26.98 -0.17 28.17
C VAL D 185 28.43 -0.34 27.77
N VAL D 186 29.16 0.77 27.74
CA VAL D 186 30.56 0.80 27.34
C VAL D 186 31.34 1.61 28.37
N TRP D 187 32.67 1.55 28.24
CA TRP D 187 33.55 2.36 29.07
C TRP D 187 33.60 3.79 28.50
N LEU D 188 34.49 4.60 29.06
CA LEU D 188 34.65 5.98 28.63
C LEU D 188 36.08 6.20 28.13
N ALA D 189 36.40 7.45 27.83
CA ALA D 189 37.71 7.82 27.30
C ALA D 189 38.43 8.75 28.26
N ASP D 190 39.75 8.84 28.07
CA ASP D 190 40.55 9.77 28.86
C ASP D 190 40.06 11.21 28.77
N PRO D 191 39.79 11.78 27.59
CA PRO D 191 39.13 13.10 27.58
C PRO D 191 37.76 13.07 28.24
N LEU D 192 37.04 11.95 28.08
CA LEU D 192 35.71 11.83 28.68
C LEU D 192 35.78 11.68 30.19
N ILE D 193 36.94 11.37 30.74
CA ILE D 193 37.11 11.25 32.18
C ILE D 193 38.17 12.21 32.67
N PRO D 211 39.19 20.66 30.32
CA PRO D 211 38.16 19.61 30.47
C PRO D 211 36.86 19.97 29.77
N ARG D 212 36.56 19.29 28.66
CA ARG D 212 35.33 19.54 27.93
C ARG D 212 34.15 18.85 28.60
N LYS D 213 32.97 19.43 28.44
CA LYS D 213 31.77 18.95 29.10
C LYS D 213 30.89 18.22 28.11
N LEU D 214 30.39 17.05 28.51
CA LEU D 214 29.52 16.22 27.68
C LEU D 214 28.10 16.25 28.22
N ARG D 215 27.16 15.96 27.34
CA ARG D 215 25.74 15.91 27.68
C ARG D 215 25.13 14.64 27.12
N PRO D 216 24.07 14.13 27.73
CA PRO D 216 23.33 13.02 27.12
C PRO D 216 22.77 13.43 25.77
N GLY D 217 22.73 12.47 24.85
CA GLY D 217 22.33 12.74 23.48
C GLY D 217 23.46 13.15 22.57
N ASP D 218 24.68 13.27 23.08
CA ASP D 218 25.83 13.60 22.25
C ASP D 218 26.25 12.40 21.42
N SER D 219 26.98 12.68 20.35
CA SER D 219 27.50 11.65 19.45
C SER D 219 28.91 11.26 19.90
N LEU D 220 29.07 10.03 20.36
CA LEU D 220 30.35 9.53 20.86
C LEU D 220 30.86 8.44 19.93
N LEU D 221 32.18 8.43 19.74
CA LEU D 221 32.85 7.45 18.89
C LEU D 221 33.25 6.25 19.74
N VAL D 222 32.62 5.11 19.49
CA VAL D 222 32.86 3.90 20.25
C VAL D 222 33.14 2.77 19.25
N ASP D 223 33.82 1.74 19.75
CA ASP D 223 34.01 0.49 19.03
C ASP D 223 33.33 -0.64 19.80
N THR D 224 32.43 -1.35 19.11
CA THR D 224 31.48 -2.22 19.80
C THR D 224 32.18 -3.34 20.55
N LYS D 225 33.06 -4.09 19.87
CA LYS D 225 33.67 -5.26 20.50
C LYS D 225 34.52 -4.86 21.70
N ALA D 226 35.32 -3.80 21.54
CA ALA D 226 36.23 -3.39 22.65
C ALA D 226 35.42 -2.63 23.70
N GLY D 227 34.22 -2.17 23.35
CA GLY D 227 33.35 -1.47 24.31
C GLY D 227 34.03 -0.26 24.92
N TYR D 228 34.76 0.51 24.11
CA TYR D 228 35.47 1.72 24.62
C TYR D 228 35.06 2.95 23.81
N ALA D 229 34.58 4.00 24.48
CA ALA D 229 34.23 5.27 23.78
C ALA D 229 35.52 6.07 23.58
N PHE D 230 35.54 7.01 22.63
CA PHE D 230 36.81 7.70 22.40
C PHE D 230 36.70 9.21 22.41
N GLU D 231 35.73 9.78 21.70
CA GLU D 231 35.62 11.23 21.62
C GLU D 231 34.25 11.62 21.11
N ARG D 232 33.80 12.81 21.49
CA ARG D 232 32.51 13.33 21.07
C ARG D 232 32.67 14.12 19.78
N ILE D 233 32.05 13.63 18.71
CA ILE D 233 32.17 14.28 17.41
C ILE D 233 31.20 15.46 17.35
N PRO D 234 31.67 16.66 17.00
CA PRO D 234 30.77 17.81 16.93
C PRO D 234 29.71 17.63 15.85
N LYS D 235 28.56 18.27 16.06
CA LYS D 235 27.43 18.20 15.15
C LYS D 235 27.32 19.50 14.36
N ALA D 236 26.56 19.44 13.27
CA ALA D 236 26.35 20.61 12.42
C ALA D 236 24.87 20.98 12.37
N PRO E 97 54.10 -14.33 31.24
CA PRO E 97 52.97 -15.25 31.35
C PRO E 97 51.67 -14.65 30.82
N PRO E 98 51.45 -14.75 29.51
CA PRO E 98 50.18 -14.27 28.95
C PRO E 98 49.01 -15.09 29.44
N SER E 99 47.84 -14.44 29.51
CA SER E 99 46.65 -15.08 30.06
C SER E 99 45.41 -14.42 29.48
N GLY E 100 44.45 -15.24 29.08
CA GLY E 100 43.19 -14.75 28.53
C GLY E 100 42.12 -14.60 29.58
N TYR E 101 40.88 -14.85 29.18
CA TYR E 101 39.75 -14.72 30.08
C TYR E 101 38.67 -15.72 29.68
N GLY E 102 37.80 -16.04 30.65
CA GLY E 102 36.67 -16.90 30.42
C GLY E 102 35.58 -16.57 31.41
N VAL E 103 34.39 -17.15 31.17
CA VAL E 103 33.24 -16.92 32.04
C VAL E 103 32.75 -18.27 32.55
N LEU E 104 32.52 -18.36 33.86
CA LEU E 104 32.02 -19.58 34.46
C LEU E 104 30.60 -19.87 34.01
N LEU E 105 30.30 -21.15 33.78
CA LEU E 105 28.93 -21.59 33.54
C LEU E 105 28.42 -22.51 34.63
N ALA E 106 29.16 -23.57 34.96
CA ALA E 106 28.77 -24.49 36.02
C ALA E 106 30.03 -25.03 36.68
N THR E 107 29.87 -25.52 37.91
CA THR E 107 30.96 -26.07 38.68
C THR E 107 30.78 -27.57 38.85
N HIS E 108 31.90 -28.26 39.09
CA HIS E 108 31.90 -29.69 39.34
C HIS E 108 32.79 -29.99 40.55
N ASP E 109 32.39 -30.98 41.32
CA ASP E 109 33.11 -31.35 42.54
C ASP E 109 34.32 -32.22 42.28
N ASP E 110 34.61 -32.56 41.02
CA ASP E 110 35.71 -33.44 40.67
C ASP E 110 36.99 -32.69 40.37
N ASP E 111 37.21 -31.54 41.02
CA ASP E 111 38.36 -30.67 40.79
C ASP E 111 38.39 -30.13 39.36
N THR E 112 37.24 -30.09 38.69
CA THR E 112 37.14 -29.59 37.33
C THR E 112 35.99 -28.59 37.26
N VAL E 113 36.04 -27.72 36.26
CA VAL E 113 35.14 -26.57 36.16
C VAL E 113 34.70 -26.43 34.71
N ASP E 114 33.56 -25.77 34.51
CA ASP E 114 33.00 -25.52 33.19
C ASP E 114 33.05 -24.04 32.88
N VAL E 115 33.86 -23.66 31.88
CA VAL E 115 34.07 -22.26 31.56
C VAL E 115 33.96 -22.08 30.05
N PHE E 116 33.33 -20.98 29.64
CA PHE E 116 33.23 -20.61 28.25
C PHE E 116 34.31 -19.58 27.92
N THR E 117 35.09 -19.86 26.89
CA THR E 117 36.13 -18.95 26.44
C THR E 117 36.40 -19.23 24.96
N SER E 118 36.91 -18.21 24.27
CA SER E 118 37.26 -18.29 22.86
C SER E 118 36.12 -18.87 22.03
N GLY E 119 34.90 -18.45 22.37
CA GLY E 119 33.74 -18.91 21.63
C GLY E 119 33.42 -20.38 21.77
N ARG E 120 33.76 -21.00 22.90
CA ARG E 120 33.41 -22.40 23.14
C ARG E 120 33.42 -22.66 24.63
N LYS E 121 32.49 -23.49 25.09
CA LYS E 121 32.42 -23.89 26.49
C LYS E 121 33.13 -25.22 26.67
N MET E 122 33.99 -25.31 27.69
CA MET E 122 34.85 -26.46 27.85
C MET E 122 35.10 -26.71 29.32
N ARG E 123 35.41 -27.96 29.65
CA ARG E 123 35.77 -28.37 31.00
C ARG E 123 37.28 -28.25 31.18
N LEU E 124 37.70 -27.63 32.27
CA LEU E 124 39.10 -27.39 32.55
C LEU E 124 39.42 -27.73 34.00
N THR E 125 40.67 -28.10 34.24
CA THR E 125 41.13 -28.32 35.59
C THR E 125 41.26 -26.99 36.33
N CYS E 126 41.45 -27.07 37.64
CA CYS E 126 41.50 -25.90 38.50
C CYS E 126 42.84 -25.81 39.21
N SER E 127 43.31 -24.59 39.39
CA SER E 127 44.52 -24.35 40.16
C SER E 127 44.29 -24.71 41.63
N PRO E 128 45.32 -25.19 42.32
CA PRO E 128 45.13 -25.64 43.72
C PRO E 128 44.65 -24.54 44.66
N ASN E 129 45.02 -23.28 44.39
CA ASN E 129 44.67 -22.21 45.33
C ASN E 129 43.16 -22.02 45.43
N ILE E 130 42.45 -22.05 44.31
CA ILE E 130 41.03 -21.75 44.28
C ILE E 130 40.23 -22.94 44.79
N ASP E 131 38.96 -22.71 45.09
CA ASP E 131 38.06 -23.74 45.58
C ASP E 131 36.69 -23.53 44.95
N ALA E 132 35.88 -24.59 44.96
CA ALA E 132 34.54 -24.51 44.37
C ALA E 132 33.71 -23.43 45.06
N ALA E 133 33.77 -23.37 46.39
CA ALA E 133 33.12 -22.26 47.09
C ALA E 133 33.82 -20.94 46.80
N SER E 134 35.15 -20.96 46.71
CA SER E 134 35.91 -19.74 46.44
C SER E 134 35.53 -19.15 45.09
N LEU E 135 35.49 -19.98 44.05
CA LEU E 135 35.04 -19.52 42.75
C LEU E 135 33.55 -19.18 42.82
N LYS E 136 33.16 -18.15 42.09
CA LYS E 136 31.84 -17.54 42.23
C LYS E 136 31.07 -17.82 40.95
N LYS E 137 29.82 -18.23 41.08
CA LYS E 137 29.07 -18.70 39.92
C LYS E 137 28.87 -17.57 38.91
N GLY E 138 29.13 -17.87 37.65
CA GLY E 138 29.01 -16.89 36.58
C GLY E 138 29.97 -15.74 36.71
N GLN E 139 31.24 -16.04 36.97
CA GLN E 139 32.24 -15.02 37.23
C GLN E 139 33.38 -15.11 36.22
N THR E 140 33.91 -13.96 35.84
CA THR E 140 35.08 -13.91 34.96
C THR E 140 36.27 -14.55 35.66
N VAL E 141 37.06 -15.30 34.89
CA VAL E 141 38.18 -16.06 35.42
C VAL E 141 39.36 -15.93 34.45
N ARG E 142 40.57 -15.78 35.00
CA ARG E 142 41.76 -15.77 34.18
C ARG E 142 42.10 -17.19 33.73
N LEU E 143 42.48 -17.32 32.47
CA LEU E 143 42.87 -18.58 31.88
C LEU E 143 44.39 -18.60 31.67
N ASN E 144 44.87 -19.68 31.07
CA ASN E 144 46.29 -19.80 30.74
C ASN E 144 46.42 -20.58 29.44
N GLU E 145 47.59 -20.43 28.80
CA GLU E 145 47.86 -21.18 27.59
C GLU E 145 47.81 -22.68 27.83
N ALA E 146 48.11 -23.12 29.06
CA ALA E 146 47.96 -24.53 29.43
C ALA E 146 46.50 -24.93 29.59
N LEU E 147 45.56 -24.03 29.34
CA LEU E 147 44.13 -24.33 29.40
C LEU E 147 43.73 -24.78 30.81
N THR E 148 43.87 -23.86 31.76
CA THR E 148 43.52 -24.12 33.15
C THR E 148 43.14 -22.81 33.83
N VAL E 149 42.06 -22.85 34.61
CA VAL E 149 41.64 -21.68 35.38
C VAL E 149 42.58 -21.50 36.57
N VAL E 150 43.01 -20.27 36.81
CA VAL E 150 43.95 -19.97 37.87
C VAL E 150 43.42 -18.90 38.82
N GLU E 151 42.88 -17.81 38.28
CA GLU E 151 42.44 -16.67 39.08
C GLU E 151 41.03 -16.25 38.69
N ALA E 152 40.16 -16.12 39.68
CA ALA E 152 38.81 -15.61 39.49
C ALA E 152 38.72 -14.22 40.09
N GLY E 153 38.20 -13.27 39.32
CA GLY E 153 38.16 -11.89 39.76
C GLY E 153 36.77 -11.33 39.94
N THR E 154 36.57 -10.08 39.53
CA THR E 154 35.28 -9.43 39.62
C THR E 154 34.51 -9.56 38.31
N PHE E 155 33.20 -9.36 38.39
CA PHE E 155 32.34 -9.52 37.23
C PHE E 155 32.62 -8.42 36.20
N GLU E 156 32.69 -8.83 34.93
CA GLU E 156 32.91 -7.90 33.84
C GLU E 156 31.68 -7.01 33.68
N ALA E 157 31.92 -5.76 33.28
CA ALA E 157 30.92 -4.72 33.50
C ALA E 157 30.39 -4.00 32.26
N VAL E 158 30.75 -4.43 31.06
CA VAL E 158 30.18 -3.83 29.86
C VAL E 158 29.75 -4.92 28.90
N GLY E 159 28.77 -4.59 28.06
CA GLY E 159 28.19 -5.57 27.16
C GLY E 159 26.83 -5.10 26.69
N GLU E 160 26.02 -6.06 26.23
CA GLU E 160 24.71 -5.70 25.71
C GLU E 160 23.75 -5.43 26.86
N ILE E 161 22.63 -4.78 26.55
CA ILE E 161 21.57 -4.52 27.51
C ILE E 161 20.28 -5.12 26.96
N SER E 162 19.66 -5.99 27.75
CA SER E 162 18.42 -6.64 27.36
C SER E 162 17.36 -6.40 28.43
N THR E 163 16.17 -6.01 27.99
CA THR E 163 15.09 -5.82 28.95
C THR E 163 14.55 -7.18 29.38
N LEU E 164 14.44 -7.36 30.69
CA LEU E 164 14.01 -8.65 31.23
C LEU E 164 12.55 -8.91 30.89
N ARG E 165 12.26 -10.13 30.45
CA ARG E 165 10.89 -10.54 30.19
C ARG E 165 10.26 -11.18 31.43
N GLU E 166 10.85 -12.28 31.91
CA GLU E 166 10.32 -12.94 33.10
C GLU E 166 11.38 -13.89 33.64
N ILE E 167 11.17 -14.34 34.88
CA ILE E 167 12.11 -15.21 35.57
C ILE E 167 11.50 -16.60 35.63
N LEU E 168 12.11 -17.56 34.95
CA LEU E 168 11.52 -18.87 34.80
C LEU E 168 11.48 -19.61 36.14
N ALA E 169 10.61 -20.61 36.22
CA ALA E 169 10.27 -21.25 37.49
C ALA E 169 11.48 -21.83 38.20
N ASP E 170 12.49 -22.27 37.46
CA ASP E 170 13.66 -22.87 38.10
C ASP E 170 14.40 -21.87 38.97
N GLY E 171 14.42 -20.60 38.56
CA GLY E 171 15.10 -19.57 39.32
C GLY E 171 16.56 -19.35 38.98
N HIS E 172 17.14 -20.23 38.17
CA HIS E 172 18.52 -20.06 37.71
C HIS E 172 18.60 -19.49 36.31
N ARG E 173 17.51 -19.54 35.55
CA ARG E 173 17.47 -19.08 34.17
C ARG E 173 16.26 -18.18 33.98
N ALA E 174 16.44 -17.11 33.22
CA ALA E 174 15.40 -16.13 32.97
C ALA E 174 15.28 -15.84 31.49
N LEU E 175 14.07 -15.53 31.05
CA LEU E 175 13.79 -15.12 29.68
C LEU E 175 13.95 -13.61 29.59
N VAL E 176 14.83 -13.16 28.69
CA VAL E 176 15.02 -11.75 28.39
C VAL E 176 14.86 -11.57 26.88
N VAL E 177 14.69 -10.32 26.46
CA VAL E 177 14.45 -10.02 25.06
C VAL E 177 15.45 -8.97 24.59
N GLY E 178 15.70 -8.94 23.28
CA GLY E 178 16.66 -8.05 22.69
C GLY E 178 16.02 -6.89 21.93
N HIS E 179 16.88 -6.03 21.39
CA HIS E 179 16.41 -4.86 20.65
C HIS E 179 15.68 -5.25 19.37
N ALA E 180 16.11 -6.31 18.70
CA ALA E 180 15.48 -6.77 17.47
C ALA E 180 14.47 -7.89 17.73
N ASP E 181 13.83 -7.89 18.89
CA ASP E 181 12.75 -8.77 19.31
C ASP E 181 13.22 -10.19 19.63
N GLU E 182 14.50 -10.49 19.45
CA GLU E 182 15.00 -11.81 19.85
C GLU E 182 14.84 -11.99 21.35
N GLU E 183 14.55 -13.22 21.76
CA GLU E 183 14.44 -13.56 23.17
C GLU E 183 15.30 -14.76 23.47
N ARG E 184 16.02 -14.70 24.59
CA ARG E 184 16.93 -15.75 25.00
C ARG E 184 16.74 -16.06 26.48
N VAL E 185 16.92 -17.33 26.82
CA VAL E 185 17.00 -17.76 28.20
C VAL E 185 18.46 -17.78 28.62
N VAL E 186 18.76 -17.07 29.71
CA VAL E 186 20.14 -16.95 30.17
C VAL E 186 20.19 -17.27 31.65
N TRP E 187 21.36 -17.74 32.10
CA TRP E 187 21.57 -17.93 33.52
C TRP E 187 21.64 -16.58 34.23
N LEU E 188 21.47 -16.63 35.55
CA LEU E 188 21.45 -15.43 36.36
C LEU E 188 22.75 -15.30 37.14
N ALA E 189 23.17 -14.05 37.34
CA ALA E 189 24.34 -13.79 38.17
C ALA E 189 23.99 -14.00 39.64
N ASP E 190 25.01 -14.36 40.42
CA ASP E 190 24.80 -14.58 41.85
C ASP E 190 24.19 -13.38 42.56
N PRO E 191 24.60 -12.13 42.30
CA PRO E 191 23.87 -11.00 42.90
C PRO E 191 22.40 -10.96 42.51
N LEU E 192 22.03 -11.54 41.37
CA LEU E 192 20.64 -11.62 40.95
C LEU E 192 19.95 -12.89 41.43
N ILE E 193 20.66 -13.75 42.17
CA ILE E 193 20.06 -14.96 42.72
C ILE E 193 20.67 -15.25 44.08
N PRO E 211 18.06 -7.16 49.89
CA PRO E 211 18.74 -6.96 48.61
C PRO E 211 17.80 -6.45 47.53
N ARG E 212 18.36 -5.85 46.48
CA ARG E 212 17.55 -5.38 45.37
C ARG E 212 16.99 -6.57 44.60
N LYS E 213 15.66 -6.64 44.53
CA LYS E 213 15.00 -7.79 43.93
C LYS E 213 14.92 -7.63 42.41
N LEU E 214 14.63 -8.74 41.74
CA LEU E 214 14.51 -8.77 40.28
C LEU E 214 13.04 -8.86 39.91
N ARG E 215 12.59 -7.94 39.07
CA ARG E 215 11.20 -7.86 38.64
C ARG E 215 11.13 -7.75 37.13
N PRO E 216 10.04 -8.22 36.53
CA PRO E 216 9.85 -8.00 35.08
C PRO E 216 9.84 -6.51 34.75
N GLY E 217 10.39 -6.17 33.59
CA GLY E 217 10.52 -4.80 33.18
C GLY E 217 11.83 -4.14 33.49
N ASP E 218 12.85 -4.91 33.87
CA ASP E 218 14.18 -4.38 34.18
C ASP E 218 15.11 -4.56 32.99
N SER E 219 16.14 -3.74 32.94
CA SER E 219 17.20 -3.82 31.94
C SER E 219 18.44 -4.43 32.56
N LEU E 220 18.97 -5.48 31.94
CA LEU E 220 20.07 -6.24 32.47
C LEU E 220 21.26 -6.19 31.53
N LEU E 221 22.45 -6.08 32.12
CA LEU E 221 23.69 -6.22 31.36
C LEU E 221 23.92 -7.70 31.07
N VAL E 222 23.98 -8.04 29.78
CA VAL E 222 24.05 -9.42 29.33
C VAL E 222 25.16 -9.57 28.29
N ASP E 223 25.64 -10.80 28.17
CA ASP E 223 26.63 -11.23 27.18
C ASP E 223 26.02 -12.44 26.49
N THR E 224 25.26 -12.21 25.42
CA THR E 224 24.48 -13.26 24.79
C THR E 224 25.36 -14.35 24.18
N LYS E 225 26.65 -14.09 24.00
CA LYS E 225 27.54 -15.12 23.48
C LYS E 225 27.59 -16.32 24.42
N ALA E 226 27.64 -16.04 25.73
CA ALA E 226 27.70 -17.11 26.75
C ALA E 226 26.35 -17.22 27.45
N GLY E 227 25.37 -16.42 27.03
CA GLY E 227 24.04 -16.43 27.68
C GLY E 227 24.13 -16.22 29.18
N TYR E 228 24.87 -15.19 29.62
CA TYR E 228 24.94 -14.87 31.08
C TYR E 228 24.55 -13.42 31.35
N ALA E 229 23.68 -13.19 32.33
CA ALA E 229 23.29 -11.81 32.71
C ALA E 229 24.19 -11.36 33.86
N PHE E 230 24.50 -10.06 33.96
CA PHE E 230 25.44 -9.61 35.00
C PHE E 230 24.75 -8.83 36.11
N GLU E 231 24.10 -7.72 35.78
CA GLU E 231 23.48 -6.89 36.81
C GLU E 231 22.38 -6.05 36.20
N ARG E 232 21.50 -5.57 37.08
CA ARG E 232 20.34 -4.77 36.69
C ARG E 232 20.78 -3.32 36.58
N ILE E 233 20.98 -2.85 35.36
CA ILE E 233 21.48 -1.48 35.17
C ILE E 233 20.42 -0.48 35.60
N PRO E 234 20.77 0.51 36.42
CA PRO E 234 19.81 1.58 36.74
C PRO E 234 19.54 2.45 35.53
N LYS E 235 18.37 3.08 35.54
CA LYS E 235 17.97 3.98 34.47
C LYS E 235 17.48 5.29 35.06
N ALA E 236 17.69 6.36 34.31
CA ALA E 236 17.28 7.70 34.75
C ALA E 236 16.23 8.28 33.82
N PRO F 97 43.40 -34.14 29.99
CA PRO F 97 42.34 -34.05 31.00
C PRO F 97 41.27 -32.99 30.72
N PRO F 98 41.60 -31.79 30.23
CA PRO F 98 40.55 -30.85 29.82
C PRO F 98 39.70 -31.44 28.71
N SER F 99 38.40 -31.17 28.77
CA SER F 99 37.44 -31.83 27.89
C SER F 99 36.46 -30.81 27.34
N GLY F 100 36.25 -30.86 26.03
CA GLY F 100 35.27 -30.00 25.37
C GLY F 100 33.86 -30.55 25.51
N TYR F 101 32.95 -29.93 24.77
CA TYR F 101 31.54 -30.31 24.82
C TYR F 101 30.97 -30.33 23.41
N GLY F 102 29.93 -31.15 23.24
CA GLY F 102 29.27 -31.27 21.95
C GLY F 102 27.83 -31.68 22.15
N VAL F 103 27.10 -31.77 21.03
CA VAL F 103 25.68 -32.11 21.04
C VAL F 103 25.48 -33.35 20.18
N LEU F 104 24.80 -34.35 20.74
CA LEU F 104 24.51 -35.57 19.99
C LEU F 104 23.54 -35.28 18.86
N LEU F 105 23.71 -36.00 17.75
CA LEU F 105 22.86 -35.86 16.58
C LEU F 105 22.01 -37.09 16.30
N ALA F 106 22.64 -38.25 16.21
CA ALA F 106 21.93 -39.50 15.94
C ALA F 106 22.77 -40.66 16.48
N THR F 107 22.32 -41.89 16.22
CA THR F 107 22.99 -43.08 16.71
C THR F 107 23.22 -44.05 15.56
N HIS F 108 24.28 -44.85 15.70
CA HIS F 108 24.63 -45.85 14.70
C HIS F 108 25.01 -47.14 15.41
N ASP F 109 24.90 -48.25 14.68
CA ASP F 109 25.09 -49.58 15.25
C ASP F 109 26.56 -49.96 15.43
N ASP F 110 27.48 -49.23 14.81
CA ASP F 110 28.89 -49.59 14.82
C ASP F 110 29.69 -48.81 15.85
N ASP F 111 29.10 -48.55 17.01
CA ASP F 111 29.75 -47.81 18.10
C ASP F 111 30.20 -46.42 17.63
N THR F 112 29.37 -45.80 16.80
CA THR F 112 29.64 -44.46 16.27
C THR F 112 28.38 -43.61 16.39
N VAL F 113 28.57 -42.33 16.70
CA VAL F 113 27.48 -41.37 16.79
C VAL F 113 27.95 -40.05 16.20
N ASP F 114 27.02 -39.31 15.62
CA ASP F 114 27.34 -37.99 15.10
C ASP F 114 27.24 -36.94 16.19
N VAL F 115 28.18 -36.01 16.20
CA VAL F 115 28.25 -34.97 17.23
C VAL F 115 28.50 -33.63 16.55
N PHE F 116 27.73 -32.63 16.94
CA PHE F 116 28.00 -31.23 16.60
C PHE F 116 28.96 -30.68 17.62
N THR F 117 30.12 -30.22 17.16
CA THR F 117 31.17 -29.71 18.03
C THR F 117 31.86 -28.53 17.37
N SER F 118 32.12 -27.49 18.17
CA SER F 118 32.85 -26.30 17.75
C SER F 118 32.27 -25.64 16.50
N GLY F 119 31.01 -25.93 16.18
CA GLY F 119 30.37 -25.34 15.03
C GLY F 119 30.30 -26.22 13.80
N ARG F 120 30.71 -27.48 13.87
CA ARG F 120 30.73 -28.36 12.73
C ARG F 120 30.30 -29.76 13.15
N LYS F 121 29.78 -30.52 12.20
CA LYS F 121 29.26 -31.86 12.46
C LYS F 121 30.32 -32.89 12.13
N MET F 122 30.50 -33.86 13.03
CA MET F 122 31.49 -34.91 12.86
C MET F 122 30.89 -36.24 13.28
N ARG F 123 31.64 -37.31 13.04
CA ARG F 123 31.29 -38.66 13.46
C ARG F 123 32.37 -39.17 14.40
N LEU F 124 31.97 -39.63 15.58
CA LEU F 124 32.91 -40.01 16.61
C LEU F 124 32.48 -41.33 17.26
N THR F 125 33.47 -42.13 17.66
CA THR F 125 33.24 -43.39 18.33
C THR F 125 33.35 -43.16 19.84
N CYS F 126 32.26 -43.45 20.55
CA CYS F 126 32.22 -43.19 21.98
C CYS F 126 33.08 -44.21 22.74
N SER F 127 33.35 -43.91 24.00
CA SER F 127 34.13 -44.80 24.83
C SER F 127 33.35 -46.08 25.09
N PRO F 128 34.03 -47.24 25.16
CA PRO F 128 33.31 -48.51 25.31
C PRO F 128 32.48 -48.61 26.57
N ASN F 129 32.91 -47.96 27.66
CA ASN F 129 32.18 -48.08 28.92
C ASN F 129 30.77 -47.52 28.82
N ILE F 130 30.61 -46.39 28.14
CA ILE F 130 29.27 -45.81 27.98
C ILE F 130 28.48 -46.64 26.98
N ASP F 131 27.17 -46.67 27.16
CA ASP F 131 26.27 -47.45 26.31
C ASP F 131 25.54 -46.52 25.35
N ALA F 132 25.38 -46.99 24.10
CA ALA F 132 24.70 -46.20 23.09
C ALA F 132 23.23 -45.97 23.45
N ALA F 133 22.58 -46.99 24.01
CA ALA F 133 21.17 -46.85 24.37
C ALA F 133 20.95 -45.76 25.40
N SER F 134 21.93 -45.53 26.28
CA SER F 134 21.80 -44.50 27.30
C SER F 134 21.71 -43.11 26.66
N LEU F 135 22.48 -42.86 25.61
CA LEU F 135 22.52 -41.54 25.00
C LEU F 135 21.20 -41.22 24.32
N LYS F 136 20.76 -39.98 24.49
CA LYS F 136 19.51 -39.49 23.90
C LYS F 136 19.82 -38.46 22.83
N LYS F 137 19.02 -38.46 21.76
CA LYS F 137 19.21 -37.52 20.67
C LYS F 137 19.10 -36.08 21.17
N GLY F 138 20.21 -35.35 21.11
CA GLY F 138 20.26 -33.98 21.58
C GLY F 138 20.86 -33.80 22.95
N GLN F 139 21.26 -34.88 23.62
CA GLN F 139 21.88 -34.77 24.93
C GLN F 139 23.31 -34.26 24.80
N THR F 140 23.64 -33.23 25.57
CA THR F 140 25.00 -32.71 25.56
C THR F 140 25.97 -33.78 26.03
N VAL F 141 27.10 -33.88 25.35
CA VAL F 141 28.09 -34.93 25.59
C VAL F 141 29.45 -34.29 25.80
N ARG F 142 30.31 -35.01 26.51
CA ARG F 142 31.64 -34.56 26.86
C ARG F 142 32.65 -35.09 25.85
N LEU F 143 33.49 -34.20 25.33
CA LEU F 143 34.46 -34.52 24.31
C LEU F 143 35.86 -34.56 24.92
N ASN F 144 36.87 -34.70 24.06
CA ASN F 144 38.25 -34.71 24.52
C ASN F 144 39.14 -34.31 23.35
N GLU F 145 40.39 -33.96 23.68
CA GLU F 145 41.36 -33.63 22.64
C GLU F 145 41.59 -34.79 21.70
N ALA F 146 41.35 -36.02 22.18
CA ALA F 146 41.41 -37.20 21.31
C ALA F 146 40.19 -37.32 20.41
N LEU F 147 39.19 -36.44 20.58
CA LEU F 147 37.95 -36.48 19.80
C LEU F 147 37.24 -37.83 19.99
N THR F 148 36.84 -38.07 21.23
CA THR F 148 36.13 -39.30 21.59
C THR F 148 35.17 -38.99 22.72
N VAL F 149 33.93 -39.45 22.58
CA VAL F 149 32.93 -39.25 23.63
C VAL F 149 33.33 -40.04 24.86
N VAL F 150 33.49 -39.36 25.98
CA VAL F 150 33.93 -39.99 27.22
C VAL F 150 32.76 -40.31 28.15
N GLU F 151 31.82 -39.38 28.30
CA GLU F 151 30.63 -39.63 29.11
C GLU F 151 29.54 -38.66 28.69
N ALA F 152 28.31 -39.01 29.05
CA ALA F 152 27.14 -38.22 28.71
C ALA F 152 27.05 -37.02 29.65
N GLY F 153 25.93 -36.30 29.60
CA GLY F 153 25.78 -35.13 30.43
C GLY F 153 24.38 -34.58 30.40
N THR F 154 24.27 -33.32 30.80
CA THR F 154 22.98 -32.65 30.94
C THR F 154 22.49 -32.17 29.58
N PHE F 155 21.47 -31.31 29.58
CA PHE F 155 20.93 -30.72 28.37
C PHE F 155 21.07 -29.20 28.45
N GLU F 156 21.21 -28.57 27.29
CA GLU F 156 21.43 -27.13 27.24
C GLU F 156 20.23 -26.38 27.81
N ALA F 157 20.52 -25.31 28.57
CA ALA F 157 19.50 -24.47 29.17
C ALA F 157 19.53 -23.05 28.67
N VAL F 158 20.25 -22.77 27.58
CA VAL F 158 20.34 -21.43 27.00
C VAL F 158 20.20 -21.54 25.49
N GLY F 159 20.13 -20.39 24.84
CA GLY F 159 20.03 -20.30 23.40
C GLY F 159 18.87 -19.42 23.00
N GLU F 160 18.43 -19.58 21.76
CA GLU F 160 17.32 -18.82 21.21
C GLU F 160 16.01 -19.57 21.43
N ILE F 161 14.91 -18.82 21.49
CA ILE F 161 13.58 -19.39 21.59
C ILE F 161 12.84 -19.13 20.28
N SER F 162 12.25 -20.19 19.74
CA SER F 162 11.46 -20.11 18.52
C SER F 162 10.10 -20.75 18.77
N THR F 163 9.06 -20.11 18.26
CA THR F 163 7.70 -20.59 18.45
C THR F 163 7.40 -21.70 17.45
N LEU F 164 6.88 -22.83 17.96
CA LEU F 164 6.53 -23.94 17.09
C LEU F 164 5.41 -23.53 16.14
N ARG F 165 5.53 -23.96 14.89
CA ARG F 165 4.52 -23.69 13.88
C ARG F 165 3.80 -24.94 13.38
N GLU F 166 4.48 -26.09 13.38
CA GLU F 166 3.88 -27.33 12.90
C GLU F 166 4.81 -28.47 13.30
N ILE F 167 4.23 -29.66 13.42
CA ILE F 167 4.99 -30.87 13.75
C ILE F 167 4.90 -31.83 12.58
N LEU F 168 6.04 -32.15 11.99
CA LEU F 168 6.07 -32.89 10.74
C LEU F 168 5.60 -34.33 10.95
N ALA F 169 5.23 -34.98 9.85
CA ALA F 169 4.76 -36.36 9.90
C ALA F 169 5.87 -37.32 10.32
N ASP F 170 7.13 -36.94 10.18
CA ASP F 170 8.24 -37.81 10.56
C ASP F 170 8.31 -38.05 12.06
N GLY F 171 7.59 -37.27 12.86
CA GLY F 171 7.61 -37.44 14.29
C GLY F 171 8.91 -37.08 14.97
N HIS F 172 9.84 -36.45 14.24
CA HIS F 172 11.10 -36.02 14.83
C HIS F 172 11.51 -34.61 14.40
N ARG F 173 10.74 -33.96 13.54
CA ARG F 173 11.05 -32.62 13.06
C ARG F 173 9.82 -31.74 13.22
N ALA F 174 10.06 -30.50 13.67
CA ALA F 174 8.98 -29.52 13.87
C ALA F 174 9.41 -28.21 13.25
N LEU F 175 8.66 -27.76 12.24
CA LEU F 175 8.94 -26.50 11.59
C LEU F 175 8.72 -25.35 12.55
N VAL F 176 9.81 -24.74 13.01
CA VAL F 176 9.73 -23.65 13.96
C VAL F 176 9.92 -22.33 13.21
N VAL F 177 9.59 -21.23 13.88
CA VAL F 177 9.67 -19.89 13.30
C VAL F 177 10.53 -19.02 14.20
N GLY F 178 11.46 -18.28 13.60
CA GLY F 178 12.44 -17.53 14.34
C GLY F 178 11.88 -16.27 14.97
N HIS F 179 12.79 -15.47 15.54
CA HIS F 179 12.39 -14.26 16.24
C HIS F 179 11.74 -13.25 15.30
N ALA F 180 12.38 -12.98 14.17
CA ALA F 180 11.88 -12.05 13.17
C ALA F 180 11.34 -12.77 11.95
N ASP F 181 10.64 -13.89 12.19
CA ASP F 181 10.13 -14.77 11.13
C ASP F 181 11.27 -15.29 10.26
N GLU F 182 12.16 -16.05 10.90
CA GLU F 182 13.19 -16.83 10.21
C GLU F 182 12.89 -18.29 10.54
N GLU F 183 12.00 -18.90 9.77
CA GLU F 183 11.59 -20.26 10.05
C GLU F 183 12.69 -21.25 9.68
N ARG F 184 12.78 -22.32 10.45
CA ARG F 184 13.76 -23.39 10.23
C ARG F 184 13.09 -24.72 10.52
N VAL F 185 13.75 -25.80 10.10
CA VAL F 185 13.36 -27.17 10.41
C VAL F 185 14.44 -27.77 11.29
N VAL F 186 14.05 -28.26 12.46
CA VAL F 186 15.00 -28.76 13.45
C VAL F 186 14.54 -30.12 13.96
N TRP F 187 15.50 -30.89 14.46
CA TRP F 187 15.16 -32.13 15.14
C TRP F 187 14.47 -31.84 16.47
N LEU F 188 14.01 -32.90 17.11
CA LEU F 188 13.38 -32.83 18.43
C LEU F 188 14.18 -33.69 19.41
N ALA F 189 14.47 -33.13 20.57
CA ALA F 189 15.16 -33.88 21.61
C ALA F 189 14.25 -34.98 22.14
N ASP F 190 14.87 -36.09 22.55
CA ASP F 190 14.12 -37.20 23.13
C ASP F 190 13.23 -36.80 24.30
N PRO F 191 13.62 -35.93 25.22
CA PRO F 191 12.66 -35.48 26.25
C PRO F 191 11.43 -34.81 25.68
N LEU F 192 11.48 -34.33 24.44
CA LEU F 192 10.30 -33.74 23.81
C LEU F 192 9.45 -34.76 23.07
N ILE F 193 9.90 -36.01 22.98
CA ILE F 193 9.13 -37.05 22.32
C ILE F 193 9.21 -38.34 23.14
N PRO F 211 3.18 -37.89 29.23
CA PRO F 211 3.58 -36.62 29.83
C PRO F 211 3.06 -35.42 29.05
N ARG F 212 3.68 -34.26 29.24
CA ARG F 212 3.29 -33.07 28.48
C ARG F 212 3.56 -33.29 27.00
N LYS F 213 2.67 -32.73 26.17
CA LYS F 213 2.73 -32.91 24.73
C LYS F 213 3.08 -31.59 24.06
N LEU F 214 3.70 -31.69 22.89
CA LEU F 214 4.02 -30.51 22.09
C LEU F 214 2.80 -30.10 21.28
N ARG F 215 2.57 -28.79 21.22
CA ARG F 215 1.40 -28.23 20.55
C ARG F 215 1.82 -27.08 19.67
N PRO F 216 1.06 -26.80 18.61
CA PRO F 216 1.31 -25.58 17.83
C PRO F 216 1.15 -24.34 18.70
N GLY F 217 1.99 -23.34 18.44
CA GLY F 217 1.96 -22.10 19.17
C GLY F 217 2.80 -22.07 20.43
N ASP F 218 3.41 -23.18 20.81
CA ASP F 218 4.25 -23.21 22.01
C ASP F 218 5.61 -22.60 21.74
N SER F 219 6.32 -22.27 22.82
CA SER F 219 7.66 -21.72 22.74
C SER F 219 8.67 -22.80 23.07
N LEU F 220 9.71 -22.92 22.26
CA LEU F 220 10.71 -23.96 22.41
C LEU F 220 12.09 -23.34 22.46
N LEU F 221 13.00 -24.03 23.15
CA LEU F 221 14.41 -23.64 23.22
C LEU F 221 15.17 -24.39 22.13
N VAL F 222 15.71 -23.65 21.17
CA VAL F 222 16.38 -24.24 20.03
C VAL F 222 17.70 -23.51 19.79
N ASP F 223 18.65 -24.20 19.17
CA ASP F 223 19.94 -23.63 18.82
C ASP F 223 20.06 -23.58 17.31
N THR F 224 20.27 -22.38 16.77
CA THR F 224 20.36 -22.22 15.32
C THR F 224 21.59 -22.90 14.75
N LYS F 225 22.65 -23.03 15.55
CA LYS F 225 23.90 -23.61 15.05
C LYS F 225 23.72 -25.07 14.65
N ALA F 226 23.10 -25.85 15.54
CA ALA F 226 22.95 -27.31 15.31
C ALA F 226 21.50 -27.71 15.06
N GLY F 227 20.56 -26.76 15.08
CA GLY F 227 19.16 -27.08 14.77
C GLY F 227 18.56 -28.19 15.64
N TYR F 228 18.70 -28.10 16.96
CA TYR F 228 18.04 -29.11 17.85
C TYR F 228 17.14 -28.42 18.88
N ALA F 229 15.84 -28.74 18.90
CA ALA F 229 14.95 -28.19 19.95
C ALA F 229 15.33 -28.85 21.27
N PHE F 230 15.32 -28.11 22.40
CA PHE F 230 15.78 -28.73 23.63
C PHE F 230 14.70 -28.86 24.69
N GLU F 231 13.84 -27.86 24.83
CA GLU F 231 12.71 -27.97 25.75
C GLU F 231 11.69 -26.90 25.42
N ARG F 232 10.49 -27.08 25.95
CA ARG F 232 9.47 -26.05 25.90
C ARG F 232 9.63 -25.10 27.09
N ILE F 233 9.09 -23.91 26.93
CA ILE F 233 9.21 -22.85 27.94
C ILE F 233 7.80 -22.43 28.34
N PRO F 234 7.43 -22.52 29.62
CA PRO F 234 6.11 -22.06 30.06
C PRO F 234 6.07 -20.54 30.18
N LYS F 235 5.40 -19.90 29.23
CA LYS F 235 5.24 -18.45 29.25
C LYS F 235 3.94 -18.16 30.01
N ALA F 236 4.07 -17.94 31.32
CA ALA F 236 2.90 -17.75 32.17
C ALA F 236 3.00 -16.47 32.97
N GLU F 237 2.07 -16.27 33.89
CA GLU F 237 2.04 -15.08 34.73
C GLU F 237 1.31 -15.43 36.02
N VAL F 238 1.17 -14.42 36.90
CA VAL F 238 0.50 -14.66 38.18
C VAL F 238 -0.96 -15.04 37.96
N GLU F 239 -1.55 -14.60 36.85
CA GLU F 239 -2.93 -14.93 36.50
C GLU F 239 -3.92 -14.49 37.57
N ASP F 240 -3.60 -13.41 38.28
CA ASP F 240 -4.47 -12.89 39.32
C ASP F 240 -5.37 -11.76 38.83
N LEU F 241 -5.26 -11.36 37.57
CA LEU F 241 -6.18 -10.37 37.03
C LEU F 241 -7.61 -10.90 36.96
N VAL F 242 -7.76 -12.22 36.75
CA VAL F 242 -9.07 -12.85 36.65
C VAL F 242 -9.71 -13.09 38.01
N LEU F 243 -9.06 -12.70 39.10
CA LEU F 243 -9.61 -12.91 40.44
C LEU F 243 -10.81 -12.00 40.62
N GLU F 244 -12.00 -12.60 40.70
CA GLU F 244 -13.22 -11.83 40.90
C GLU F 244 -13.22 -11.22 42.30
N GLU F 245 -13.74 -9.99 42.39
CA GLU F 245 -13.82 -9.26 43.64
C GLU F 245 -15.27 -9.14 44.07
N VAL F 246 -15.56 -9.52 45.31
CA VAL F 246 -16.91 -9.34 45.84
C VAL F 246 -17.18 -7.85 45.98
N PRO F 247 -18.31 -7.35 45.48
CA PRO F 247 -18.59 -5.91 45.57
C PRO F 247 -18.72 -5.44 47.01
N ASP F 248 -18.30 -4.19 47.25
CA ASP F 248 -18.31 -3.62 48.59
C ASP F 248 -18.96 -2.25 48.65
N VAL F 249 -19.64 -1.82 47.58
CA VAL F 249 -20.28 -0.52 47.52
C VAL F 249 -21.73 -0.72 47.12
N SER F 250 -22.64 -0.01 47.79
CA SER F 250 -24.06 -0.14 47.55
C SER F 250 -24.60 1.09 46.80
N TYR F 251 -25.87 1.00 46.39
CA TYR F 251 -26.51 2.13 45.73
C TYR F 251 -26.62 3.33 46.64
N ALA F 252 -26.81 3.11 47.94
CA ALA F 252 -26.94 4.21 48.88
C ALA F 252 -25.69 5.10 48.86
N ASP F 253 -24.53 4.53 48.57
CA ASP F 253 -23.32 5.33 48.44
C ASP F 253 -23.30 6.15 47.15
N ILE F 254 -24.13 5.80 46.18
CA ILE F 254 -24.21 6.52 44.92
C ILE F 254 -25.36 7.51 44.98
N GLY F 255 -25.14 8.71 44.43
CA GLY F 255 -26.16 9.74 44.46
C GLY F 255 -26.22 10.49 43.15
N GLY F 256 -27.36 11.15 42.93
CA GLY F 256 -27.53 12.01 41.79
C GLY F 256 -27.50 11.33 40.45
N LEU F 257 -27.70 10.02 40.40
CA LEU F 257 -27.67 9.26 39.15
C LEU F 257 -28.91 8.41 38.99
N SER F 258 -30.04 8.85 39.56
CA SER F 258 -31.25 8.05 39.57
C SER F 258 -31.69 7.69 38.15
N ARG F 259 -31.60 8.66 37.22
CA ARG F 259 -31.91 8.37 35.82
C ARG F 259 -31.05 7.23 35.29
N GLN F 260 -29.77 7.24 35.63
CA GLN F 260 -28.89 6.13 35.23
C GLN F 260 -29.13 4.90 36.09
N ILE F 261 -29.48 5.09 37.37
CA ILE F 261 -29.70 3.95 38.26
C ILE F 261 -30.82 3.07 37.74
N GLU F 262 -31.96 3.67 37.42
CA GLU F 262 -33.12 2.88 37.00
C GLU F 262 -32.82 2.13 35.70
N GLN F 263 -32.17 2.79 34.75
CA GLN F 263 -31.93 2.14 33.46
C GLN F 263 -30.85 1.08 33.53
N ILE F 264 -29.81 1.27 34.36
CA ILE F 264 -28.83 0.21 34.52
C ILE F 264 -29.44 -0.97 35.27
N ARG F 265 -30.34 -0.69 36.22
CA ARG F 265 -31.09 -1.76 36.88
C ARG F 265 -31.90 -2.56 35.86
N ASP F 266 -32.60 -1.86 34.97
CA ASP F 266 -33.38 -2.54 33.95
C ASP F 266 -32.48 -3.35 33.03
N ALA F 267 -31.32 -2.79 32.67
CA ALA F 267 -30.42 -3.47 31.75
C ALA F 267 -29.85 -4.76 32.35
N VAL F 268 -29.42 -4.72 33.60
CA VAL F 268 -28.55 -5.78 34.11
C VAL F 268 -29.33 -6.89 34.79
N GLU F 269 -29.98 -6.60 35.92
CA GLU F 269 -30.48 -7.69 36.76
C GLU F 269 -31.88 -8.15 36.38
N LEU F 270 -32.69 -7.29 35.77
CA LEU F 270 -34.02 -7.71 35.36
C LEU F 270 -33.99 -8.91 34.42
N PRO F 271 -33.14 -8.98 33.39
CA PRO F 271 -33.05 -10.24 32.63
C PRO F 271 -32.64 -11.43 33.47
N PHE F 272 -31.69 -11.25 34.40
CA PHE F 272 -31.22 -12.36 35.21
C PHE F 272 -32.31 -12.92 36.11
N LEU F 273 -32.95 -12.05 36.89
CA LEU F 273 -33.95 -12.51 37.85
C LEU F 273 -35.22 -13.00 37.18
N HIS F 274 -35.44 -12.64 35.92
CA HIS F 274 -36.69 -12.94 35.22
C HIS F 274 -36.40 -13.43 33.80
N LYS F 275 -35.51 -14.42 33.69
CA LYS F 275 -35.23 -15.02 32.39
C LYS F 275 -36.49 -15.59 31.77
N GLU F 276 -37.29 -16.31 32.57
CA GLU F 276 -38.54 -16.86 32.06
C GLU F 276 -39.50 -15.75 31.66
N LEU F 277 -39.60 -14.69 32.47
CA LEU F 277 -40.52 -13.59 32.17
C LEU F 277 -40.17 -12.93 30.85
N TYR F 278 -38.88 -12.71 30.60
CA TYR F 278 -38.44 -12.27 29.28
C TYR F 278 -38.75 -13.33 28.23
N ARG F 279 -38.77 -14.61 28.62
CA ARG F 279 -38.96 -15.67 27.64
C ARG F 279 -40.38 -15.67 27.07
N GLU F 280 -41.42 -15.51 27.91
CA GLU F 280 -42.75 -15.57 27.29
C GLU F 280 -43.04 -14.35 26.44
N TYR F 281 -42.26 -13.27 26.59
CA TYR F 281 -42.43 -12.10 25.74
C TYR F 281 -41.54 -12.14 24.50
N SER F 282 -40.77 -13.22 24.31
CA SER F 282 -39.93 -13.41 23.13
C SER F 282 -38.82 -12.37 23.04
N LEU F 283 -38.72 -11.51 24.05
CA LEU F 283 -37.68 -10.49 24.06
C LEU F 283 -36.33 -11.12 24.35
N ARG F 284 -35.40 -10.98 23.42
CA ARG F 284 -34.04 -11.44 23.66
C ARG F 284 -33.31 -10.44 24.55
N PRO F 285 -32.77 -10.86 25.69
CA PRO F 285 -32.13 -9.90 26.59
C PRO F 285 -30.88 -9.32 25.96
N PRO F 286 -30.52 -8.09 26.32
CA PRO F 286 -29.27 -7.52 25.82
C PRO F 286 -28.06 -8.27 26.38
N LYS F 287 -26.93 -8.10 25.71
CA LYS F 287 -25.67 -8.68 26.15
C LYS F 287 -24.67 -7.62 26.58
N GLY F 288 -24.41 -6.64 25.72
CA GLY F 288 -23.45 -5.58 26.01
C GLY F 288 -24.12 -4.36 26.60
N VAL F 289 -23.54 -3.85 27.68
CA VAL F 289 -23.94 -2.58 28.28
C VAL F 289 -22.69 -1.74 28.45
N LEU F 290 -22.68 -0.57 27.82
CA LEU F 290 -21.54 0.33 27.88
C LEU F 290 -21.93 1.59 28.66
N LEU F 291 -20.99 2.09 29.46
CA LEU F 291 -21.18 3.31 30.22
C LEU F 291 -20.10 4.31 29.82
N TYR F 292 -20.49 5.58 29.71
CA TYR F 292 -19.52 6.60 29.31
C TYR F 292 -19.86 7.94 29.93
N GLY F 293 -18.85 8.79 30.06
CA GLY F 293 -19.00 10.10 30.64
C GLY F 293 -17.67 10.73 30.98
N PRO F 294 -17.70 11.84 31.72
CA PRO F 294 -16.45 12.50 32.14
C PRO F 294 -15.68 11.63 33.10
N PRO F 295 -14.37 11.84 33.24
CA PRO F 295 -13.58 11.00 34.14
C PRO F 295 -13.99 11.20 35.60
N GLY F 296 -13.81 10.14 36.39
CA GLY F 296 -14.15 10.19 37.80
C GLY F 296 -15.61 10.44 38.07
N CYS F 297 -16.50 9.75 37.37
CA CYS F 297 -17.94 9.92 37.52
C CYS F 297 -18.61 8.66 38.05
N GLY F 298 -17.95 7.98 38.98
CA GLY F 298 -18.55 6.81 39.61
C GLY F 298 -18.70 5.61 38.72
N LYS F 299 -17.96 5.53 37.62
CA LYS F 299 -18.09 4.40 36.71
C LYS F 299 -17.69 3.10 37.39
N THR F 300 -16.51 3.06 38.00
CA THR F 300 -16.16 1.90 38.82
C THR F 300 -17.11 1.75 39.98
N LEU F 301 -17.53 2.88 40.57
CA LEU F 301 -18.50 2.83 41.67
C LEU F 301 -19.83 2.26 41.21
N ILE F 302 -20.32 2.69 40.04
CA ILE F 302 -21.61 2.19 39.59
C ILE F 302 -21.51 0.72 39.23
N ALA F 303 -20.37 0.29 38.68
CA ALA F 303 -20.18 -1.13 38.40
C ALA F 303 -20.20 -1.94 39.68
N LYS F 304 -19.44 -1.50 40.70
CA LYS F 304 -19.41 -2.22 41.96
C LYS F 304 -20.78 -2.22 42.63
N ALA F 305 -21.50 -1.10 42.54
CA ALA F 305 -22.82 -1.00 43.16
C ALA F 305 -23.82 -1.92 42.49
N VAL F 306 -23.83 -1.98 41.16
CA VAL F 306 -24.76 -2.88 40.49
C VAL F 306 -24.38 -4.32 40.76
N ALA F 307 -23.08 -4.61 40.88
CA ALA F 307 -22.67 -5.95 41.28
C ALA F 307 -23.20 -6.30 42.66
N ASN F 308 -23.12 -5.36 43.60
CA ASN F 308 -23.66 -5.58 44.94
C ASN F 308 -25.16 -5.79 44.91
N SER F 309 -25.87 -4.99 44.11
CA SER F 309 -27.32 -5.10 44.01
C SER F 309 -27.72 -6.47 43.48
N LEU F 310 -27.09 -6.92 42.40
CA LEU F 310 -27.41 -8.24 41.87
C LEU F 310 -26.96 -9.35 42.79
N ALA F 311 -25.91 -9.13 43.58
CA ALA F 311 -25.52 -10.12 44.58
C ALA F 311 -26.58 -10.26 45.66
N LYS F 312 -27.13 -9.13 46.13
CA LYS F 312 -28.20 -9.20 47.11
C LYS F 312 -29.45 -9.88 46.55
N LYS F 313 -29.76 -9.62 45.29
CA LYS F 313 -30.92 -10.20 44.63
C LYS F 313 -30.64 -11.65 44.21
N MET F 314 -30.40 -12.48 45.21
CA MET F 314 -30.22 -13.91 44.99
C MET F 314 -30.68 -14.63 46.25
N ALA F 315 -31.91 -15.12 46.25
CA ALA F 315 -32.46 -15.80 47.41
C ALA F 315 -33.52 -16.82 46.98
N LYS F 326 -24.16 -16.28 44.41
CA LYS F 326 -23.05 -16.96 43.75
C LYS F 326 -22.69 -16.29 42.43
N SER F 327 -22.96 -14.99 42.35
CA SER F 327 -22.61 -14.23 41.16
C SER F 327 -21.13 -13.88 41.17
N TYR F 328 -20.68 -13.21 40.11
CA TYR F 328 -19.27 -12.89 39.95
C TYR F 328 -19.12 -11.54 39.26
N PHE F 329 -18.17 -10.75 39.75
CA PHE F 329 -17.86 -9.42 39.20
C PHE F 329 -16.38 -9.41 38.87
N LEU F 330 -16.05 -9.82 37.64
CA LEU F 330 -14.65 -9.94 37.20
C LEU F 330 -14.11 -8.55 36.84
N ASN F 331 -13.91 -7.74 37.88
CA ASN F 331 -13.41 -6.40 37.70
C ASN F 331 -12.02 -6.42 37.09
N ILE F 332 -11.80 -5.60 36.06
CA ILE F 332 -10.55 -5.55 35.33
C ILE F 332 -10.16 -4.07 35.19
N LYS F 333 -8.86 -3.84 35.01
CA LYS F 333 -8.35 -2.51 34.72
C LYS F 333 -7.57 -2.55 33.41
N GLY F 334 -7.69 -1.48 32.64
CA GLY F 334 -7.21 -1.44 31.27
C GLY F 334 -5.71 -1.62 31.13
N PRO F 335 -4.93 -0.65 31.64
CA PRO F 335 -3.46 -0.73 31.54
C PRO F 335 -2.84 -2.06 31.95
N GLU F 336 -3.56 -2.86 32.74
CA GLU F 336 -3.09 -4.22 33.02
C GLU F 336 -2.97 -5.05 31.75
N LEU F 337 -3.84 -4.80 30.77
CA LEU F 337 -3.85 -5.62 29.57
C LEU F 337 -2.70 -5.28 28.63
N LEU F 338 -2.23 -4.03 28.63
CA LEU F 338 -1.13 -3.64 27.75
C LEU F 338 0.16 -4.37 28.14
N ASN F 339 0.27 -4.79 29.39
CA ASN F 339 1.45 -5.52 29.86
C ASN F 339 1.65 -6.81 29.08
N GLY F 343 0.98 -13.18 29.69
CA GLY F 343 1.69 -11.96 29.35
C GLY F 343 1.01 -11.16 28.24
N GLU F 344 0.86 -11.80 27.08
CA GLU F 344 0.24 -11.14 25.95
C GLU F 344 -1.23 -10.85 26.22
N THR F 345 -1.70 -9.69 25.75
CA THR F 345 -3.06 -9.24 26.04
C THR F 345 -4.09 -10.26 25.54
N GLU F 346 -3.85 -10.84 24.37
CA GLU F 346 -4.80 -11.79 23.79
C GLU F 346 -5.03 -12.97 24.73
N ARG F 347 -3.96 -13.47 25.35
CA ARG F 347 -4.11 -14.58 26.28
C ARG F 347 -4.96 -14.19 27.48
N HIS F 348 -4.75 -12.97 28.01
CA HIS F 348 -5.55 -12.53 29.15
C HIS F 348 -7.02 -12.42 28.78
N ILE F 349 -7.32 -11.81 27.64
CA ILE F 349 -8.72 -11.62 27.25
C ILE F 349 -9.38 -12.94 26.93
N ARG F 350 -8.61 -13.93 26.47
CA ARG F 350 -9.20 -15.26 26.29
C ARG F 350 -9.42 -15.95 27.61
N LEU F 351 -8.44 -15.89 28.52
CA LEU F 351 -8.54 -16.60 29.79
C LEU F 351 -9.70 -16.09 30.62
N ILE F 352 -9.87 -14.77 30.68
CA ILE F 352 -10.96 -14.22 31.48
C ILE F 352 -12.31 -14.72 30.96
N PHE F 353 -12.44 -14.82 29.65
CA PHE F 353 -13.74 -15.20 29.10
C PHE F 353 -13.99 -16.71 29.19
N GLN F 354 -12.96 -17.55 29.07
CA GLN F 354 -13.19 -18.96 29.40
C GLN F 354 -13.55 -19.15 30.87
N ARG F 355 -12.93 -18.38 31.77
CA ARG F 355 -13.32 -18.47 33.17
C ARG F 355 -14.76 -17.99 33.37
N ALA F 356 -15.16 -16.94 32.65
CA ALA F 356 -16.55 -16.50 32.71
C ALA F 356 -17.49 -17.59 32.21
N ARG F 357 -17.12 -18.26 31.12
CA ARG F 357 -17.95 -19.34 30.58
C ARG F 357 -18.11 -20.46 31.60
N GLU F 358 -16.99 -20.88 32.21
CA GLU F 358 -17.08 -21.99 33.17
C GLU F 358 -17.82 -21.59 34.44
N LYS F 359 -17.70 -20.33 34.86
CA LYS F 359 -18.41 -19.87 36.05
C LYS F 359 -19.87 -19.54 35.77
N ALA F 360 -20.27 -19.37 34.51
CA ALA F 360 -21.65 -19.15 34.16
C ALA F 360 -22.36 -20.41 33.70
N SER F 361 -21.61 -21.48 33.43
CA SER F 361 -22.25 -22.76 33.09
C SER F 361 -23.18 -23.25 34.18
N GLU F 362 -22.96 -22.86 35.44
CA GLU F 362 -23.85 -23.23 36.52
C GLU F 362 -25.23 -22.57 36.39
N GLY F 363 -25.32 -21.45 35.69
CA GLY F 363 -26.55 -20.69 35.59
C GLY F 363 -26.59 -19.44 36.45
N THR F 364 -25.64 -19.27 37.35
CA THR F 364 -25.59 -18.07 38.17
C THR F 364 -25.20 -16.87 37.32
N PRO F 365 -25.66 -15.66 37.69
CA PRO F 365 -25.27 -14.47 36.92
C PRO F 365 -23.78 -14.21 37.00
N VAL F 366 -23.23 -13.67 35.92
CA VAL F 366 -21.81 -13.32 35.86
C VAL F 366 -21.68 -11.96 35.20
N ILE F 367 -20.78 -11.13 35.74
CA ILE F 367 -20.49 -9.81 35.21
C ILE F 367 -19.04 -9.78 34.78
N VAL F 368 -18.80 -9.34 33.54
CA VAL F 368 -17.46 -9.14 33.02
C VAL F 368 -17.30 -7.66 32.75
N PHE F 369 -16.35 -7.02 33.43
CA PHE F 369 -16.23 -5.57 33.43
C PHE F 369 -14.82 -5.17 32.98
N PHE F 370 -14.76 -4.30 31.97
CA PHE F 370 -13.50 -3.80 31.43
C PHE F 370 -13.44 -2.29 31.69
N ASP F 371 -12.91 -1.91 32.85
CA ASP F 371 -12.76 -0.50 33.15
C ASP F 371 -11.74 0.14 32.23
N GLU F 372 -12.00 1.40 31.87
CA GLU F 372 -11.16 2.16 30.93
C GLU F 372 -10.98 1.38 29.63
N MET F 373 -12.10 1.14 28.96
CA MET F 373 -12.08 0.41 27.69
C MET F 373 -11.35 1.17 26.60
N ASP F 374 -11.12 2.47 26.80
CA ASP F 374 -10.46 3.29 25.79
C ASP F 374 -9.06 2.77 25.47
N SER F 375 -8.40 2.12 26.44
CA SER F 375 -7.06 1.60 26.20
C SER F 375 -7.06 0.59 25.05
N ILE F 376 -8.05 -0.30 25.02
CA ILE F 376 -8.22 -1.18 23.88
C ILE F 376 -8.75 -0.35 22.72
N PHE F 377 -8.03 -0.39 21.60
CA PHE F 377 -8.29 0.49 20.46
C PHE F 377 -8.26 1.96 20.89
N VAL F 392 -6.69 -8.28 21.47
CA VAL F 392 -6.87 -7.34 20.36
C VAL F 392 -8.36 -7.22 20.05
N VAL F 393 -8.73 -6.13 19.37
CA VAL F 393 -10.15 -5.87 19.12
C VAL F 393 -10.82 -6.99 18.33
N PRO F 394 -10.29 -7.46 17.19
CA PRO F 394 -10.99 -8.53 16.46
C PRO F 394 -11.20 -9.79 17.28
N GLN F 395 -10.22 -10.14 18.12
CA GLN F 395 -10.38 -11.31 18.98
C GLN F 395 -11.52 -11.10 19.97
N LEU F 396 -11.61 -9.91 20.57
CA LEU F 396 -12.70 -9.62 21.49
C LEU F 396 -14.04 -9.69 20.79
N LEU F 397 -14.13 -9.14 19.57
CA LEU F 397 -15.38 -9.17 18.83
C LEU F 397 -15.81 -10.60 18.52
N SER F 398 -14.88 -11.40 17.98
CA SER F 398 -15.21 -12.79 17.66
C SER F 398 -15.61 -13.55 18.92
N GLU F 399 -14.90 -13.30 20.03
CA GLU F 399 -15.18 -14.01 21.26
C GLU F 399 -16.58 -13.67 21.79
N ILE F 400 -16.93 -12.38 21.81
CA ILE F 400 -18.25 -12.01 22.34
C ILE F 400 -19.34 -12.51 21.41
N ASP F 401 -19.11 -12.49 20.10
CA ASP F 401 -20.08 -13.04 19.16
C ASP F 401 -20.30 -14.53 19.38
N GLY F 402 -19.22 -15.27 19.65
CA GLY F 402 -19.36 -16.68 19.96
C GLY F 402 -20.10 -16.92 21.27
N VAL F 403 -19.77 -16.14 22.31
CA VAL F 403 -20.25 -16.41 23.65
C VAL F 403 -21.64 -15.83 23.91
N GLU F 404 -22.17 -15.00 23.00
CA GLU F 404 -23.52 -14.49 23.21
C GLU F 404 -24.55 -15.61 23.29
N GLY F 405 -24.22 -16.80 22.77
CA GLY F 405 -25.15 -17.91 22.87
C GLY F 405 -25.48 -18.28 24.30
N LEU F 406 -24.50 -18.19 25.19
CA LEU F 406 -24.75 -18.44 26.61
C LEU F 406 -25.67 -17.35 27.14
N GLU F 407 -26.73 -17.76 27.82
CA GLU F 407 -27.85 -16.87 28.15
C GLU F 407 -27.69 -16.16 29.49
N ASN F 408 -26.69 -16.52 30.28
CA ASN F 408 -26.48 -15.93 31.60
C ASN F 408 -25.16 -15.18 31.68
N VAL F 409 -24.80 -14.46 30.61
CA VAL F 409 -23.57 -13.69 30.57
C VAL F 409 -23.91 -12.25 30.19
N ILE F 410 -23.24 -11.30 30.84
CA ILE F 410 -23.41 -9.88 30.57
C ILE F 410 -22.04 -9.22 30.61
N VAL F 411 -21.76 -8.38 29.62
CA VAL F 411 -20.51 -7.64 29.53
C VAL F 411 -20.81 -6.18 29.84
N ILE F 412 -19.94 -5.56 30.64
CA ILE F 412 -20.06 -4.16 31.02
C ILE F 412 -18.78 -3.45 30.64
N GLY F 413 -18.90 -2.33 29.95
CA GLY F 413 -17.76 -1.55 29.53
C GLY F 413 -17.80 -0.16 30.12
N ALA F 414 -16.63 0.36 30.46
CA ALA F 414 -16.48 1.72 30.96
C ALA F 414 -15.31 2.38 30.25
N SER F 415 -15.45 3.67 29.96
CA SER F 415 -14.43 4.38 29.21
C SER F 415 -14.62 5.88 29.43
N ASN F 416 -13.60 6.64 29.02
CA ASN F 416 -13.65 8.09 29.06
C ASN F 416 -13.71 8.71 27.68
N ARG F 417 -13.62 7.92 26.61
CA ARG F 417 -13.61 8.42 25.24
C ARG F 417 -14.46 7.48 24.38
N GLU F 418 -15.67 7.92 24.03
CA GLU F 418 -16.51 7.12 23.15
C GLU F 418 -15.88 6.97 21.77
N ASP F 419 -15.29 8.04 21.25
CA ASP F 419 -14.73 8.02 19.90
C ASP F 419 -13.58 7.02 19.79
N MET F 420 -12.75 6.93 20.83
CA MET F 420 -11.59 6.06 20.78
C MET F 420 -11.94 4.57 20.75
N ILE F 421 -13.20 4.22 21.01
CA ILE F 421 -13.63 2.84 20.95
C ILE F 421 -13.87 2.44 19.50
N ASP F 422 -13.47 1.23 19.14
CA ASP F 422 -13.71 0.74 17.79
C ASP F 422 -15.21 0.65 17.54
N PRO F 423 -15.72 1.16 16.42
CA PRO F 423 -17.17 1.15 16.19
C PRO F 423 -17.78 -0.23 16.17
N ALA F 424 -17.05 -1.26 15.74
CA ALA F 424 -17.61 -2.60 15.67
C ALA F 424 -18.06 -3.10 17.03
N ILE F 425 -17.43 -2.62 18.11
CA ILE F 425 -17.84 -3.02 19.45
C ILE F 425 -19.24 -2.47 19.75
N LEU F 426 -19.54 -1.26 19.28
CA LEU F 426 -20.83 -0.64 19.56
C LEU F 426 -21.94 -1.11 18.63
N ARG F 427 -21.64 -1.99 17.68
CA ARG F 427 -22.68 -2.48 16.78
C ARG F 427 -23.75 -3.22 17.57
N PRO F 428 -25.03 -3.07 17.21
CA PRO F 428 -26.09 -3.80 17.91
C PRO F 428 -25.85 -5.31 17.82
N GLY F 429 -26.12 -5.99 18.92
CA GLY F 429 -25.81 -7.40 19.04
C GLY F 429 -24.64 -7.63 19.97
N ARG F 430 -23.62 -6.79 19.87
CA ARG F 430 -22.48 -6.87 20.77
C ARG F 430 -22.65 -5.95 21.98
N LEU F 431 -22.81 -4.65 21.74
CA LEU F 431 -23.10 -3.66 22.79
C LEU F 431 -24.48 -3.10 22.52
N ASP F 432 -25.50 -3.79 23.04
CA ASP F 432 -26.88 -3.37 22.79
C ASP F 432 -27.20 -2.05 23.49
N VAL F 433 -26.88 -1.94 24.78
CA VAL F 433 -27.31 -0.82 25.60
C VAL F 433 -26.14 0.12 25.82
N LYS F 434 -26.38 1.41 25.65
CA LYS F 434 -25.39 2.45 25.94
C LYS F 434 -25.99 3.43 26.95
N ILE F 435 -25.17 3.88 27.89
CA ILE F 435 -25.61 4.74 28.98
C ILE F 435 -24.60 5.87 29.15
N LYS F 436 -25.11 7.09 29.27
CA LYS F 436 -24.28 8.26 29.51
C LYS F 436 -24.46 8.72 30.95
N ILE F 437 -23.34 8.87 31.67
CA ILE F 437 -23.33 9.46 33.00
C ILE F 437 -22.62 10.80 32.88
N GLU F 438 -23.31 11.88 33.18
CA GLU F 438 -22.80 13.22 32.94
C GLU F 438 -22.38 13.87 34.25
N ARG F 439 -21.87 15.09 34.15
CA ARG F 439 -21.52 15.85 35.33
C ARG F 439 -22.78 16.18 36.13
N PRO F 440 -22.73 16.12 37.45
CA PRO F 440 -23.93 16.36 38.25
C PRO F 440 -24.41 17.81 38.14
N ASP F 441 -25.72 17.98 38.25
CA ASP F 441 -26.31 19.32 38.30
C ASP F 441 -26.32 19.81 39.74
N ALA F 442 -27.02 20.91 40.00
CA ALA F 442 -27.08 21.43 41.37
C ALA F 442 -27.75 20.44 42.32
N GLU F 443 -28.86 19.85 41.88
CA GLU F 443 -29.56 18.87 42.72
C GLU F 443 -28.70 17.64 42.95
N ALA F 444 -28.08 17.13 41.88
CA ALA F 444 -27.22 15.95 42.03
C ALA F 444 -25.99 16.26 42.88
N ALA F 445 -25.43 17.46 42.72
CA ALA F 445 -24.30 17.85 43.56
C ALA F 445 -24.71 17.93 45.03
N GLN F 446 -25.91 18.47 45.29
CA GLN F 446 -26.42 18.49 46.66
C GLN F 446 -26.57 17.07 47.20
N ASP F 447 -27.06 16.16 46.36
CA ASP F 447 -27.17 14.76 46.77
C ASP F 447 -25.80 14.17 47.11
N ILE F 448 -24.79 14.45 46.28
CA ILE F 448 -23.45 13.93 46.53
C ILE F 448 -22.89 14.49 47.82
N TYR F 449 -23.04 15.80 48.05
CA TYR F 449 -22.56 16.39 49.30
C TYR F 449 -23.30 15.80 50.49
N SER F 450 -24.57 15.44 50.33
CA SER F 450 -25.27 14.73 51.38
C SER F 450 -24.67 13.34 51.61
N LYS F 451 -24.24 12.69 50.52
CA LYS F 451 -23.63 11.37 50.65
C LYS F 451 -22.34 11.42 51.47
N TYR F 452 -21.51 12.44 51.22
CA TYR F 452 -20.24 12.55 51.91
C TYR F 452 -20.35 13.16 53.29
N LEU F 453 -21.46 13.81 53.61
CA LEU F 453 -21.68 14.44 54.91
C LEU F 453 -22.99 13.89 55.48
N THR F 454 -22.89 12.91 56.36
CA THR F 454 -24.06 12.31 56.99
C THR F 454 -24.40 13.08 58.26
N GLU F 455 -25.34 12.55 59.04
CA GLU F 455 -25.72 13.18 60.31
C GLU F 455 -24.65 13.07 61.36
N PHE F 456 -23.59 12.29 61.13
CA PHE F 456 -22.53 12.07 62.10
C PHE F 456 -21.37 13.04 61.95
N LEU F 457 -21.61 14.19 61.32
CA LEU F 457 -20.55 15.17 61.12
C LEU F 457 -20.24 15.90 62.42
N PRO F 458 -18.98 15.90 62.87
CA PRO F 458 -18.60 16.81 63.96
C PRO F 458 -18.57 18.25 63.46
N VAL F 459 -19.31 19.13 64.14
CA VAL F 459 -19.48 20.50 63.69
C VAL F 459 -18.90 21.45 64.72
N HIS F 460 -18.59 22.66 64.27
CA HIS F 460 -18.04 23.69 65.14
C HIS F 460 -19.09 24.16 66.14
N ALA F 461 -18.61 24.65 67.29
CA ALA F 461 -19.52 25.21 68.29
C ALA F 461 -20.23 26.43 67.76
N ASP F 462 -19.62 27.15 66.82
CA ASP F 462 -20.27 28.31 66.20
C ASP F 462 -21.53 27.90 65.46
N ASP F 463 -21.47 26.79 64.71
CA ASP F 463 -22.62 26.35 63.93
C ASP F 463 -23.70 25.70 64.80
N LEU F 464 -23.35 25.24 66.01
CA LEU F 464 -24.33 24.54 66.85
C LEU F 464 -25.44 25.48 67.29
N ALA F 465 -25.10 26.72 67.66
CA ALA F 465 -26.08 27.63 68.22
C ALA F 465 -27.13 28.05 67.18
N GLU F 466 -26.69 28.34 65.96
CA GLU F 466 -27.60 28.91 64.96
C GLU F 466 -28.72 27.93 64.61
N PHE F 467 -28.39 26.66 64.41
CA PHE F 467 -29.36 25.66 63.98
C PHE F 467 -29.88 24.81 65.13
N ASP F 468 -29.77 25.32 66.37
CA ASP F 468 -30.24 24.64 67.57
C ASP F 468 -29.51 23.31 67.80
N GLY F 469 -28.39 23.09 67.12
CA GLY F 469 -27.62 21.88 67.26
C GLY F 469 -28.16 20.68 66.52
N ASP F 470 -29.24 20.84 65.76
CA ASP F 470 -29.83 19.73 65.01
C ASP F 470 -28.96 19.43 63.81
N ARG F 471 -28.11 18.40 63.93
CA ARG F 471 -27.22 18.04 62.83
C ARG F 471 -28.00 17.60 61.60
N SER F 472 -29.13 16.92 61.80
CA SER F 472 -29.92 16.45 60.68
C SER F 472 -30.37 17.58 59.76
N ALA F 473 -30.54 18.78 60.31
CA ALA F 473 -30.85 19.96 59.52
C ALA F 473 -29.64 20.86 59.30
N CYS F 474 -28.68 20.85 60.22
CA CYS F 474 -27.48 21.66 60.04
C CYS F 474 -26.68 21.21 58.83
N ILE F 475 -26.54 19.90 58.64
CA ILE F 475 -25.80 19.40 57.48
C ILE F 475 -26.54 19.78 56.20
N LYS F 476 -27.88 19.72 56.22
CA LYS F 476 -28.65 20.10 55.04
C LYS F 476 -28.46 21.58 54.72
N ALA F 477 -28.48 22.43 55.75
CA ALA F 477 -28.27 23.86 55.53
C ALA F 477 -26.88 24.13 54.98
N MET F 478 -25.86 23.45 55.52
CA MET F 478 -24.51 23.60 55.02
C MET F 478 -24.40 23.16 53.56
N ILE F 479 -25.01 22.03 53.23
CA ILE F 479 -24.96 21.54 51.86
C ILE F 479 -25.67 22.50 50.92
N GLU F 480 -26.81 23.04 51.35
CA GLU F 480 -27.53 24.01 50.53
C GLU F 480 -26.69 25.25 50.27
N LYS F 481 -26.05 25.78 51.33
CA LYS F 481 -25.27 27.00 51.13
C LYS F 481 -24.03 26.74 50.28
N VAL F 482 -23.40 25.56 50.42
CA VAL F 482 -22.20 25.30 49.63
C VAL F 482 -22.57 25.08 48.16
N VAL F 483 -23.68 24.40 47.89
CA VAL F 483 -24.07 24.23 46.49
C VAL F 483 -24.50 25.55 45.88
N ASP F 484 -25.10 26.44 46.69
CA ASP F 484 -25.40 27.78 46.20
C ASP F 484 -24.12 28.55 45.90
N ARG F 485 -23.11 28.44 46.77
CA ARG F 485 -21.89 29.21 46.60
C ARG F 485 -21.08 28.74 45.40
N MET F 486 -20.86 27.42 45.30
CA MET F 486 -19.97 26.91 44.26
C MET F 486 -20.62 27.03 42.87
N TYR F 487 -21.92 26.79 42.78
CA TYR F 487 -22.62 26.90 41.50
C TYR F 487 -22.89 28.34 41.09
N ALA F 488 -22.62 29.31 41.95
CA ALA F 488 -22.87 30.70 41.63
C ALA F 488 -21.98 31.16 40.47
N GLU F 489 -22.51 32.09 39.66
CA GLU F 489 -21.80 32.58 38.49
C GLU F 489 -20.84 33.71 38.85
N ILE F 490 -19.95 33.46 39.81
CA ILE F 490 -18.98 34.45 40.24
C ILE F 490 -17.81 34.47 39.26
N ASP F 491 -17.14 35.63 39.16
CA ASP F 491 -15.88 35.68 38.42
C ASP F 491 -14.83 34.78 39.07
N ASP F 492 -14.92 34.58 40.39
CA ASP F 492 -14.07 33.61 41.05
C ASP F 492 -14.41 32.19 40.65
N ASN F 493 -15.58 31.98 40.05
CA ASN F 493 -16.03 30.66 39.63
C ASN F 493 -15.68 30.34 38.18
N ARG F 494 -14.91 31.20 37.52
CA ARG F 494 -14.51 30.95 36.15
C ARG F 494 -13.48 29.83 36.07
N PHE F 495 -13.68 28.91 35.14
CA PHE F 495 -12.78 27.77 34.95
C PHE F 495 -12.14 27.74 33.58
N LEU F 496 -12.90 27.98 32.52
CA LEU F 496 -12.40 27.88 31.16
C LEU F 496 -13.09 28.94 30.32
N GLU F 497 -12.42 29.36 29.25
CA GLU F 497 -12.99 30.31 28.31
C GLU F 497 -12.93 29.72 26.90
N VAL F 498 -13.96 30.01 26.11
CA VAL F 498 -14.11 29.42 24.78
C VAL F 498 -14.29 30.55 23.77
N THR F 499 -13.50 30.52 22.71
CA THR F 499 -13.59 31.48 21.61
C THR F 499 -14.09 30.75 20.38
N TYR F 500 -15.37 30.94 20.05
CA TYR F 500 -15.96 30.28 18.89
C TYR F 500 -15.33 30.82 17.60
N ALA F 501 -15.34 29.96 16.58
CA ALA F 501 -14.71 30.30 15.30
C ALA F 501 -15.48 31.38 14.54
N ASN F 502 -16.70 31.71 14.95
CA ASN F 502 -17.48 32.75 14.29
C ASN F 502 -17.35 34.10 14.99
N GLY F 503 -16.28 34.30 15.75
CA GLY F 503 -16.05 35.57 16.40
C GLY F 503 -16.77 35.77 17.71
N ASP F 504 -17.17 34.70 18.38
CA ASP F 504 -17.88 34.77 19.64
C ASP F 504 -17.02 34.21 20.76
N LYS F 505 -16.88 34.97 21.84
CA LYS F 505 -16.12 34.55 23.01
C LYS F 505 -17.08 34.27 24.16
N GLU F 506 -16.94 33.09 24.75
CA GLU F 506 -17.78 32.69 25.88
C GLU F 506 -16.91 32.02 26.94
N VAL F 507 -17.24 32.26 28.20
CA VAL F 507 -16.46 31.77 29.34
C VAL F 507 -17.27 30.68 30.04
N MET F 508 -16.58 29.61 30.43
CA MET F 508 -17.18 28.50 31.16
C MET F 508 -16.87 28.63 32.64
N TYR F 509 -17.80 28.18 33.48
CA TYR F 509 -17.71 28.33 34.91
C TYR F 509 -17.28 27.02 35.56
N PHE F 510 -17.27 27.00 36.90
CA PHE F 510 -16.91 25.79 37.63
C PHE F 510 -17.94 24.69 37.45
N LYS F 511 -19.22 25.06 37.28
CA LYS F 511 -20.30 24.09 37.31
C LYS F 511 -20.16 23.06 36.19
N ASP F 512 -19.77 23.49 34.99
CA ASP F 512 -19.61 22.57 33.87
C ASP F 512 -18.32 21.76 33.96
N PHE F 513 -17.59 21.84 35.07
CA PHE F 513 -16.39 21.05 35.28
C PHE F 513 -16.39 20.49 36.70
N ASN F 514 -17.53 19.94 37.11
CA ASN F 514 -17.71 19.37 38.43
C ASN F 514 -17.98 17.88 38.30
N SER F 515 -17.24 17.07 39.05
CA SER F 515 -17.37 15.62 39.02
C SER F 515 -17.45 15.09 40.45
N GLY F 516 -17.94 13.86 40.57
CA GLY F 516 -18.01 13.23 41.88
C GLY F 516 -16.64 13.09 42.52
N ALA F 517 -15.62 12.80 41.72
CA ALA F 517 -14.26 12.74 42.25
C ALA F 517 -13.81 14.09 42.78
N MET F 518 -14.16 15.16 42.06
CA MET F 518 -13.78 16.50 42.52
C MET F 518 -14.51 16.87 43.80
N ILE F 519 -15.78 16.46 43.93
CA ILE F 519 -16.50 16.68 45.18
C ILE F 519 -15.85 15.92 46.32
N GLN F 520 -15.47 14.66 46.07
CA GLN F 520 -14.74 13.88 47.06
C GLN F 520 -13.48 14.60 47.50
N ASN F 521 -12.70 15.09 46.53
CA ASN F 521 -11.44 15.74 46.85
C ASN F 521 -11.65 17.01 47.67
N VAL F 522 -12.61 17.84 47.25
CA VAL F 522 -12.82 19.11 47.96
C VAL F 522 -13.35 18.85 49.37
N VAL F 523 -14.25 17.87 49.52
CA VAL F 523 -14.79 17.58 50.85
C VAL F 523 -13.69 17.06 51.76
N ASP F 524 -12.87 16.13 51.26
CA ASP F 524 -11.81 15.55 52.08
C ASP F 524 -10.77 16.61 52.46
N ARG F 525 -10.40 17.48 51.52
CA ARG F 525 -9.43 18.50 51.84
C ARG F 525 -9.99 19.54 52.80
N ALA F 526 -11.28 19.87 52.67
CA ALA F 526 -11.91 20.74 53.65
C ALA F 526 -11.90 20.11 55.03
N LYS F 527 -12.18 18.81 55.11
CA LYS F 527 -12.15 18.13 56.40
C LYS F 527 -10.75 18.15 57.01
N LYS F 528 -9.73 17.85 56.21
CA LYS F 528 -8.37 17.78 56.76
C LYS F 528 -7.84 19.17 57.12
N ASN F 529 -8.21 20.19 56.34
CA ASN F 529 -7.81 21.54 56.70
C ASN F 529 -8.58 22.06 57.91
N ALA F 530 -9.83 21.62 58.09
CA ALA F 530 -10.55 21.92 59.33
C ALA F 530 -9.87 21.26 60.52
N ILE F 531 -9.42 20.02 60.35
CA ILE F 531 -8.69 19.34 61.43
C ILE F 531 -7.41 20.10 61.76
N LYS F 532 -6.68 20.54 60.74
CA LYS F 532 -5.46 21.31 60.95
C LYS F 532 -5.76 22.61 61.69
N SER F 533 -6.81 23.32 61.28
CA SER F 533 -7.15 24.59 61.91
C SER F 533 -7.55 24.40 63.36
N VAL F 534 -8.37 23.38 63.65
CA VAL F 534 -8.80 23.16 65.02
C VAL F 534 -7.68 22.60 65.89
N LEU F 535 -6.67 21.99 65.28
CA LEU F 535 -5.49 21.59 66.06
C LEU F 535 -4.59 22.78 66.35
N GLU F 536 -4.47 23.71 65.40
CA GLU F 536 -3.67 24.91 65.59
C GLU F 536 -4.37 25.97 66.43
N THR F 537 -5.68 25.85 66.64
CA THR F 537 -6.42 26.80 67.46
C THR F 537 -6.94 26.17 68.76
N GLY F 538 -7.65 25.06 68.67
CA GLY F 538 -8.13 24.38 69.86
C GLY F 538 -9.61 24.04 69.83
N GLN F 539 -10.42 24.90 69.26
CA GLN F 539 -11.86 24.66 69.20
C GLN F 539 -12.17 23.75 68.01
N PRO F 540 -12.70 22.55 68.25
CA PRO F 540 -12.93 21.61 67.15
C PRO F 540 -14.20 21.90 66.38
N GLY F 541 -14.30 21.27 65.19
CA GLY F 541 -15.47 21.35 64.36
C GLY F 541 -15.10 21.64 62.92
N LEU F 542 -16.07 22.15 62.18
CA LEU F 542 -15.90 22.50 60.77
C LEU F 542 -16.45 23.89 60.53
N ARG F 543 -15.76 24.64 59.66
CA ARG F 543 -16.14 26.01 59.34
C ARG F 543 -16.36 26.15 57.84
N ILE F 544 -17.25 27.08 57.48
CA ILE F 544 -17.68 27.20 56.09
C ILE F 544 -16.54 27.64 55.18
N GLN F 545 -15.71 28.58 55.62
CA GLN F 545 -14.66 29.09 54.75
C GLN F 545 -13.62 28.03 54.43
N HIS F 546 -13.53 26.96 55.22
CA HIS F 546 -12.56 25.91 54.97
C HIS F 546 -12.80 25.26 53.60
N LEU F 547 -14.06 24.93 53.30
CA LEU F 547 -14.38 24.34 52.01
C LEU F 547 -14.39 25.40 50.91
N LEU F 548 -14.75 26.64 51.24
CA LEU F 548 -14.63 27.72 50.28
C LEU F 548 -13.18 27.88 49.82
N ASP F 549 -12.25 27.84 50.77
CA ASP F 549 -10.84 27.76 50.42
C ASP F 549 -10.53 26.45 49.71
N SER F 550 -11.19 25.36 50.13
CA SER F 550 -11.00 24.09 49.45
C SER F 550 -11.58 24.12 48.04
N ILE F 551 -12.60 24.95 47.82
CA ILE F 551 -13.22 25.04 46.50
C ILE F 551 -12.23 25.61 45.49
N VAL F 552 -11.59 26.73 45.84
CA VAL F 552 -10.77 27.46 44.86
C VAL F 552 -9.51 26.69 44.52
N ASP F 553 -8.83 26.12 45.52
CA ASP F 553 -7.54 25.48 45.28
C ASP F 553 -7.67 24.23 44.43
N GLU F 554 -8.65 23.38 44.74
CA GLU F 554 -8.87 22.18 43.93
C GLU F 554 -9.28 22.55 42.52
N PHE F 555 -10.16 23.54 42.38
CA PHE F 555 -10.51 24.06 41.07
C PHE F 555 -9.30 24.67 40.38
N ALA F 556 -8.45 25.37 41.13
CA ALA F 556 -7.19 25.85 40.58
C ALA F 556 -6.30 24.67 40.17
N GLU F 557 -6.25 23.63 40.99
CA GLU F 557 -5.46 22.45 40.68
C GLU F 557 -6.08 21.68 39.50
N GLU F 579 -20.61 25.98 16.44
CA GLU F 579 -19.47 26.33 15.61
C GLU F 579 -18.17 25.80 16.20
N ARG F 580 -17.09 25.90 15.44
CA ARG F 580 -15.80 25.40 15.88
C ARG F 580 -15.15 26.39 16.85
N ILE F 581 -14.09 25.95 17.53
CA ILE F 581 -13.38 26.75 18.52
C ILE F 581 -11.98 27.02 17.99
N VAL F 582 -11.58 28.28 17.97
CA VAL F 582 -10.27 28.69 17.47
C VAL F 582 -9.24 28.77 18.58
N TYR F 583 -9.63 29.24 19.77
CA TYR F 583 -8.68 29.41 20.87
C TYR F 583 -9.39 29.11 22.18
N ILE F 584 -8.66 28.52 23.11
CA ILE F 584 -9.16 28.20 24.44
C ILE F 584 -8.13 28.62 25.48
N ARG F 585 -8.63 29.02 26.66
CA ARG F 585 -7.77 29.41 27.76
C ARG F 585 -8.51 29.19 29.07
N THR F 586 -7.75 29.06 30.15
CA THR F 586 -8.29 28.79 31.47
C THR F 586 -8.16 30.03 32.35
N LEU F 587 -9.20 30.29 33.14
CA LEU F 587 -9.24 31.45 34.01
C LEU F 587 -10.35 31.33 35.04
#